data_2IOP
#
_entry.id   2IOP
#
_cell.length_a   78.618
_cell.length_b   145.060
_cell.length_c   165.352
_cell.angle_alpha   90.00
_cell.angle_beta   92.43
_cell.angle_gamma   90.00
#
_symmetry.space_group_name_H-M   'P 1 21 1'
#
loop_
_entity.id
_entity.type
_entity.pdbx_description
1 polymer 'Chaperone protein htpG'
2 non-polymer "ADENOSINE-5'-DIPHOSPHATE"
#
_entity_poly.entity_id   1
_entity_poly.type   'polypeptide(L)'
_entity_poly.pdbx_seq_one_letter_code
;MKGQETRGFQSEVKQLLHLMIHSLYSNKEIFLRELISNASDAADKLRFRALSNPDLYEGDGELRVRVSFDKDKRTLTISD
NGVGMTRDEVIDHLGTIAKSGTKSFLESLGSDQAKDSQLIGQFGVGFYSAFIVADKVTVRTRAAGEKPENGVFWESAGEG
EYTVADITKEDRGTEITLHLREGEDEFLDDWRVRSIISKYSDHIALPVEIEKREEKDGETVISWEKINKAQALWTRNKSE
ITDEEYKEFYKHIAHDFNDPLTWSHNRVEGKQEYTSLLYIPSQAPWDMWNRDHKHGLKLYVQRVFIMDDAEQFMPNYLRF
VRGLIDSSDLPLNVSREILQDSTVTRNLRNALTKRVLQMLEKLAKDDAEKYQTFWQQFGLVLKEGPAEDFANQEAIAKLL
RFASTHTDSSAQTVSLEDYVSRMKEGQEKIYYITADSYAAAKSSPHLELLRKKGIEVLLLSDRIDEWMMNYLTEFDGKPF
QSVSKVDESLEKLADEVDESAKEAEKALTPFIDRVKALLGERVKDVRLTHRLTDTPAIVSTDADEMSTQMAKLFAAAGQK
VPEVKYIFELNPDHVLVKRAADTEDEAKFSEWVELLLDQALLAERGTLEDPNLFIRRMNQLLVS
;
_entity_poly.pdbx_strand_id   A,B,C,D
#
loop_
_chem_comp.id
_chem_comp.type
_chem_comp.name
_chem_comp.formula
ADP non-polymer ADENOSINE-5'-DIPHOSPHATE 'C10 H15 N5 O10 P2'
#
# COMPACT_ATOMS: atom_id res chain seq x y z
N MET A 1 47.39 -8.73 -10.34
CA MET A 1 46.98 -9.95 -11.08
C MET A 1 47.47 -11.21 -10.39
N LYS A 2 47.11 -11.37 -9.12
CA LYS A 2 47.57 -12.50 -8.32
C LYS A 2 46.50 -13.59 -8.28
N GLY A 3 46.91 -14.83 -8.52
CA GLY A 3 45.98 -15.95 -8.45
C GLY A 3 45.16 -16.09 -9.71
N GLN A 4 45.77 -15.78 -10.85
CA GLN A 4 45.04 -15.71 -12.11
C GLN A 4 44.39 -17.05 -12.44
N GLU A 5 43.35 -17.02 -13.26
CA GLU A 5 42.61 -18.23 -13.59
C GLU A 5 41.67 -18.00 -14.77
N THR A 6 41.75 -18.86 -15.77
CA THR A 6 40.83 -18.82 -16.90
C THR A 6 39.85 -19.98 -16.83
N ARG A 7 38.57 -19.65 -16.61
CA ARG A 7 37.52 -20.65 -16.66
C ARG A 7 36.68 -20.50 -17.92
N GLY A 8 36.18 -21.63 -18.43
CA GLY A 8 35.25 -21.59 -19.54
C GLY A 8 34.43 -22.86 -19.67
N PHE A 9 33.13 -22.72 -19.92
CA PHE A 9 32.27 -23.87 -20.17
C PHE A 9 31.61 -23.73 -21.52
N GLN A 10 31.74 -24.77 -22.34
CA GLN A 10 32.09 -24.59 -23.74
C GLN A 10 30.95 -24.38 -24.74
N SER A 11 30.30 -25.46 -25.16
CA SER A 11 30.36 -25.71 -26.61
C SER A 11 29.66 -24.66 -27.49
N GLU A 12 28.50 -25.06 -28.00
CA GLU A 12 27.63 -24.12 -28.64
C GLU A 12 27.19 -23.12 -27.60
N VAL A 13 27.89 -23.06 -26.46
CA VAL A 13 27.77 -21.92 -25.58
C VAL A 13 28.49 -20.76 -26.23
N LYS A 14 29.75 -20.99 -26.60
CA LYS A 14 30.46 -20.05 -27.44
C LYS A 14 29.51 -19.57 -28.51
N GLN A 15 28.77 -20.51 -29.09
CA GLN A 15 27.79 -20.09 -30.10
C GLN A 15 26.54 -19.39 -29.55
N LEU A 16 25.96 -19.97 -28.49
CA LEU A 16 24.70 -19.47 -27.93
C LEU A 16 24.76 -17.99 -27.59
N LEU A 17 25.94 -17.52 -27.20
CA LEU A 17 26.08 -16.12 -26.81
C LEU A 17 26.12 -15.23 -28.04
N HIS A 18 26.88 -15.65 -29.04
CA HIS A 18 26.85 -14.99 -30.35
C HIS A 18 25.45 -15.13 -30.95
N LEU A 19 24.54 -15.71 -30.17
CA LEU A 19 23.12 -15.71 -30.54
C LEU A 19 22.32 -14.62 -29.81
N MET A 20 22.18 -14.75 -28.50
CA MET A 20 21.33 -13.85 -27.73
C MET A 20 21.80 -12.39 -27.75
N ILE A 21 23.05 -12.20 -27.35
CA ILE A 21 23.65 -10.87 -27.33
C ILE A 21 23.44 -10.23 -28.68
N HIS A 22 23.47 -11.04 -29.73
CA HIS A 22 23.32 -10.57 -31.10
C HIS A 22 21.84 -10.35 -31.43
N SER A 23 20.97 -10.98 -30.67
CA SER A 23 19.54 -10.73 -30.78
C SER A 23 19.26 -9.27 -30.47
N LEU A 24 20.00 -8.71 -29.51
CA LEU A 24 19.79 -7.30 -29.14
C LEU A 24 20.33 -6.29 -30.15
N TYR A 25 20.81 -6.80 -31.28
CA TYR A 25 21.56 -5.99 -32.24
C TYR A 25 20.81 -4.75 -32.71
N SER A 26 19.48 -4.84 -32.75
CA SER A 26 18.67 -3.71 -33.18
C SER A 26 18.87 -2.50 -32.27
N ASN A 27 18.72 -2.72 -30.96
CA ASN A 27 18.88 -1.64 -29.99
C ASN A 27 20.06 -1.86 -29.05
N LYS A 28 21.23 -2.03 -29.65
CA LYS A 28 22.51 -1.98 -28.95
C LYS A 28 22.57 -0.99 -27.78
N GLU A 29 22.11 0.24 -27.99
CA GLU A 29 22.21 1.28 -26.96
C GLU A 29 21.73 0.78 -25.59
N ILE A 30 20.91 -0.27 -25.59
CA ILE A 30 20.43 -0.88 -24.36
C ILE A 30 21.52 -1.08 -23.32
N PHE A 31 22.69 -1.51 -23.77
CA PHE A 31 23.75 -1.93 -22.85
C PHE A 31 24.02 -0.84 -21.80
N LEU A 32 23.66 0.40 -22.13
CA LEU A 32 23.77 1.48 -21.17
C LEU A 32 22.71 1.36 -20.08
N ARG A 33 21.44 1.40 -20.48
CA ARG A 33 20.34 1.22 -19.54
C ARG A 33 20.68 0.10 -18.58
N GLU A 34 21.20 -1.00 -19.11
CA GLU A 34 21.48 -2.19 -18.30
C GLU A 34 22.60 -1.94 -17.29
N LEU A 35 23.73 -1.42 -17.77
CA LEU A 35 24.86 -1.19 -16.88
C LEU A 35 24.57 -0.10 -15.85
N ILE A 36 24.02 1.02 -16.31
CA ILE A 36 23.65 2.12 -15.42
C ILE A 36 22.73 1.61 -14.31
N SER A 37 21.74 0.82 -14.67
CA SER A 37 20.85 0.21 -13.69
C SER A 37 21.66 -0.55 -12.64
N ASN A 38 22.44 -1.52 -13.09
CA ASN A 38 23.24 -2.33 -12.18
C ASN A 38 23.99 -1.46 -11.18
N ALA A 39 24.42 -0.29 -11.62
CA ALA A 39 25.17 0.62 -10.75
C ALA A 39 24.24 1.22 -9.70
N SER A 40 23.00 1.52 -10.12
CA SER A 40 21.96 1.92 -9.18
C SER A 40 21.78 0.88 -8.08
N ASP A 41 21.26 -0.28 -8.45
CA ASP A 41 21.04 -1.36 -7.49
C ASP A 41 22.25 -1.51 -6.58
N ALA A 42 23.45 -1.33 -7.15
CA ALA A 42 24.67 -1.36 -6.36
C ALA A 42 24.55 -0.39 -5.19
N ALA A 43 24.47 0.90 -5.50
CA ALA A 43 24.40 1.93 -4.47
C ALA A 43 23.30 1.61 -3.46
N ASP A 44 22.05 1.57 -3.92
CA ASP A 44 20.91 1.42 -3.04
C ASP A 44 21.08 0.22 -2.13
N LYS A 45 21.67 -0.85 -2.65
CA LYS A 45 21.97 -2.03 -1.86
C LYS A 45 22.91 -1.64 -0.73
N LEU A 46 24.00 -0.94 -1.07
CA LEU A 46 24.94 -0.47 -0.08
C LEU A 46 24.29 0.47 0.92
N ARG A 47 23.52 1.44 0.41
CA ARG A 47 22.74 2.32 1.26
C ARG A 47 22.03 1.51 2.34
N PHE A 48 21.34 0.45 1.90
CA PHE A 48 20.50 -0.34 2.81
C PHE A 48 21.36 -1.07 3.84
N ARG A 49 22.50 -1.59 3.40
CA ARG A 49 23.39 -2.33 4.28
C ARG A 49 24.04 -1.37 5.28
N ALA A 50 23.91 -0.07 5.01
CA ALA A 50 24.52 0.94 5.86
C ALA A 50 23.51 1.58 6.80
N LEU A 51 22.24 1.23 6.63
CA LEU A 51 21.25 1.48 7.69
C LEU A 51 21.73 0.83 8.98
N SER A 52 22.50 -0.24 8.83
CA SER A 52 23.10 -0.92 9.97
C SER A 52 24.56 -0.51 10.14
N ASN A 53 25.46 -1.48 10.00
CA ASN A 53 26.86 -1.29 10.33
C ASN A 53 27.44 -0.02 9.69
N PRO A 54 27.42 1.09 10.45
CA PRO A 54 27.53 2.44 9.89
C PRO A 54 28.80 2.67 9.07
N ASP A 55 29.87 1.99 9.44
CA ASP A 55 31.18 2.22 8.84
C ASP A 55 31.30 1.62 7.44
N LEU A 56 30.21 1.10 6.91
CA LEU A 56 30.22 0.53 5.56
C LEU A 56 30.54 1.57 4.49
N TYR A 57 30.39 2.85 4.83
CA TYR A 57 30.67 3.93 3.89
C TYR A 57 32.15 4.24 3.77
N GLU A 58 32.94 3.74 4.73
CA GLU A 58 34.36 4.03 4.76
C GLU A 58 34.60 5.54 4.74
N GLY A 59 33.59 6.30 5.18
CA GLY A 59 33.67 7.74 5.11
C GLY A 59 32.90 8.31 3.93
N ASP A 60 33.26 7.89 2.73
CA ASP A 60 32.90 8.61 1.51
C ASP A 60 31.39 8.53 1.29
N GLY A 61 30.73 9.69 1.32
CA GLY A 61 29.28 9.72 1.31
C GLY A 61 28.66 9.61 -0.07
N GLU A 62 29.08 10.49 -0.98
CA GLU A 62 28.40 10.65 -2.26
C GLU A 62 28.47 9.40 -3.11
N LEU A 63 27.30 8.84 -3.42
CA LEU A 63 27.22 7.65 -4.27
C LEU A 63 26.87 8.05 -5.70
N ARG A 64 27.73 7.68 -6.64
CA ARG A 64 27.57 8.13 -8.02
C ARG A 64 28.16 7.12 -9.01
N VAL A 65 27.59 7.09 -10.21
CA VAL A 65 28.14 6.28 -11.29
C VAL A 65 28.69 7.19 -12.38
N ARG A 66 29.94 6.96 -12.76
CA ARG A 66 30.64 7.87 -13.66
C ARG A 66 30.97 7.22 -15.00
N VAL A 67 30.52 7.86 -16.08
CA VAL A 67 30.85 7.40 -17.41
C VAL A 67 32.01 8.22 -17.98
N SER A 68 33.12 7.55 -18.25
CA SER A 68 34.29 8.19 -18.84
C SER A 68 34.67 7.45 -20.12
N PHE A 69 35.64 7.99 -20.84
CA PHE A 69 35.96 7.48 -22.18
C PHE A 69 37.46 7.33 -22.37
N ASP A 70 37.83 6.88 -23.57
CA ASP A 70 39.18 7.09 -24.08
C ASP A 70 39.14 6.96 -25.60
N LYS A 71 39.14 8.10 -26.27
CA LYS A 71 39.12 8.15 -27.73
C LYS A 71 40.45 7.65 -28.29
N ASP A 72 41.40 7.41 -27.39
CA ASP A 72 42.64 6.73 -27.77
C ASP A 72 42.40 5.23 -27.86
N LYS A 73 42.57 4.54 -26.74
CA LYS A 73 42.45 3.08 -26.71
C LYS A 73 41.00 2.65 -26.99
N ARG A 74 40.14 3.62 -27.26
CA ARG A 74 38.74 3.34 -27.60
C ARG A 74 38.04 2.53 -26.52
N THR A 75 38.08 3.04 -25.30
CA THR A 75 37.37 2.43 -24.19
C THR A 75 36.19 3.29 -23.73
N LEU A 76 35.13 2.63 -23.28
CA LEU A 76 34.06 3.30 -22.56
C LEU A 76 33.98 2.71 -21.15
N THR A 77 34.33 3.52 -20.16
CA THR A 77 34.46 3.01 -18.79
C THR A 77 33.35 3.53 -17.88
N ILE A 78 32.43 2.65 -17.53
CA ILE A 78 31.41 2.95 -16.52
C ILE A 78 31.88 2.45 -15.16
N SER A 79 31.82 3.32 -14.16
CA SER A 79 32.27 2.96 -12.82
C SER A 79 31.36 3.54 -11.74
N ASP A 80 31.14 2.76 -10.68
CA ASP A 80 30.34 3.21 -9.56
C ASP A 80 31.05 2.95 -8.24
N ASN A 81 30.78 3.79 -7.25
CA ASN A 81 31.19 3.52 -5.88
C ASN A 81 30.06 2.82 -5.13
N GLY A 82 29.39 1.90 -5.82
CA GLY A 82 28.35 1.12 -5.18
C GLY A 82 28.88 0.12 -4.17
N VAL A 83 28.14 -0.96 -3.97
CA VAL A 83 28.51 -1.97 -2.97
C VAL A 83 29.51 -2.96 -3.53
N GLY A 84 29.51 -3.15 -4.84
CA GLY A 84 30.52 -3.97 -5.48
C GLY A 84 30.37 -5.45 -5.16
N MET A 85 31.07 -6.29 -5.92
CA MET A 85 30.95 -7.73 -5.77
C MET A 85 32.17 -8.30 -5.03
N THR A 86 31.99 -9.47 -4.42
CA THR A 86 33.12 -10.26 -3.95
C THR A 86 33.53 -11.20 -5.08
N ARG A 87 34.46 -12.11 -4.80
CA ARG A 87 34.98 -13.00 -5.82
C ARG A 87 33.93 -14.03 -6.23
N ASP A 88 33.33 -14.69 -5.25
CA ASP A 88 32.28 -15.66 -5.50
C ASP A 88 31.14 -15.03 -6.28
N GLU A 89 30.67 -13.89 -5.80
CA GLU A 89 29.62 -13.13 -6.48
C GLU A 89 29.97 -12.99 -7.95
N VAL A 90 31.14 -12.42 -8.23
CA VAL A 90 31.62 -12.27 -9.60
C VAL A 90 31.41 -13.54 -10.40
N ILE A 91 32.04 -14.63 -9.96
CA ILE A 91 32.06 -15.86 -10.74
C ILE A 91 30.67 -16.46 -10.89
N ASP A 92 29.75 -16.06 -10.01
CA ASP A 92 28.41 -16.62 -10.00
C ASP A 92 27.41 -15.78 -10.80
N HIS A 93 27.77 -14.53 -11.09
CA HIS A 93 26.91 -13.64 -11.85
C HIS A 93 27.52 -13.34 -13.22
N LEU A 94 28.53 -12.48 -13.20
CA LEU A 94 29.36 -12.22 -14.37
C LEU A 94 29.83 -13.55 -14.93
N GLY A 95 30.06 -14.50 -14.05
CA GLY A 95 30.59 -15.79 -14.46
C GLY A 95 29.65 -16.49 -15.44
N THR A 96 28.36 -16.46 -15.14
CA THR A 96 27.38 -17.11 -15.99
C THR A 96 26.81 -16.17 -17.05
N ILE A 97 25.72 -15.47 -16.71
CA ILE A 97 25.04 -14.64 -17.71
C ILE A 97 23.77 -13.91 -17.27
N ALA A 98 22.62 -14.59 -17.36
CA ALA A 98 21.32 -13.94 -17.31
C ALA A 98 20.15 -14.94 -17.32
N LYS A 99 19.65 -15.25 -16.12
CA LYS A 99 18.63 -16.27 -15.94
C LYS A 99 17.32 -15.90 -16.64
N SER A 100 16.88 -14.66 -16.44
CA SER A 100 15.64 -14.19 -17.05
C SER A 100 15.81 -14.10 -18.57
N GLY A 101 16.99 -13.64 -18.98
CA GLY A 101 17.33 -13.67 -20.39
C GLY A 101 17.06 -15.03 -21.01
N THR A 102 17.95 -15.98 -20.76
CA THR A 102 17.83 -17.29 -21.39
C THR A 102 16.39 -17.80 -21.27
N LYS A 103 15.81 -17.62 -20.08
CA LYS A 103 14.52 -18.21 -19.76
C LYS A 103 13.44 -17.76 -20.75
N SER A 104 13.18 -16.46 -20.80
CA SER A 104 12.14 -15.94 -21.67
C SER A 104 12.52 -16.12 -23.14
N PHE A 105 13.81 -16.25 -23.40
CA PHE A 105 14.27 -16.58 -24.75
C PHE A 105 13.87 -18.00 -25.12
N LEU A 106 14.15 -18.94 -24.22
CA LEU A 106 13.87 -20.35 -24.47
C LEU A 106 12.38 -20.59 -24.72
N GLU A 107 11.54 -20.14 -23.79
CA GLU A 107 10.12 -20.38 -23.90
C GLU A 107 9.53 -19.57 -25.05
N SER A 108 10.29 -18.59 -25.52
CA SER A 108 9.94 -17.87 -26.74
C SER A 108 10.17 -18.73 -27.98
N LEU A 109 11.15 -19.61 -27.91
CA LEU A 109 11.68 -20.28 -29.10
C LEU A 109 10.63 -21.03 -29.90
N GLY A 110 10.65 -20.84 -31.21
CA GLY A 110 9.84 -21.66 -32.10
C GLY A 110 8.45 -21.10 -32.34
N SER A 111 8.15 -19.95 -31.76
CA SER A 111 6.87 -19.30 -31.97
C SER A 111 6.97 -18.20 -33.03
N ASP A 112 5.87 -17.95 -33.74
CA ASP A 112 5.87 -17.04 -34.87
C ASP A 112 6.62 -15.75 -34.53
N GLN A 113 6.26 -15.17 -33.39
CA GLN A 113 7.00 -14.05 -32.82
C GLN A 113 8.51 -14.31 -32.94
N ALA A 114 8.98 -15.36 -32.28
CA ALA A 114 10.40 -15.63 -32.21
C ALA A 114 11.01 -15.59 -33.61
N LYS A 115 10.51 -16.45 -34.49
CA LYS A 115 11.01 -16.55 -35.85
C LYS A 115 11.19 -15.17 -36.50
N ASP A 116 10.11 -14.55 -36.94
CA ASP A 116 10.22 -13.52 -37.96
C ASP A 116 10.68 -12.14 -37.48
N SER A 117 11.48 -11.48 -38.31
CA SER A 117 11.72 -10.04 -38.20
C SER A 117 12.56 -9.61 -37.01
N GLN A 118 12.46 -8.33 -36.66
CA GLN A 118 13.22 -7.77 -35.56
C GLN A 118 12.49 -7.91 -34.22
N LEU A 119 11.63 -8.92 -34.14
CA LEU A 119 11.01 -9.26 -32.86
C LEU A 119 12.08 -9.78 -31.93
N ILE A 120 13.24 -10.11 -32.50
CA ILE A 120 14.39 -10.54 -31.72
C ILE A 120 14.76 -9.46 -30.73
N GLY A 121 14.26 -8.25 -30.96
CA GLY A 121 14.32 -7.22 -29.93
C GLY A 121 13.24 -7.47 -28.90
N GLN A 122 13.28 -8.66 -28.29
CA GLN A 122 12.31 -9.02 -27.26
C GLN A 122 12.92 -9.78 -26.09
N PHE A 123 14.12 -10.32 -26.28
CA PHE A 123 14.62 -11.39 -25.42
C PHE A 123 15.75 -10.91 -24.51
N GLY A 124 15.37 -10.19 -23.46
CA GLY A 124 16.29 -9.25 -22.83
C GLY A 124 17.48 -9.83 -22.08
N VAL A 125 18.63 -9.83 -22.73
CA VAL A 125 19.87 -10.22 -22.08
C VAL A 125 20.26 -9.17 -21.04
N GLY A 126 21.22 -9.50 -20.20
CA GLY A 126 21.54 -8.63 -19.08
C GLY A 126 22.89 -7.96 -19.19
N PHE A 127 23.71 -8.14 -18.15
CA PHE A 127 25.07 -7.61 -18.13
C PHE A 127 25.81 -7.89 -19.43
N TYR A 128 25.68 -9.11 -19.93
CA TYR A 128 26.37 -9.51 -21.15
C TYR A 128 25.95 -8.70 -22.37
N SER A 129 24.93 -7.87 -22.20
CA SER A 129 24.55 -6.92 -23.24
C SER A 129 25.80 -6.18 -23.69
N ALA A 130 26.71 -5.95 -22.76
CA ALA A 130 27.91 -5.16 -23.03
C ALA A 130 28.62 -5.66 -24.29
N PHE A 131 28.64 -6.97 -24.48
CA PHE A 131 29.39 -7.57 -25.58
C PHE A 131 28.74 -7.32 -26.93
N ILE A 132 27.64 -6.58 -26.94
CA ILE A 132 26.95 -6.25 -28.18
C ILE A 132 27.68 -5.10 -28.87
N VAL A 133 28.44 -4.34 -28.09
CA VAL A 133 29.25 -3.25 -28.61
C VAL A 133 30.70 -3.37 -28.17
N ALA A 134 30.96 -4.29 -27.26
CA ALA A 134 32.33 -4.56 -26.81
C ALA A 134 32.82 -5.88 -27.37
N ASP A 135 34.13 -6.04 -27.48
CA ASP A 135 34.71 -7.35 -27.74
C ASP A 135 35.70 -7.73 -26.65
N LYS A 136 35.80 -6.89 -25.63
CA LYS A 136 36.51 -7.23 -24.41
C LYS A 136 35.98 -6.44 -23.23
N VAL A 137 35.34 -7.13 -22.29
CA VAL A 137 34.82 -6.49 -21.09
C VAL A 137 35.71 -6.80 -19.89
N THR A 138 36.17 -5.75 -19.21
CA THR A 138 37.18 -5.89 -18.18
C THR A 138 36.68 -5.30 -16.85
N VAL A 139 36.33 -6.18 -15.91
CA VAL A 139 35.78 -5.75 -14.64
C VAL A 139 36.83 -5.74 -13.53
N ARG A 140 36.98 -4.58 -12.89
CA ARG A 140 37.72 -4.50 -11.63
C ARG A 140 36.73 -4.09 -10.56
N THR A 141 36.73 -4.79 -9.42
CA THR A 141 35.76 -4.48 -8.38
C THR A 141 36.17 -4.99 -7.00
N ARG A 142 35.67 -4.31 -5.97
CA ARG A 142 35.83 -4.75 -4.59
C ARG A 142 34.63 -4.31 -3.76
N ALA A 143 34.21 -5.20 -2.86
CA ALA A 143 32.93 -5.05 -2.17
C ALA A 143 33.07 -4.48 -0.76
N ALA A 144 32.14 -3.58 -0.41
CA ALA A 144 32.23 -2.82 0.83
C ALA A 144 32.58 -3.72 2.00
N GLY A 145 33.44 -3.22 2.88
CA GLY A 145 33.81 -3.98 4.06
C GLY A 145 35.08 -4.78 3.86
N GLU A 146 35.17 -5.50 2.75
CA GLU A 146 36.32 -6.36 2.50
C GLU A 146 37.59 -5.53 2.38
N LYS A 147 38.67 -6.04 2.96
CA LYS A 147 39.98 -5.37 2.85
C LYS A 147 40.31 -5.16 1.38
N PRO A 148 40.93 -4.01 1.06
CA PRO A 148 41.09 -3.54 -0.32
C PRO A 148 41.81 -4.55 -1.23
N GLU A 149 42.43 -5.56 -0.62
CA GLU A 149 43.22 -6.53 -1.35
C GLU A 149 42.34 -7.63 -1.93
N ASN A 150 41.10 -7.70 -1.45
CA ASN A 150 40.15 -8.71 -1.89
C ASN A 150 39.40 -8.26 -3.14
N GLY A 151 40.03 -7.40 -3.93
CA GLY A 151 39.46 -7.01 -5.20
C GLY A 151 39.32 -8.19 -6.15
N VAL A 152 38.58 -8.02 -7.22
CA VAL A 152 38.40 -9.09 -8.21
C VAL A 152 38.55 -8.58 -9.63
N PHE A 153 39.25 -9.36 -10.46
CA PHE A 153 39.44 -9.05 -11.87
C PHE A 153 38.59 -9.99 -12.71
N TRP A 154 37.96 -9.44 -13.75
CA TRP A 154 37.15 -10.25 -14.65
C TRP A 154 37.23 -9.72 -16.09
N GLU A 155 38.09 -10.34 -16.89
CA GLU A 155 38.12 -10.07 -18.32
C GLU A 155 37.38 -11.17 -19.09
N SER A 156 36.80 -10.81 -20.22
CA SER A 156 36.14 -11.80 -21.07
C SER A 156 35.99 -11.30 -22.51
N ALA A 157 35.99 -12.24 -23.44
CA ALA A 157 35.81 -11.93 -24.85
C ALA A 157 34.34 -12.03 -25.24
N GLY A 158 33.51 -12.48 -24.29
CA GLY A 158 32.11 -12.69 -24.58
C GLY A 158 31.87 -13.97 -25.34
N GLU A 159 32.84 -14.88 -25.29
CA GLU A 159 32.63 -16.25 -25.67
C GLU A 159 32.29 -17.08 -24.43
N GLY A 160 32.67 -18.34 -24.42
CA GLY A 160 32.30 -19.22 -23.33
C GLY A 160 33.27 -19.19 -22.17
N GLU A 161 34.29 -18.33 -22.26
CA GLU A 161 35.40 -18.36 -21.31
C GLU A 161 35.70 -16.97 -20.75
N TYR A 162 35.79 -16.88 -19.42
CA TYR A 162 36.19 -15.65 -18.76
C TYR A 162 37.40 -15.88 -17.86
N THR A 163 38.13 -14.81 -17.57
CA THR A 163 39.26 -14.89 -16.65
C THR A 163 38.96 -14.14 -15.36
N VAL A 164 39.25 -14.78 -14.23
CA VAL A 164 39.04 -14.16 -12.92
C VAL A 164 40.33 -14.21 -12.10
N ALA A 165 40.60 -13.12 -11.38
CA ALA A 165 41.86 -12.99 -10.66
C ALA A 165 41.74 -12.03 -9.48
N ASP A 166 42.44 -12.34 -8.40
CA ASP A 166 42.47 -11.45 -7.24
C ASP A 166 43.39 -10.26 -7.48
N ILE A 167 42.80 -9.07 -7.45
CA ILE A 167 43.56 -7.83 -7.55
C ILE A 167 43.32 -6.97 -6.32
N THR A 168 43.76 -5.72 -6.37
CA THR A 168 43.55 -4.79 -5.27
C THR A 168 43.14 -3.41 -5.79
N LYS A 169 42.23 -2.76 -5.07
CA LYS A 169 41.89 -1.37 -5.37
C LYS A 169 41.40 -0.65 -4.13
N GLU A 170 42.12 0.39 -3.74
CA GLU A 170 41.87 1.09 -2.47
C GLU A 170 40.71 2.06 -2.58
N ASP A 171 39.63 1.62 -3.19
CA ASP A 171 38.51 2.50 -3.50
C ASP A 171 37.29 1.70 -3.96
N ARG A 172 36.31 1.58 -3.07
CA ARG A 172 35.23 0.61 -3.23
C ARG A 172 34.47 0.77 -4.54
N GLY A 173 33.91 -0.32 -5.04
CA GLY A 173 32.96 -0.22 -6.14
C GLY A 173 33.27 -1.10 -7.33
N THR A 174 32.68 -0.77 -8.47
CA THR A 174 32.74 -1.59 -9.66
C THR A 174 33.19 -0.79 -10.88
N GLU A 175 34.29 -1.23 -11.50
CA GLU A 175 34.81 -0.56 -12.68
C GLU A 175 34.62 -1.44 -13.92
N ILE A 176 33.62 -1.10 -14.73
CA ILE A 176 33.35 -1.82 -15.96
C ILE A 176 34.01 -1.13 -17.14
N THR A 177 35.05 -1.74 -17.69
CA THR A 177 35.77 -1.15 -18.81
C THR A 177 35.41 -1.90 -20.09
N LEU A 178 34.70 -1.22 -20.99
CA LEU A 178 34.37 -1.81 -22.28
C LEU A 178 35.39 -1.45 -23.36
N HIS A 179 35.91 -2.46 -24.04
CA HIS A 179 36.78 -2.26 -25.18
C HIS A 179 35.93 -2.29 -26.45
N LEU A 180 35.77 -1.13 -27.08
CA LEU A 180 34.77 -0.99 -28.14
C LEU A 180 35.14 -1.70 -29.43
N ARG A 181 34.13 -2.07 -30.20
CA ARG A 181 34.33 -2.76 -31.46
C ARG A 181 34.66 -1.78 -32.58
N GLU A 182 35.45 -2.24 -33.54
CA GLU A 182 35.52 -1.60 -34.84
C GLU A 182 34.12 -1.23 -35.29
N GLY A 183 33.95 0.00 -35.75
CA GLY A 183 32.66 0.45 -36.22
C GLY A 183 31.89 1.29 -35.22
N GLU A 184 31.86 0.84 -33.96
CA GLU A 184 30.93 1.42 -32.98
C GLU A 184 31.49 2.67 -32.32
N ASP A 185 32.32 3.41 -33.03
CA ASP A 185 32.87 4.66 -32.53
C ASP A 185 31.77 5.61 -32.05
N GLU A 186 30.52 5.25 -32.34
CA GLU A 186 29.38 6.08 -31.97
C GLU A 186 29.30 6.27 -30.46
N PHE A 187 29.88 5.34 -29.71
CA PHE A 187 29.78 5.38 -28.25
C PHE A 187 31.01 5.96 -27.58
N LEU A 188 31.73 6.82 -28.30
CA LEU A 188 32.78 7.64 -27.70
C LEU A 188 32.32 9.09 -27.67
N ASP A 189 31.22 9.36 -28.37
CA ASP A 189 30.57 10.66 -28.31
C ASP A 189 29.90 10.87 -26.95
N ASP A 190 30.60 11.58 -26.06
CA ASP A 190 30.08 11.85 -24.73
C ASP A 190 28.68 12.45 -24.81
N TRP A 191 28.37 13.12 -25.91
CA TRP A 191 27.03 13.63 -26.13
C TRP A 191 26.01 12.50 -26.31
N ARG A 192 26.22 11.71 -27.36
CA ARG A 192 25.26 10.66 -27.70
C ARG A 192 24.98 9.81 -26.47
N VAL A 193 26.04 9.41 -25.78
CA VAL A 193 25.91 8.67 -24.53
C VAL A 193 25.02 9.45 -23.58
N ARG A 194 25.35 10.72 -23.34
CA ARG A 194 24.53 11.59 -22.51
C ARG A 194 23.05 11.50 -22.89
N SER A 195 22.76 11.82 -24.15
CA SER A 195 21.38 11.96 -24.60
C SER A 195 20.61 10.66 -24.45
N ILE A 196 21.27 9.54 -24.73
CA ILE A 196 20.72 8.24 -24.41
C ILE A 196 20.36 8.14 -22.93
N ILE A 197 21.36 8.30 -22.07
CA ILE A 197 21.21 8.04 -20.65
C ILE A 197 20.13 8.94 -20.03
N SER A 198 19.87 10.08 -20.66
CA SER A 198 18.96 11.07 -20.10
C SER A 198 17.53 10.53 -20.04
N LYS A 199 17.16 9.72 -21.03
CA LYS A 199 15.84 9.13 -21.08
C LYS A 199 15.62 8.22 -19.88
N TYR A 200 16.69 7.60 -19.41
CA TYR A 200 16.61 6.63 -18.32
C TYR A 200 16.55 7.35 -16.98
N SER A 201 17.30 8.44 -16.85
CA SER A 201 17.67 8.99 -15.55
C SER A 201 16.47 9.44 -14.73
N ASP A 202 15.29 9.40 -15.33
CA ASP A 202 14.05 9.76 -14.62
C ASP A 202 13.38 8.55 -14.01
N HIS A 203 13.98 7.37 -14.17
CA HIS A 203 13.61 6.21 -13.39
C HIS A 203 14.79 5.71 -12.57
N ILE A 204 15.99 6.12 -12.94
CA ILE A 204 17.21 5.62 -12.32
C ILE A 204 17.29 6.12 -10.88
N ALA A 205 18.14 5.48 -10.09
CA ALA A 205 18.14 5.70 -8.64
C ALA A 205 19.34 6.51 -8.16
N LEU A 206 20.16 6.95 -9.10
CA LEU A 206 21.53 7.36 -8.79
C LEU A 206 21.96 8.59 -9.59
N PRO A 207 22.93 9.35 -9.07
CA PRO A 207 23.68 10.29 -9.90
C PRO A 207 24.48 9.57 -10.99
N VAL A 208 24.16 9.86 -12.24
CA VAL A 208 25.02 9.46 -13.35
C VAL A 208 25.84 10.67 -13.82
N GLU A 209 27.15 10.59 -13.63
CA GLU A 209 28.04 11.68 -14.01
C GLU A 209 28.81 11.36 -15.29
N ILE A 210 28.92 12.35 -16.16
CA ILE A 210 29.62 12.17 -17.43
C ILE A 210 30.87 13.04 -17.48
N GLU A 211 31.91 12.52 -18.12
CA GLU A 211 33.21 13.17 -18.16
C GLU A 211 33.22 14.28 -19.20
N LYS A 212 33.22 15.53 -18.74
CA LYS A 212 33.00 16.68 -19.61
C LYS A 212 34.20 17.62 -19.58
N ARG A 213 35.01 17.59 -20.62
CA ARG A 213 36.27 18.31 -20.63
C ARG A 213 36.25 19.47 -21.62
N GLU A 214 36.94 20.55 -21.29
CA GLU A 214 37.17 21.63 -22.24
C GLU A 214 38.51 22.30 -21.97
N GLU A 215 39.29 22.47 -23.03
CA GLU A 215 40.49 23.29 -22.97
C GLU A 215 40.08 24.75 -22.79
N LYS A 216 39.87 25.15 -21.53
CA LYS A 216 39.57 26.54 -21.22
C LYS A 216 40.56 27.08 -20.20
N ASP A 217 40.73 28.40 -20.19
CA ASP A 217 41.81 29.03 -19.43
C ASP A 217 43.15 28.44 -19.85
N GLY A 218 43.36 28.37 -21.16
CA GLY A 218 44.59 27.81 -21.69
C GLY A 218 44.74 26.33 -21.41
N GLU A 219 44.08 25.85 -20.36
CA GLU A 219 44.32 24.49 -19.87
C GLU A 219 43.11 23.60 -20.07
N THR A 220 43.37 22.31 -20.29
CA THR A 220 42.30 21.37 -20.57
C THR A 220 41.78 20.74 -19.28
N VAL A 221 40.60 21.19 -18.85
CA VAL A 221 40.02 20.68 -17.61
C VAL A 221 39.09 19.51 -17.87
N ILE A 222 39.02 18.59 -16.91
CA ILE A 222 37.99 17.57 -16.89
C ILE A 222 37.06 17.79 -15.71
N SER A 223 35.85 18.25 -15.98
CA SER A 223 34.80 18.30 -14.97
C SER A 223 33.85 17.13 -15.15
N TRP A 224 33.43 16.53 -14.03
CA TRP A 224 32.30 15.59 -14.05
C TRP A 224 30.99 16.37 -14.01
N GLU A 225 30.14 16.13 -15.00
CA GLU A 225 28.83 16.77 -15.02
C GLU A 225 27.72 15.75 -14.75
N LYS A 226 26.76 16.13 -13.92
CA LYS A 226 25.64 15.25 -13.57
C LYS A 226 24.57 15.39 -14.65
N ILE A 227 23.79 14.33 -14.85
CA ILE A 227 22.84 14.28 -15.96
C ILE A 227 21.61 15.10 -15.65
N ASN A 228 21.12 14.98 -14.43
CA ASN A 228 19.87 15.62 -14.06
C ASN A 228 20.29 16.76 -13.13
N LYS A 229 19.44 17.77 -13.01
CA LYS A 229 19.81 18.99 -12.32
C LYS A 229 18.97 19.13 -11.06
N ALA A 230 17.76 18.61 -11.11
CA ALA A 230 16.87 18.59 -9.95
C ALA A 230 16.34 19.98 -9.63
N GLN A 231 15.04 20.16 -9.81
CA GLN A 231 14.41 21.45 -9.55
C GLN A 231 14.14 21.55 -8.05
N ALA A 232 15.09 22.13 -7.33
CA ALA A 232 15.25 21.87 -5.90
C ALA A 232 15.65 23.12 -5.14
N LEU A 233 14.66 23.81 -4.59
CA LEU A 233 14.89 25.11 -3.97
C LEU A 233 15.78 24.96 -2.74
N TRP A 234 15.96 23.71 -2.30
CA TRP A 234 16.89 23.42 -1.21
C TRP A 234 18.21 22.86 -1.73
N THR A 235 18.52 23.14 -3.00
CA THR A 235 19.75 22.68 -3.60
C THR A 235 20.69 23.84 -3.93
N ARG A 236 20.17 24.83 -4.64
CA ARG A 236 20.90 26.08 -4.82
C ARG A 236 21.35 26.61 -3.47
N ASN A 237 22.66 26.71 -3.29
CA ASN A 237 23.23 27.03 -1.98
C ASN A 237 22.83 28.41 -1.49
N LYS A 238 23.15 28.69 -0.23
CA LYS A 238 22.65 29.87 0.46
C LYS A 238 23.03 31.16 -0.28
N SER A 239 23.94 31.04 -1.26
CA SER A 239 24.33 32.19 -2.07
C SER A 239 23.69 32.17 -3.45
N GLU A 240 22.37 31.99 -3.48
CA GLU A 240 21.64 32.00 -4.75
C GLU A 240 20.13 32.07 -4.54
N ILE A 241 19.72 32.48 -3.35
CA ILE A 241 18.30 32.47 -2.98
C ILE A 241 17.88 33.77 -2.32
N THR A 242 16.59 34.10 -2.47
CA THR A 242 16.05 35.35 -1.95
C THR A 242 15.33 35.11 -0.63
N ASP A 243 15.44 36.06 0.30
CA ASP A 243 14.71 35.99 1.55
C ASP A 243 13.23 35.77 1.29
N GLU A 244 12.74 36.38 0.21
CA GLU A 244 11.37 36.16 -0.23
C GLU A 244 11.21 34.73 -0.72
N GLU A 245 12.17 34.28 -1.52
CA GLU A 245 12.16 32.91 -2.04
C GLU A 245 12.00 31.90 -0.90
N TYR A 246 12.87 31.99 0.09
CA TYR A 246 12.76 31.16 1.27
C TYR A 246 11.36 31.28 1.88
N LYS A 247 10.95 32.50 2.18
CA LYS A 247 9.67 32.74 2.83
C LYS A 247 8.53 32.10 2.06
N GLU A 248 8.46 32.39 0.77
CA GLU A 248 7.46 31.78 -0.11
C GLU A 248 7.46 30.27 0.04
N PHE A 249 8.65 29.68 0.05
CA PHE A 249 8.76 28.23 0.11
C PHE A 249 8.09 27.68 1.36
N TYR A 250 8.60 28.07 2.53
CA TYR A 250 8.00 27.63 3.78
C TYR A 250 6.48 27.76 3.72
N LYS A 251 6.01 28.91 3.28
CA LYS A 251 4.58 29.13 3.10
C LYS A 251 3.94 27.94 2.41
N HIS A 252 4.52 27.57 1.26
CA HIS A 252 3.94 26.53 0.42
C HIS A 252 3.90 25.18 1.13
N ILE A 253 5.06 24.73 1.63
CA ILE A 253 5.16 23.40 2.23
C ILE A 253 4.67 23.40 3.67
N ALA A 254 3.94 24.43 4.06
CA ALA A 254 3.35 24.49 5.40
C ALA A 254 1.83 24.66 5.32
N HIS A 255 1.34 25.08 4.17
CA HIS A 255 -0.07 25.44 4.02
C HIS A 255 -0.41 26.58 4.96
N ASP A 256 0.64 27.21 5.50
CA ASP A 256 0.49 28.45 6.26
C ASP A 256 0.94 29.61 5.39
N PHE A 257 0.53 30.82 5.77
CA PHE A 257 0.59 31.97 4.89
C PHE A 257 1.25 33.18 5.55
N ASN A 258 1.44 33.10 6.86
CA ASN A 258 2.39 33.97 7.55
C ASN A 258 3.82 33.61 7.16
N ASP A 259 4.73 34.57 7.28
CA ASP A 259 6.13 34.34 6.99
C ASP A 259 6.77 33.55 8.13
N PRO A 260 7.87 32.84 7.84
CA PRO A 260 8.66 32.21 8.89
C PRO A 260 9.40 33.25 9.72
N LEU A 261 9.70 32.93 10.98
CA LEU A 261 10.47 33.83 11.83
C LEU A 261 11.96 33.68 11.54
N THR A 262 12.34 32.52 11.02
CA THR A 262 13.74 32.23 10.70
C THR A 262 13.87 30.85 10.09
N TRP A 263 15.04 30.56 9.52
CA TRP A 263 15.29 29.28 8.88
C TRP A 263 16.78 28.94 8.90
N SER A 264 17.08 27.65 8.88
CA SER A 264 18.45 27.19 8.68
C SER A 264 18.49 26.17 7.54
N HIS A 265 19.24 26.51 6.49
CA HIS A 265 19.36 25.66 5.31
C HIS A 265 20.82 25.34 5.05
N ASN A 266 21.21 24.10 5.31
CA ASN A 266 22.62 23.71 5.24
C ASN A 266 22.81 22.41 4.46
N ARG A 267 24.07 22.06 4.23
CA ARG A 267 24.42 20.86 3.47
C ARG A 267 25.56 20.12 4.15
N VAL A 268 25.31 18.88 4.57
CA VAL A 268 26.33 18.08 5.23
C VAL A 268 26.91 17.00 4.30
N GLU A 269 28.21 17.12 4.05
CA GLU A 269 29.00 16.04 3.48
C GLU A 269 29.57 15.22 4.63
N GLY A 270 30.13 14.05 4.32
CA GLY A 270 30.74 13.24 5.36
C GLY A 270 29.91 12.04 5.78
N LYS A 271 29.87 11.79 7.09
CA LYS A 271 29.47 10.50 7.63
C LYS A 271 28.13 10.04 7.06
N GLN A 272 27.05 10.61 7.56
CA GLN A 272 25.79 10.63 6.81
C GLN A 272 25.71 11.93 6.03
N GLU A 273 24.90 11.92 4.97
CA GLU A 273 25.02 12.92 3.91
C GLU A 273 23.64 13.41 3.48
N TYR A 274 23.41 14.71 3.56
CA TYR A 274 22.05 15.23 3.47
C TYR A 274 21.95 16.74 3.48
N THR A 275 21.04 17.26 2.66
CA THR A 275 20.75 18.70 2.64
C THR A 275 19.50 18.96 3.47
N SER A 276 19.62 19.80 4.49
CA SER A 276 18.52 20.06 5.40
C SER A 276 18.05 21.51 5.37
N LEU A 277 16.73 21.68 5.37
CA LEU A 277 16.13 23.01 5.44
C LEU A 277 15.01 23.02 6.48
N LEU A 278 15.12 23.91 7.47
CA LEU A 278 14.16 23.94 8.55
C LEU A 278 13.66 25.35 8.83
N TYR A 279 12.38 25.46 9.19
CA TYR A 279 11.76 26.74 9.49
C TYR A 279 11.21 26.78 10.92
N ILE A 280 11.16 27.97 11.49
CA ILE A 280 10.46 28.19 12.75
C ILE A 280 9.26 29.11 12.51
N PRO A 281 8.06 28.54 12.50
CA PRO A 281 6.83 29.29 12.19
C PRO A 281 6.62 30.48 13.12
N SER A 282 5.63 31.30 12.79
CA SER A 282 5.31 32.47 13.61
C SER A 282 3.97 32.29 14.30
N GLN A 283 3.24 31.25 13.92
CA GLN A 283 1.90 31.01 14.45
C GLN A 283 1.67 29.53 14.66
N ALA A 284 1.74 29.09 15.93
CA ALA A 284 1.43 27.71 16.27
C ALA A 284 0.03 27.36 15.78
N PRO A 285 -0.07 26.41 14.85
CA PRO A 285 -1.36 26.01 14.25
C PRO A 285 -2.37 25.48 15.26
N TRP A 286 -3.48 24.98 14.75
CA TRP A 286 -4.53 24.40 15.57
C TRP A 286 -4.07 23.16 16.33
N ASP A 287 -3.49 22.21 15.59
CA ASP A 287 -3.21 20.88 16.13
C ASP A 287 -2.21 20.91 17.28
N MET A 288 -1.59 22.06 17.48
CA MET A 288 -0.37 22.16 18.27
C MET A 288 -0.35 21.32 19.54
N TRP A 289 -1.34 21.48 20.41
CA TRP A 289 -1.35 20.80 21.70
C TRP A 289 -2.32 19.63 21.85
N ASN A 290 -2.66 18.91 20.78
CA ASN A 290 -3.32 17.64 21.02
C ASN A 290 -3.43 16.72 19.82
N ARG A 291 -2.44 15.84 19.71
CA ARG A 291 -2.40 14.84 18.67
C ARG A 291 -1.21 13.93 18.91
N ASP A 292 -1.42 12.63 18.78
CA ASP A 292 -0.32 11.71 18.49
C ASP A 292 0.04 11.93 17.03
N HIS A 293 0.32 13.18 16.70
CA HIS A 293 0.48 13.61 15.32
C HIS A 293 1.38 14.85 15.28
N LYS A 294 2.67 14.63 15.14
CA LYS A 294 3.57 15.68 14.69
C LYS A 294 3.44 15.74 13.17
N HIS A 295 3.87 16.86 12.58
CA HIS A 295 3.87 16.99 11.13
C HIS A 295 5.23 17.50 10.64
N GLY A 296 5.23 18.70 10.07
CA GLY A 296 6.48 19.33 9.69
C GLY A 296 7.35 18.55 8.73
N LEU A 297 8.38 17.90 9.28
CA LEU A 297 9.51 17.42 8.47
C LEU A 297 9.11 16.51 7.32
N LYS A 298 9.39 16.97 6.10
CA LYS A 298 9.22 16.15 4.90
C LYS A 298 10.53 15.47 4.57
N LEU A 299 10.51 14.14 4.50
CA LEU A 299 11.74 13.39 4.21
C LEU A 299 11.88 13.04 2.74
N TYR A 300 12.90 13.62 2.11
CA TYR A 300 13.25 13.26 0.73
C TYR A 300 14.47 12.36 0.71
N VAL A 301 14.53 11.47 -0.28
CA VAL A 301 15.69 10.59 -0.47
C VAL A 301 16.21 10.70 -1.89
N GLN A 302 17.41 11.25 -2.04
CA GLN A 302 17.99 11.49 -3.35
C GLN A 302 17.13 12.46 -4.15
N ARG A 303 16.84 13.61 -3.55
CA ARG A 303 16.01 14.63 -4.19
C ARG A 303 14.67 14.05 -4.66
N VAL A 304 14.29 12.91 -4.08
CA VAL A 304 13.00 12.30 -4.34
C VAL A 304 12.13 12.37 -3.10
N PHE A 305 10.80 12.37 -3.31
CA PHE A 305 9.86 12.42 -2.20
C PHE A 305 9.67 11.02 -1.61
N ILE A 306 9.74 10.91 -0.29
CA ILE A 306 9.36 9.70 0.39
C ILE A 306 8.02 9.90 1.10
N MET A 307 8.07 10.34 2.35
CA MET A 307 6.86 10.68 3.07
C MET A 307 6.80 12.14 3.48
N ASP A 308 5.65 12.74 3.19
CA ASP A 308 5.07 13.76 4.06
C ASP A 308 5.19 13.29 5.50
N ASP A 309 6.09 13.92 6.24
CA ASP A 309 5.91 14.06 7.68
C ASP A 309 6.40 12.84 8.47
N ALA A 310 7.56 12.99 9.10
CA ALA A 310 8.03 12.04 10.09
C ALA A 310 8.17 12.75 11.43
N GLU A 311 7.70 12.12 12.50
CA GLU A 311 8.17 12.45 13.83
C GLU A 311 9.16 11.42 14.35
N GLN A 312 10.33 11.39 13.74
CA GLN A 312 11.47 10.65 14.27
C GLN A 312 12.73 11.50 14.20
N PHE A 313 12.73 12.47 13.29
CA PHE A 313 13.84 13.39 13.13
C PHE A 313 13.60 14.70 13.88
N MET A 314 12.62 14.67 14.79
CA MET A 314 12.39 15.78 15.70
C MET A 314 11.94 15.29 17.07
N PRO A 315 12.60 15.76 18.14
CA PRO A 315 12.13 15.57 19.52
C PRO A 315 10.87 16.40 19.78
N ASN A 316 10.05 15.94 20.72
CA ASN A 316 8.76 16.57 20.98
C ASN A 316 8.89 18.05 21.29
N TYR A 317 9.92 18.45 22.02
CA TYR A 317 10.02 19.81 22.50
C TYR A 317 10.45 20.78 21.40
N LEU A 318 10.40 20.31 20.16
CA LEU A 318 10.65 21.16 19.00
C LEU A 318 9.67 20.82 17.87
N ARG A 319 8.52 20.26 18.24
CA ARG A 319 7.55 19.76 17.26
C ARG A 319 6.82 20.89 16.55
N PHE A 320 7.36 22.10 16.64
CA PHE A 320 6.88 23.22 15.83
C PHE A 320 7.74 23.39 14.58
N VAL A 321 8.99 22.93 14.66
CA VAL A 321 9.91 23.01 13.54
C VAL A 321 9.26 22.47 12.27
N ARG A 322 9.15 23.32 11.25
CA ARG A 322 8.70 22.90 9.94
C ARG A 322 9.86 22.86 8.95
N GLY A 323 9.67 22.15 7.85
CA GLY A 323 10.68 22.13 6.81
C GLY A 323 10.81 20.78 6.14
N LEU A 324 12.00 20.49 5.61
CA LEU A 324 12.27 19.19 5.02
C LEU A 324 13.76 18.87 5.07
N ILE A 325 14.07 17.58 5.26
CA ILE A 325 15.44 17.11 5.13
C ILE A 325 15.54 16.18 3.91
N ASP A 326 16.64 16.31 3.17
CA ASP A 326 16.83 15.53 1.97
C ASP A 326 18.08 14.68 2.07
N SER A 327 17.92 13.44 2.50
CA SER A 327 19.05 12.51 2.60
C SER A 327 19.41 11.90 1.25
N SER A 328 20.70 11.72 1.02
CA SER A 328 21.19 10.63 0.20
C SER A 328 21.67 9.54 1.15
N ASP A 329 21.87 8.33 0.65
CA ASP A 329 22.54 7.29 1.41
C ASP A 329 21.63 6.76 2.52
N LEU A 330 20.55 7.48 2.78
CA LEU A 330 19.34 6.84 3.28
C LEU A 330 18.72 6.12 2.09
N PRO A 331 18.66 4.79 2.16
CA PRO A 331 18.08 3.99 1.06
C PRO A 331 16.61 4.30 0.80
N LEU A 332 16.33 4.86 -0.37
CA LEU A 332 14.97 4.99 -0.86
C LEU A 332 14.22 3.69 -0.64
N ASN A 333 12.90 3.79 -0.44
CA ASN A 333 12.05 2.66 -0.06
C ASN A 333 11.93 2.58 1.46
N VAL A 334 12.88 3.20 2.14
CA VAL A 334 12.79 3.37 3.58
C VAL A 334 11.41 3.87 3.99
N SER A 335 10.92 3.41 5.13
CA SER A 335 9.73 3.98 5.73
C SER A 335 9.82 3.96 7.26
N ARG A 336 8.90 4.66 7.91
CA ARG A 336 8.97 4.88 9.35
C ARG A 336 9.45 3.65 10.12
N GLU A 337 8.84 2.51 9.85
CA GLU A 337 9.27 1.25 10.44
C GLU A 337 10.77 1.05 10.29
N ILE A 338 11.24 1.02 9.04
CA ILE A 338 12.63 0.69 8.73
C ILE A 338 13.57 1.62 9.48
N LEU A 339 13.26 2.92 9.45
CA LEU A 339 14.03 3.92 10.18
C LEU A 339 14.10 3.56 11.66
N GLN A 340 12.94 3.24 12.24
CA GLN A 340 12.85 3.01 13.67
C GLN A 340 13.53 1.70 14.05
N ASP A 341 14.06 1.01 13.05
CA ASP A 341 14.89 -0.17 13.30
C ASP A 341 16.37 0.14 13.14
N SER A 342 16.70 1.06 12.25
CA SER A 342 18.07 1.51 12.05
C SER A 342 18.55 2.39 13.21
N THR A 343 19.85 2.68 13.22
CA THR A 343 20.44 3.60 14.19
C THR A 343 20.55 4.99 13.55
N VAL A 344 20.76 5.00 12.24
CA VAL A 344 20.93 6.23 11.48
C VAL A 344 19.88 7.26 11.89
N THR A 345 18.67 6.79 12.17
CA THR A 345 17.60 7.65 12.63
C THR A 345 18.04 8.38 13.90
N ARG A 346 18.34 7.60 14.93
CA ARG A 346 18.86 8.14 16.19
C ARG A 346 19.82 9.28 15.90
N ASN A 347 20.83 8.99 15.08
CA ASN A 347 21.89 9.97 14.84
C ASN A 347 21.37 11.19 14.09
N LEU A 348 20.66 10.96 13.00
CA LEU A 348 20.15 12.04 12.17
C LEU A 348 19.28 12.99 13.00
N ARG A 349 18.35 12.41 13.74
CA ARG A 349 17.57 13.15 14.72
C ARG A 349 18.48 14.07 15.51
N ASN A 350 19.40 13.49 16.28
CA ASN A 350 20.21 14.28 17.20
C ASN A 350 20.87 15.47 16.50
N ALA A 351 21.52 15.19 15.36
CA ALA A 351 22.17 16.24 14.59
C ALA A 351 21.21 17.39 14.34
N LEU A 352 20.04 17.08 13.78
CA LEU A 352 19.07 18.11 13.44
C LEU A 352 18.69 18.93 14.67
N THR A 353 18.44 18.24 15.78
CA THR A 353 18.08 18.91 17.03
C THR A 353 19.11 19.97 17.37
N LYS A 354 20.39 19.62 17.23
CA LYS A 354 21.45 20.60 17.35
C LYS A 354 21.21 21.77 16.40
N ARG A 355 21.00 21.48 15.13
CA ARG A 355 20.87 22.52 14.12
C ARG A 355 19.72 23.47 14.46
N VAL A 356 18.59 22.90 14.87
CA VAL A 356 17.43 23.67 15.27
C VAL A 356 17.76 24.62 16.42
N LEU A 357 18.30 24.05 17.50
CA LEU A 357 18.64 24.85 18.68
C LEU A 357 19.57 26.00 18.32
N GLN A 358 20.61 25.71 17.54
CA GLN A 358 21.52 26.73 17.07
C GLN A 358 20.74 27.84 16.37
N MET A 359 19.89 27.44 15.42
CA MET A 359 19.11 28.39 14.64
C MET A 359 18.34 29.34 15.57
N LEU A 360 17.84 28.80 16.67
CA LEU A 360 17.13 29.59 17.67
C LEU A 360 18.07 30.54 18.41
N GLU A 361 19.11 30.00 19.01
CA GLU A 361 20.12 30.81 19.68
C GLU A 361 20.41 32.07 18.86
N LYS A 362 20.67 31.87 17.57
CA LYS A 362 21.04 32.96 16.69
C LYS A 362 19.90 33.96 16.55
N LEU A 363 18.68 33.43 16.37
CA LEU A 363 17.51 34.31 16.29
C LEU A 363 17.48 35.24 17.49
N ALA A 364 17.94 34.74 18.63
CA ALA A 364 17.90 35.48 19.88
C ALA A 364 19.05 36.48 19.97
N LYS A 365 20.08 36.27 19.16
CA LYS A 365 21.16 37.25 19.06
C LYS A 365 20.83 38.37 18.07
N ASP A 366 20.08 38.04 17.03
CA ASP A 366 20.04 38.88 15.84
C ASP A 366 18.67 39.49 15.53
N ASP A 367 17.68 39.25 16.38
CA ASP A 367 16.39 39.90 16.24
C ASP A 367 15.46 39.59 17.40
N ALA A 368 15.84 40.06 18.59
CA ALA A 368 15.12 39.72 19.81
C ALA A 368 13.64 40.12 19.71
N GLU A 369 13.39 41.15 18.90
CA GLU A 369 12.02 41.51 18.54
C GLU A 369 11.23 40.28 18.11
N LYS A 370 11.58 39.74 16.95
CA LYS A 370 10.88 38.57 16.42
C LYS A 370 10.92 37.41 17.40
N TYR A 371 12.08 37.16 17.99
CA TYR A 371 12.27 36.01 18.85
C TYR A 371 11.23 35.99 19.98
N GLN A 372 10.97 37.15 20.56
CA GLN A 372 9.88 37.28 21.52
C GLN A 372 8.60 36.67 20.98
N THR A 373 8.28 37.01 19.73
CA THR A 373 7.05 36.53 19.10
C THR A 373 7.10 35.00 19.06
N PHE A 374 8.30 34.47 18.82
CA PHE A 374 8.54 33.03 18.92
C PHE A 374 8.14 32.51 20.30
N TRP A 375 8.74 33.07 21.35
CA TRP A 375 8.54 32.55 22.69
C TRP A 375 7.10 32.75 23.14
N GLN A 376 6.50 33.84 22.69
CA GLN A 376 5.05 34.01 22.82
C GLN A 376 4.33 32.78 22.30
N GLN A 377 4.75 32.30 21.13
CA GLN A 377 4.00 31.26 20.43
C GLN A 377 4.34 29.84 20.86
N PHE A 378 5.59 29.60 21.27
CA PHE A 378 6.10 28.23 21.39
C PHE A 378 6.76 27.93 22.73
N GLY A 379 7.04 28.97 23.50
CA GLY A 379 7.77 28.79 24.74
C GLY A 379 7.25 27.64 25.58
N LEU A 380 5.93 27.55 25.70
CA LEU A 380 5.30 26.53 26.52
C LEU A 380 5.71 25.12 26.08
N VAL A 381 6.10 25.02 24.82
CA VAL A 381 6.59 23.75 24.28
C VAL A 381 8.07 23.57 24.60
N LEU A 382 8.86 24.60 24.31
CA LEU A 382 10.30 24.54 24.54
C LEU A 382 10.58 24.19 26.00
N LYS A 383 9.62 24.48 26.87
CA LYS A 383 9.78 24.24 28.30
C LYS A 383 9.68 22.77 28.65
N GLU A 384 9.28 21.94 27.68
CA GLU A 384 9.45 20.50 27.78
C GLU A 384 10.93 20.13 27.69
N GLY A 385 11.65 20.81 26.81
CA GLY A 385 13.03 20.45 26.53
C GLY A 385 13.82 19.97 27.73
N PRO A 386 13.91 20.76 28.81
CA PRO A 386 14.78 20.44 29.94
C PRO A 386 14.50 19.06 30.55
N ALA A 387 13.28 18.58 30.39
CA ALA A 387 12.89 17.29 30.97
C ALA A 387 13.09 16.15 29.97
N GLU A 388 13.49 16.49 28.75
CA GLU A 388 13.41 15.56 27.63
C GLU A 388 14.77 15.23 27.02
N ASP A 389 15.65 16.22 26.97
CA ASP A 389 16.89 16.10 26.22
C ASP A 389 18.09 16.63 27.01
N PHE A 390 18.48 15.90 28.05
CA PHE A 390 19.52 16.38 28.98
C PHE A 390 20.76 16.84 28.22
N ALA A 391 21.02 16.23 27.07
CA ALA A 391 22.28 16.43 26.37
C ALA A 391 22.51 17.88 25.97
N ASN A 392 21.48 18.71 26.12
CA ASN A 392 21.56 20.10 25.68
C ASN A 392 20.94 21.05 26.70
N GLN A 393 20.67 20.53 27.90
CA GLN A 393 19.95 21.28 28.92
C GLN A 393 20.49 22.71 29.08
N GLU A 394 21.77 22.88 28.75
CA GLU A 394 22.36 24.22 28.66
C GLU A 394 21.71 25.01 27.54
N ALA A 395 22.06 24.66 26.30
CA ALA A 395 21.73 25.48 25.14
C ALA A 395 20.22 25.64 24.99
N ILE A 396 19.47 24.83 25.73
CA ILE A 396 18.04 25.07 25.89
C ILE A 396 17.79 26.18 26.89
N ALA A 397 18.30 26.01 28.12
CA ALA A 397 17.96 26.90 29.21
C ALA A 397 18.23 28.35 28.84
N LYS A 398 19.30 28.58 28.10
CA LYS A 398 19.58 29.91 27.55
C LYS A 398 18.41 30.42 26.72
N LEU A 399 17.89 29.55 25.85
CA LEU A 399 16.76 29.91 25.00
C LEU A 399 15.51 30.18 25.82
N LEU A 400 15.45 29.61 27.02
CA LEU A 400 14.32 29.85 27.92
C LEU A 400 14.13 31.34 28.20
N ARG A 401 12.92 31.70 28.61
CA ARG A 401 12.60 33.08 28.94
C ARG A 401 11.54 33.14 30.04
N PHE A 402 11.61 34.18 30.87
CA PHE A 402 10.76 34.25 32.06
C PHE A 402 10.25 35.66 32.32
N ALA A 403 9.27 35.76 33.21
CA ALA A 403 8.91 37.04 33.83
C ALA A 403 9.48 37.04 35.24
N SER A 404 9.95 38.20 35.70
CA SER A 404 10.50 38.31 37.04
C SER A 404 10.23 39.66 37.69
N THR A 405 10.68 39.82 38.93
CA THR A 405 10.36 40.98 39.75
C THR A 405 10.73 42.30 39.07
N HIS A 406 11.91 42.36 38.47
CA HIS A 406 12.39 43.60 37.87
C HIS A 406 11.74 43.88 36.52
N THR A 407 10.52 43.37 36.37
CA THR A 407 9.54 43.97 35.48
C THR A 407 8.20 43.92 36.19
N ASP A 408 7.20 44.61 35.67
CA ASP A 408 5.85 44.48 36.19
C ASP A 408 4.83 44.39 35.06
N SER A 409 5.26 43.85 33.93
CA SER A 409 4.34 43.47 32.85
C SER A 409 4.18 41.95 32.82
N SER A 410 2.95 41.51 32.57
CA SER A 410 2.63 40.10 32.45
C SER A 410 3.62 39.39 31.52
N ALA A 411 4.00 40.08 30.45
CA ALA A 411 4.85 39.49 29.43
C ALA A 411 6.19 39.06 30.02
N GLN A 412 6.79 38.04 29.42
CA GLN A 412 8.04 37.48 29.92
C GLN A 412 9.17 37.68 28.91
N THR A 413 10.27 38.27 29.38
CA THR A 413 11.35 38.69 28.48
C THR A 413 12.71 38.50 29.13
N VAL A 414 12.73 37.94 30.32
CA VAL A 414 13.96 37.83 31.10
C VAL A 414 14.79 36.61 30.72
N SER A 415 15.96 36.86 30.14
CA SER A 415 16.95 35.80 29.91
C SER A 415 17.55 35.39 31.25
N LEU A 416 17.94 34.13 31.37
CA LEU A 416 18.62 33.67 32.57
C LEU A 416 19.96 34.40 32.69
N GLU A 417 20.59 34.66 31.55
CA GLU A 417 21.75 35.53 31.50
C GLU A 417 21.39 36.87 32.14
N ASP A 418 20.31 37.47 31.66
CA ASP A 418 19.88 38.78 32.13
C ASP A 418 19.66 38.76 33.63
N TYR A 419 19.46 37.57 34.18
CA TYR A 419 19.28 37.40 35.61
C TYR A 419 20.64 37.49 36.31
N VAL A 420 21.52 36.54 36.01
CA VAL A 420 22.84 36.50 36.61
C VAL A 420 23.60 37.82 36.37
N SER A 421 23.41 38.37 35.17
CA SER A 421 24.02 39.65 34.84
C SER A 421 23.78 40.68 35.93
N ARG A 422 22.52 40.88 36.29
CA ARG A 422 22.18 41.91 37.26
C ARG A 422 21.97 41.33 38.66
N MET A 423 22.55 40.15 38.90
CA MET A 423 22.70 39.65 40.25
C MET A 423 23.63 40.58 41.02
N LYS A 424 23.44 40.63 42.34
CA LYS A 424 24.24 41.51 43.18
C LYS A 424 25.40 40.74 43.82
N GLU A 425 26.42 41.47 44.26
CA GLU A 425 27.60 40.86 44.84
C GLU A 425 27.24 39.97 46.02
N GLY A 426 27.75 38.74 46.00
CA GLY A 426 27.52 37.83 47.11
C GLY A 426 26.33 36.93 46.90
N GLN A 427 25.39 37.37 46.08
CA GLN A 427 24.18 36.59 45.81
C GLN A 427 24.54 35.33 45.02
N GLU A 428 24.27 34.17 45.62
CA GLU A 428 24.76 32.90 45.08
C GLU A 428 23.67 32.10 44.37
N LYS A 429 22.42 32.27 44.82
CA LYS A 429 21.32 31.46 44.31
C LYS A 429 20.42 32.20 43.32
N ILE A 430 19.66 31.42 42.55
CA ILE A 430 18.66 31.97 41.64
C ILE A 430 17.27 31.61 42.16
N TYR A 431 16.50 32.62 42.52
CA TYR A 431 15.21 32.40 43.19
C TYR A 431 14.03 32.46 42.23
N TYR A 432 13.03 31.62 42.48
CA TYR A 432 11.81 31.63 41.71
C TYR A 432 10.60 31.37 42.60
N ILE A 433 9.45 31.90 42.19
CA ILE A 433 8.18 31.55 42.79
C ILE A 433 7.34 30.78 41.77
N THR A 434 6.50 29.88 42.26
CA THR A 434 5.68 29.03 41.39
C THR A 434 4.21 29.10 41.78
N ALA A 435 3.44 29.88 41.03
CA ALA A 435 2.04 30.15 41.38
C ALA A 435 1.11 29.75 40.25
N ASP A 436 -0.19 29.77 40.54
CA ASP A 436 -1.20 29.37 39.57
C ASP A 436 -1.38 30.43 38.49
N SER A 437 -0.81 31.61 38.74
CA SER A 437 -1.09 32.77 37.90
C SER A 437 -0.12 33.91 38.17
N TYR A 438 0.14 34.71 37.15
CA TYR A 438 1.08 35.83 37.24
C TYR A 438 0.75 36.66 38.47
N ALA A 439 -0.53 37.00 38.61
CA ALA A 439 -1.01 37.70 39.79
C ALA A 439 -0.35 37.17 41.06
N ALA A 440 -0.76 35.97 41.49
CA ALA A 440 -0.30 35.42 42.75
C ALA A 440 1.22 35.53 42.83
N ALA A 441 1.89 35.19 41.73
CA ALA A 441 3.35 35.26 41.68
C ALA A 441 3.84 36.64 42.11
N LYS A 442 3.48 37.64 41.32
CA LYS A 442 3.91 39.02 41.59
C LYS A 442 3.59 39.45 43.01
N SER A 443 2.48 38.94 43.54
CA SER A 443 1.96 39.46 44.81
C SER A 443 1.85 38.39 45.88
N SER A 444 2.92 37.63 46.06
CA SER A 444 2.96 36.62 47.11
C SER A 444 3.65 37.17 48.35
N PRO A 445 3.27 36.66 49.54
CA PRO A 445 3.93 37.06 50.78
C PRO A 445 5.44 36.76 50.74
N HIS A 446 5.76 35.55 50.28
CA HIS A 446 7.15 35.14 50.13
C HIS A 446 7.96 36.16 49.33
N LEU A 447 7.28 37.01 48.59
CA LEU A 447 7.93 37.99 47.74
C LEU A 447 8.52 39.16 48.51
N GLU A 448 7.74 39.69 49.46
CA GLU A 448 7.82 41.10 49.81
C GLU A 448 9.18 41.54 50.33
N LEU A 449 9.90 40.63 51.00
CA LEU A 449 11.25 40.93 51.47
C LEU A 449 12.23 41.05 50.31
N LEU A 450 12.35 39.99 49.52
CA LEU A 450 13.26 40.00 48.38
C LEU A 450 12.96 41.18 47.46
N ARG A 451 11.66 41.45 47.27
CA ARG A 451 11.23 42.57 46.43
C ARG A 451 11.64 43.89 47.07
N LYS A 452 11.76 43.90 48.39
CA LYS A 452 12.13 45.10 49.13
C LYS A 452 13.63 45.37 49.04
N LYS A 453 14.42 44.34 49.29
CA LYS A 453 15.87 44.44 49.17
C LYS A 453 16.28 44.63 47.71
N GLY A 454 15.37 44.30 46.80
CA GLY A 454 15.62 44.52 45.39
C GLY A 454 16.04 43.27 44.65
N ILE A 455 16.14 42.15 45.37
CA ILE A 455 16.66 40.92 44.80
C ILE A 455 15.70 40.35 43.76
N GLU A 456 16.28 39.93 42.63
CA GLU A 456 15.48 39.48 41.50
C GLU A 456 14.92 38.07 41.73
N VAL A 457 13.59 37.97 41.67
CA VAL A 457 12.92 36.68 41.84
C VAL A 457 12.19 36.32 40.55
N LEU A 458 12.12 35.02 40.26
CA LEU A 458 11.54 34.56 38.99
C LEU A 458 10.09 34.15 39.15
N LEU A 459 9.27 34.55 38.18
CA LEU A 459 7.82 34.48 38.32
C LEU A 459 7.23 33.41 37.42
N LEU A 460 7.09 32.20 37.95
CA LEU A 460 6.67 31.06 37.15
C LEU A 460 5.18 30.78 37.35
N SER A 461 4.42 30.92 36.27
CA SER A 461 2.96 30.93 36.37
C SER A 461 2.30 29.84 35.53
N ASP A 462 3.12 29.12 34.76
CA ASP A 462 2.61 28.02 33.95
C ASP A 462 2.84 26.69 34.66
N ARG A 463 1.88 25.77 34.50
CA ARG A 463 1.85 24.55 35.29
C ARG A 463 3.05 23.66 35.02
N ILE A 464 3.56 23.71 33.80
CA ILE A 464 4.68 22.88 33.39
C ILE A 464 5.98 23.33 34.07
N ASP A 465 6.00 24.57 34.55
CA ASP A 465 7.16 25.09 35.27
C ASP A 465 7.43 24.26 36.52
N GLU A 466 6.38 24.08 37.32
CA GLU A 466 6.46 23.25 38.53
C GLU A 466 7.03 21.89 38.17
N TRP A 467 7.01 21.58 36.88
CA TRP A 467 7.64 20.37 36.36
C TRP A 467 9.10 20.68 36.02
N MET A 468 9.28 21.64 35.12
CA MET A 468 10.58 21.92 34.52
C MET A 468 11.68 22.08 35.56
N MET A 469 11.41 22.85 36.59
CA MET A 469 12.43 23.15 37.61
C MET A 469 13.09 21.90 38.17
N ASN A 470 12.29 20.85 38.37
CA ASN A 470 12.75 19.67 39.09
C ASN A 470 13.97 19.05 38.42
N TYR A 471 14.13 19.38 37.14
CA TYR A 471 15.18 18.87 36.25
C TYR A 471 16.21 19.95 35.96
N LEU A 472 15.74 21.12 35.53
CA LEU A 472 16.61 22.29 35.40
C LEU A 472 17.06 22.67 36.80
N THR A 473 18.29 22.30 37.15
CA THR A 473 18.76 22.37 38.52
C THR A 473 19.58 23.60 38.86
N GLU A 474 20.25 24.17 37.87
CA GLU A 474 21.41 25.02 38.15
C GLU A 474 22.03 25.58 36.87
N PHE A 475 22.03 26.91 36.77
CA PHE A 475 22.51 27.58 35.56
C PHE A 475 23.79 28.37 35.82
N ASP A 476 24.83 28.05 35.04
CA ASP A 476 26.07 28.83 35.04
C ASP A 476 26.69 28.88 36.44
N GLY A 477 26.60 27.78 37.18
CA GLY A 477 27.24 27.70 38.47
C GLY A 477 26.35 28.09 39.62
N LYS A 478 25.18 28.63 39.31
CA LYS A 478 24.28 29.15 40.33
C LYS A 478 23.01 28.30 40.41
N PRO A 479 22.84 27.54 41.50
CA PRO A 479 21.71 26.63 41.68
C PRO A 479 20.38 27.35 41.88
N PHE A 480 19.29 26.65 41.58
CA PHE A 480 17.96 27.23 41.72
C PHE A 480 17.35 26.95 43.09
N GLN A 481 16.81 28.00 43.72
CA GLN A 481 16.09 27.88 44.99
C GLN A 481 14.79 28.66 44.90
N SER A 482 13.80 28.26 45.70
CA SER A 482 12.45 28.80 45.58
C SER A 482 12.01 29.56 46.82
N VAL A 483 11.41 30.73 46.61
CA VAL A 483 10.98 31.58 47.71
C VAL A 483 9.97 30.88 48.62
N SER A 484 9.21 29.95 48.05
CA SER A 484 8.15 29.26 48.79
C SER A 484 8.72 28.25 49.77
N LYS A 485 10.03 28.25 49.94
CA LYS A 485 10.69 27.27 50.79
C LYS A 485 11.78 27.92 51.63
N VAL A 486 11.41 28.39 52.82
CA VAL A 486 12.31 29.21 53.63
C VAL A 486 13.60 28.47 53.95
N ASP A 487 14.71 29.00 53.42
CA ASP A 487 16.00 28.33 53.55
C ASP A 487 16.79 28.93 54.71
N GLU A 488 17.92 28.28 55.05
CA GLU A 488 18.79 28.79 56.10
C GLU A 488 19.87 29.69 55.51
N SER A 489 19.71 30.07 54.24
CA SER A 489 20.59 31.04 53.60
C SER A 489 20.01 32.45 53.71
N LEU A 490 18.72 32.57 53.43
CA LEU A 490 18.03 33.86 53.57
C LEU A 490 17.52 34.02 55.00
N GLU A 491 17.64 32.96 55.78
CA GLU A 491 17.12 32.95 57.15
C GLU A 491 17.79 34.03 58.00
N LYS A 492 18.97 34.47 57.57
CA LYS A 492 19.78 35.38 58.36
C LYS A 492 19.96 36.74 57.69
N LEU A 493 19.40 36.90 56.50
CA LEU A 493 19.51 38.15 55.76
C LEU A 493 18.53 39.19 56.29
N SER A 500 17.33 43.52 58.66
CA SER A 500 18.37 44.46 58.26
C SER A 500 18.57 45.54 59.32
N ALA A 501 17.50 46.25 59.63
CA ALA A 501 17.57 47.35 60.60
C ALA A 501 16.95 46.94 61.93
N LYS A 502 17.70 46.21 62.74
CA LYS A 502 17.18 45.65 63.98
C LYS A 502 17.68 46.42 65.20
N GLU A 503 16.80 47.20 65.81
CA GLU A 503 17.15 47.97 67.00
C GLU A 503 16.74 47.24 68.28
N ALA A 504 15.53 47.49 68.75
CA ALA A 504 15.05 46.90 70.00
C ALA A 504 14.71 45.43 69.79
N GLU A 505 15.22 44.59 70.69
CA GLU A 505 15.06 43.14 70.55
C GLU A 505 14.60 42.51 71.86
N LYS A 506 13.96 41.35 71.75
CA LYS A 506 13.48 40.62 72.92
C LYS A 506 13.14 39.17 72.55
N ALA A 507 12.09 38.65 73.17
CA ALA A 507 11.60 37.32 72.83
C ALA A 507 10.16 37.12 73.28
N LEU A 508 9.34 36.59 72.37
CA LEU A 508 8.02 36.09 72.75
C LEU A 508 8.11 34.58 72.97
N THR A 509 7.33 34.08 73.93
CA THR A 509 7.30 32.66 74.23
C THR A 509 5.91 32.19 74.64
N PRO A 510 5.25 32.93 75.55
CA PRO A 510 3.88 32.57 75.89
C PRO A 510 3.00 32.53 74.64
N PHE A 511 3.23 33.50 73.75
CA PHE A 511 2.47 33.60 72.52
C PHE A 511 2.69 32.40 71.61
N ILE A 512 3.94 32.19 71.21
CA ILE A 512 4.27 31.15 70.24
C ILE A 512 3.89 29.76 70.74
N ASP A 513 4.03 29.54 72.03
CA ASP A 513 3.76 28.23 72.63
C ASP A 513 2.26 28.03 72.84
N ARG A 514 1.54 29.15 72.93
CA ARG A 514 0.09 29.09 73.08
C ARG A 514 -0.57 28.74 71.75
N VAL A 515 0.03 29.22 70.67
CA VAL A 515 -0.42 28.87 69.32
C VAL A 515 -0.05 27.43 68.99
N LYS A 516 1.16 27.03 69.38
CA LYS A 516 1.60 25.66 69.19
C LYS A 516 0.63 24.69 69.86
N ALA A 517 0.27 25.00 71.10
CA ALA A 517 -0.63 24.16 71.87
C ALA A 517 -2.02 24.14 71.27
N LEU A 518 -2.49 25.30 70.83
CA LEU A 518 -3.87 25.44 70.35
C LEU A 518 -4.09 24.68 69.04
N LEU A 519 -3.08 24.66 68.19
CA LEU A 519 -3.21 24.06 66.86
C LEU A 519 -2.90 22.56 66.88
N GLY A 520 -1.80 22.21 67.52
CA GLY A 520 -1.45 20.80 67.65
C GLY A 520 -0.59 20.28 66.51
N GLU A 521 -1.17 19.38 65.71
CA GLU A 521 -0.44 18.74 64.63
C GLU A 521 -0.77 19.37 63.27
N ARG A 522 -1.75 20.28 63.27
CA ARG A 522 -2.25 20.85 62.02
C ARG A 522 -1.17 21.63 61.30
N VAL A 523 -0.37 22.38 62.05
CA VAL A 523 0.87 22.95 61.53
C VAL A 523 2.05 22.32 62.25
N LYS A 524 3.06 21.93 61.48
CA LYS A 524 4.18 21.17 62.02
C LYS A 524 5.04 22.01 62.95
N ASP A 525 5.05 23.32 62.73
CA ASP A 525 5.85 24.22 63.55
C ASP A 525 5.31 25.65 63.50
N VAL A 526 5.56 26.40 64.57
CA VAL A 526 5.25 27.83 64.58
C VAL A 526 6.50 28.64 64.90
N ARG A 527 6.73 29.71 64.15
CA ARG A 527 7.92 30.53 64.34
C ARG A 527 7.65 32.02 64.08
N LEU A 528 8.62 32.84 64.45
CA LEU A 528 8.71 34.20 63.94
C LEU A 528 9.63 34.17 62.73
N THR A 529 9.53 35.19 61.87
CA THR A 529 10.49 35.35 60.79
C THR A 529 10.61 36.80 60.36
N HIS A 530 11.86 37.24 60.16
CA HIS A 530 12.12 38.61 59.73
C HIS A 530 11.89 38.79 58.23
N ARG A 531 10.94 38.02 57.70
CA ARG A 531 10.34 38.32 56.40
C ARG A 531 9.45 39.53 56.60
N LEU A 532 10.07 40.67 56.88
CA LEU A 532 9.37 41.82 57.44
C LEU A 532 8.75 42.67 56.34
N THR A 533 7.44 42.89 56.44
CA THR A 533 6.68 43.52 55.38
C THR A 533 5.19 43.50 55.73
N ASP A 534 4.40 44.23 54.95
CA ASP A 534 3.01 44.46 55.31
C ASP A 534 2.14 43.21 55.21
N THR A 535 2.76 42.04 55.32
CA THR A 535 2.01 40.81 55.53
C THR A 535 2.25 40.25 56.93
N PRO A 536 1.17 40.00 57.68
CA PRO A 536 1.25 39.52 59.07
C PRO A 536 1.72 38.08 59.19
N ALA A 537 0.90 37.16 58.69
CA ALA A 537 1.20 35.73 58.80
C ALA A 537 1.45 35.11 57.43
N ILE A 538 2.28 34.08 57.40
CA ILE A 538 2.66 33.43 56.16
C ILE A 538 3.16 32.01 56.42
N VAL A 539 2.72 31.06 55.58
CA VAL A 539 2.97 29.65 55.82
C VAL A 539 3.86 29.03 54.76
N SER A 540 4.81 28.21 55.19
CA SER A 540 5.77 27.58 54.28
C SER A 540 5.89 26.08 54.56
N THR A 541 6.80 25.44 53.83
CA THR A 541 7.42 24.19 54.27
C THR A 541 8.72 23.98 53.50
N ASP A 542 9.67 23.28 54.13
CA ASP A 542 10.96 23.02 53.51
C ASP A 542 11.33 21.56 53.70
N ALA A 543 12.47 21.33 54.35
CA ALA A 543 12.76 20.05 54.99
C ALA A 543 12.57 18.85 54.06
N ASP A 544 12.79 19.06 52.77
CA ASP A 544 12.68 17.99 51.78
C ASP A 544 11.34 17.28 51.90
N GLU A 545 10.29 18.06 52.13
CA GLU A 545 8.93 17.53 52.21
C GLU A 545 8.10 17.93 50.99
N MET A 546 6.95 17.28 50.82
CA MET A 546 6.08 17.54 49.68
C MET A 546 5.79 19.04 49.53
N SER A 547 6.43 19.65 48.54
CA SER A 547 6.27 21.09 48.30
C SER A 547 4.85 21.40 47.81
N THR A 548 4.46 22.66 47.96
CA THR A 548 3.05 23.04 47.85
C THR A 548 2.48 22.82 46.45
N GLN A 549 3.20 23.28 45.43
CA GLN A 549 2.75 23.14 44.05
C GLN A 549 2.86 21.70 43.57
N MET A 550 3.83 20.98 44.11
CA MET A 550 3.95 19.55 43.84
C MET A 550 2.63 18.89 44.22
N ALA A 551 2.11 19.27 45.38
CA ALA A 551 0.80 18.82 45.81
C ALA A 551 -0.24 19.20 44.77
N LYS A 552 -0.25 20.47 44.37
CA LYS A 552 -1.21 20.95 43.38
C LYS A 552 -1.08 20.18 42.08
N LEU A 553 0.13 19.68 41.81
CA LEU A 553 0.37 18.93 40.60
C LEU A 553 -0.32 17.57 40.70
N PHE A 554 -0.21 16.94 41.87
CA PHE A 554 -0.93 15.71 42.14
C PHE A 554 -2.44 15.94 42.01
N ALA A 555 -2.90 17.07 42.55
CA ALA A 555 -4.29 17.47 42.38
C ALA A 555 -4.65 17.54 40.91
N ALA A 556 -3.74 18.08 40.11
CA ALA A 556 -4.05 18.47 38.74
C ALA A 556 -4.06 17.25 37.82
N ALA A 557 -3.29 16.23 38.19
CA ALA A 557 -3.41 14.92 37.57
C ALA A 557 -4.44 14.08 38.32
N GLY A 558 -5.12 14.71 39.28
CA GLY A 558 -6.28 14.09 39.89
C GLY A 558 -5.95 12.83 40.66
N GLN A 559 -5.00 12.94 41.60
CA GLN A 559 -4.75 11.89 42.57
C GLN A 559 -4.90 12.49 43.97
N LYS A 560 -4.96 11.63 44.99
CA LYS A 560 -5.23 12.09 46.35
C LYS A 560 -4.21 13.13 46.76
N VAL A 561 -4.67 14.36 46.96
CA VAL A 561 -3.79 15.49 47.22
C VAL A 561 -2.96 15.22 48.48
N PRO A 562 -1.67 14.89 48.30
CA PRO A 562 -0.81 14.43 49.39
C PRO A 562 -0.73 15.43 50.54
N GLU A 563 -0.56 14.91 51.75
CA GLU A 563 -0.55 15.74 52.95
C GLU A 563 0.59 16.74 52.91
N VAL A 564 0.29 17.98 53.26
CA VAL A 564 1.32 19.02 53.31
C VAL A 564 1.72 19.29 54.75
N LYS A 565 3.02 19.32 55.00
CA LYS A 565 3.54 19.59 56.34
C LYS A 565 3.93 21.06 56.45
N TYR A 566 3.00 21.89 56.92
CA TYR A 566 3.16 23.33 56.86
C TYR A 566 3.84 23.92 58.09
N ILE A 567 4.52 25.05 57.89
CA ILE A 567 5.31 25.68 58.93
C ILE A 567 4.85 27.12 59.14
N PHE A 568 3.98 27.32 60.12
CA PHE A 568 3.38 28.64 60.34
C PHE A 568 4.43 29.63 60.79
N GLU A 569 4.44 30.80 60.15
CA GLU A 569 5.40 31.85 60.48
C GLU A 569 4.69 33.18 60.70
N LEU A 570 5.18 33.95 61.66
CA LEU A 570 4.52 35.21 62.05
C LEU A 570 5.49 36.38 62.07
N ASN A 571 4.94 37.59 61.91
CA ASN A 571 5.74 38.78 61.66
C ASN A 571 5.70 39.74 62.85
N PRO A 572 6.72 39.68 63.72
CA PRO A 572 6.75 40.36 65.02
C PRO A 572 6.58 41.88 64.93
N ASP A 573 6.64 42.41 63.72
CA ASP A 573 6.65 43.85 63.53
C ASP A 573 5.37 44.38 62.89
N HIS A 574 4.33 43.55 62.84
CA HIS A 574 3.06 43.99 62.26
C HIS A 574 1.93 44.11 63.27
N VAL A 575 1.13 45.15 63.10
CA VAL A 575 -0.06 45.38 63.91
C VAL A 575 -0.73 44.06 64.32
N LEU A 576 -1.44 43.46 63.37
CA LEU A 576 -2.34 42.35 63.69
C LEU A 576 -1.60 41.21 64.38
N VAL A 577 -0.31 41.08 64.09
CA VAL A 577 0.51 40.06 64.73
C VAL A 577 0.54 40.30 66.23
N LYS A 578 0.98 41.50 66.62
CA LYS A 578 1.02 41.87 68.03
C LYS A 578 -0.38 41.90 68.62
N ARG A 579 -1.31 42.50 67.89
CA ARG A 579 -2.62 42.82 68.46
C ARG A 579 -3.38 41.57 68.86
N ALA A 580 -3.23 40.51 68.05
CA ALA A 580 -3.78 39.21 68.43
C ALA A 580 -2.89 38.58 69.51
N ALA A 581 -1.60 38.85 69.43
CA ALA A 581 -0.63 38.29 70.36
C ALA A 581 -0.94 38.66 71.80
N ASP A 582 -1.49 39.85 72.01
CA ASP A 582 -1.73 40.38 73.34
C ASP A 582 -3.01 39.87 73.99
N THR A 583 -4.08 39.79 73.20
CA THR A 583 -5.41 39.53 73.75
C THR A 583 -5.41 38.23 74.55
N GLU A 584 -6.05 38.27 75.72
CA GLU A 584 -5.93 37.20 76.70
C GLU A 584 -7.21 36.39 76.85
N ASP A 585 -8.26 36.82 76.16
CA ASP A 585 -9.47 36.01 76.06
C ASP A 585 -9.17 34.79 75.19
N GLU A 586 -9.57 33.62 75.67
CA GLU A 586 -9.25 32.37 74.99
C GLU A 586 -10.06 32.20 73.70
N ALA A 587 -11.33 32.60 73.75
CA ALA A 587 -12.21 32.47 72.59
C ALA A 587 -11.84 33.49 71.51
N LYS A 588 -11.62 34.73 71.94
CA LYS A 588 -11.25 35.81 71.02
C LYS A 588 -9.90 35.53 70.37
N PHE A 589 -8.91 35.21 71.20
CA PHE A 589 -7.58 34.89 70.72
C PHE A 589 -7.62 33.74 69.71
N SER A 590 -8.33 32.67 70.07
CA SER A 590 -8.53 31.56 69.16
C SER A 590 -9.02 32.07 67.81
N GLU A 591 -10.05 32.90 67.84
CA GLU A 591 -10.61 33.49 66.64
C GLU A 591 -9.52 34.18 65.82
N TRP A 592 -8.53 34.76 66.52
CA TRP A 592 -7.54 35.60 65.87
C TRP A 592 -6.42 34.83 65.20
N VAL A 593 -5.75 33.96 65.97
CA VAL A 593 -4.73 33.09 65.40
C VAL A 593 -5.32 32.29 64.25
N GLU A 594 -6.62 31.99 64.36
CA GLU A 594 -7.32 31.23 63.32
C GLU A 594 -7.44 32.07 62.05
N LEU A 595 -7.87 33.32 62.21
CA LEU A 595 -7.94 34.26 61.10
C LEU A 595 -6.59 34.42 60.43
N LEU A 596 -5.53 34.42 61.22
CA LEU A 596 -4.19 34.61 60.69
C LEU A 596 -3.76 33.42 59.84
N LEU A 597 -4.03 32.22 60.31
CA LEU A 597 -3.66 31.01 59.57
C LEU A 597 -4.42 30.92 58.25
N ASP A 598 -5.75 30.93 58.34
CA ASP A 598 -6.59 30.88 57.14
C ASP A 598 -6.11 31.92 56.13
N GLN A 599 -5.76 33.10 56.65
CA GLN A 599 -5.29 34.19 55.82
C GLN A 599 -4.06 33.76 55.02
N ALA A 600 -3.10 33.13 55.70
CA ALA A 600 -1.87 32.70 55.06
C ALA A 600 -2.13 31.56 54.08
N LEU A 601 -2.97 30.62 54.50
CA LEU A 601 -3.32 29.48 53.65
C LEU A 601 -3.79 29.94 52.28
N LEU A 602 -4.81 30.79 52.26
CA LEU A 602 -5.41 31.22 50.99
C LEU A 602 -4.33 31.73 50.06
N ALA A 603 -3.30 32.37 50.64
CA ALA A 603 -2.25 33.01 49.86
C ALA A 603 -1.25 31.99 49.34
N GLU A 604 -1.15 30.84 50.00
CA GLU A 604 -0.33 29.75 49.49
C GLU A 604 -1.15 28.81 48.61
N ARG A 605 -2.03 28.02 49.24
CA ARG A 605 -2.80 27.02 48.52
C ARG A 605 -3.78 27.65 47.54
N GLY A 606 -3.71 28.98 47.41
CA GLY A 606 -4.18 29.63 46.21
C GLY A 606 -5.66 29.48 45.96
N THR A 607 -6.03 28.41 45.26
CA THR A 607 -7.44 28.02 45.14
C THR A 607 -7.92 27.50 46.49
N LEU A 608 -8.22 28.41 47.40
CA LEU A 608 -8.55 28.04 48.77
C LEU A 608 -9.87 27.29 48.80
N GLU A 609 -9.83 26.06 49.27
CA GLU A 609 -11.01 25.20 49.27
C GLU A 609 -12.02 25.58 50.34
N ASP A 610 -12.04 26.86 50.70
CA ASP A 610 -13.23 27.52 51.23
C ASP A 610 -12.94 28.97 51.60
N PRO A 611 -13.02 29.88 50.61
CA PRO A 611 -12.85 31.31 50.86
C PRO A 611 -13.84 31.82 51.89
N ASN A 612 -15.03 31.23 51.89
CA ASN A 612 -16.06 31.57 52.86
C ASN A 612 -15.58 31.33 54.28
N LEU A 613 -14.93 30.19 54.51
CA LEU A 613 -14.64 29.74 55.86
C LEU A 613 -13.73 30.75 56.56
N PHE A 614 -12.65 31.11 55.88
CA PHE A 614 -11.78 32.18 56.33
C PHE A 614 -12.60 33.45 56.57
N ILE A 615 -13.41 33.82 55.59
CA ILE A 615 -14.24 35.01 55.69
C ILE A 615 -15.14 34.97 56.92
N ARG A 616 -15.76 33.82 57.16
CA ARG A 616 -16.69 33.67 58.27
C ARG A 616 -16.00 33.85 59.61
N ARG A 617 -14.79 33.32 59.72
CA ARG A 617 -14.01 33.47 60.94
C ARG A 617 -13.73 34.95 61.18
N MET A 618 -13.34 35.64 60.11
CA MET A 618 -13.09 37.08 60.16
C MET A 618 -14.40 37.82 60.44
N ASN A 619 -15.50 37.31 59.91
CA ASN A 619 -16.82 37.86 60.17
C ASN A 619 -17.06 37.96 61.68
N GLN A 620 -16.90 36.84 62.37
CA GLN A 620 -17.16 36.77 63.81
C GLN A 620 -16.19 37.70 64.53
N LEU A 621 -14.93 37.69 64.08
CA LEU A 621 -13.90 38.52 64.69
C LEU A 621 -14.24 40.00 64.55
N LEU A 622 -15.19 40.30 63.66
CA LEU A 622 -15.66 41.68 63.49
C LEU A 622 -17.02 41.89 64.17
N VAL A 623 -17.81 40.83 64.22
CA VAL A 623 -19.17 40.92 64.74
C VAL A 623 -19.19 41.08 66.26
N SER A 624 -18.54 40.15 66.95
CA SER A 624 -18.64 40.09 68.41
C SER A 624 -17.40 40.66 69.08
N MET B 1 -39.58 -16.78 -27.18
CA MET B 1 -38.63 -16.91 -28.31
C MET B 1 -38.95 -15.91 -29.41
N LYS B 2 -38.97 -14.63 -29.06
CA LYS B 2 -39.32 -13.59 -30.02
C LYS B 2 -38.06 -12.93 -30.57
N GLY B 3 -38.01 -12.77 -31.89
CA GLY B 3 -36.89 -12.09 -32.52
C GLY B 3 -35.70 -13.02 -32.70
N GLN B 4 -35.98 -14.29 -32.98
CA GLN B 4 -34.94 -15.32 -33.00
C GLN B 4 -33.87 -14.99 -34.04
N GLU B 5 -32.68 -15.54 -33.84
CA GLU B 5 -31.57 -15.25 -34.73
C GLU B 5 -30.41 -16.22 -34.50
N THR B 6 -29.93 -16.83 -35.58
CA THR B 6 -28.76 -17.68 -35.51
C THR B 6 -27.57 -16.98 -36.16
N ARG B 7 -26.57 -16.64 -35.34
CA ARG B 7 -25.33 -16.09 -35.87
C ARG B 7 -24.27 -17.17 -35.83
N GLY B 8 -23.66 -17.41 -36.98
CA GLY B 8 -23.38 -18.78 -37.38
C GLY B 8 -22.16 -18.89 -38.25
N PHE B 9 -21.01 -18.52 -37.69
CA PHE B 9 -19.80 -18.40 -38.48
C PHE B 9 -19.30 -19.76 -38.94
N GLN B 10 -18.06 -19.80 -39.42
CA GLN B 10 -17.55 -20.98 -40.10
C GLN B 10 -16.25 -21.54 -39.55
N SER B 11 -15.26 -21.63 -40.44
CA SER B 11 -14.89 -22.93 -40.96
C SER B 11 -14.18 -23.75 -39.90
N GLU B 12 -12.86 -23.63 -39.89
CA GLU B 12 -12.13 -24.17 -38.78
C GLU B 12 -12.18 -23.19 -37.61
N VAL B 13 -13.20 -22.32 -37.57
CA VAL B 13 -13.64 -21.82 -36.26
C VAL B 13 -14.35 -22.97 -35.59
N LYS B 14 -15.31 -23.55 -36.31
CA LYS B 14 -15.91 -24.81 -35.89
C LYS B 14 -14.80 -25.72 -35.42
N GLN B 15 -13.69 -25.76 -36.17
CA GLN B 15 -12.56 -26.58 -35.75
C GLN B 15 -11.76 -25.99 -34.58
N LEU B 16 -11.45 -24.70 -34.66
CA LEU B 16 -10.60 -24.05 -33.67
C LEU B 16 -11.09 -24.26 -32.24
N LEU B 17 -12.41 -24.34 -32.08
CA LEU B 17 -12.98 -24.50 -30.75
C LEU B 17 -12.81 -25.95 -30.28
N HIS B 18 -13.09 -26.90 -31.16
CA HIS B 18 -12.78 -28.30 -30.90
C HIS B 18 -11.27 -28.45 -30.73
N LEU B 19 -10.55 -27.33 -30.78
CA LEU B 19 -9.15 -27.32 -30.41
C LEU B 19 -8.89 -26.84 -28.98
N MET B 20 -9.19 -25.57 -28.71
CA MET B 20 -8.85 -24.97 -27.41
C MET B 20 -9.61 -25.60 -26.23
N ILE B 21 -10.93 -25.61 -26.36
CA ILE B 21 -11.80 -26.20 -25.33
C ILE B 21 -11.29 -27.60 -25.03
N HIS B 22 -10.77 -28.27 -26.05
CA HIS B 22 -10.31 -29.65 -25.92
C HIS B 22 -8.90 -29.67 -25.32
N SER B 23 -8.19 -28.54 -25.45
CA SER B 23 -6.91 -28.40 -24.78
C SER B 23 -7.08 -28.54 -23.28
N LEU B 24 -8.20 -28.04 -22.76
CA LEU B 24 -8.44 -28.13 -21.31
C LEU B 24 -8.83 -29.55 -20.83
N TYR B 25 -8.79 -30.50 -21.74
CA TYR B 25 -9.33 -31.84 -21.50
C TYR B 25 -8.78 -32.50 -20.25
N SER B 26 -7.54 -32.19 -19.90
CA SER B 26 -6.91 -32.77 -18.73
C SER B 26 -7.65 -32.38 -17.46
N ASN B 27 -7.89 -31.09 -17.28
CA ASN B 27 -8.60 -30.61 -16.10
C ASN B 27 -9.94 -29.97 -16.45
N LYS B 28 -10.77 -30.74 -17.13
CA LYS B 28 -12.20 -30.44 -17.29
C LYS B 28 -12.86 -29.73 -16.11
N GLU B 29 -12.65 -30.23 -14.89
CA GLU B 29 -13.31 -29.68 -13.71
C GLU B 29 -13.22 -28.15 -13.65
N ILE B 30 -12.23 -27.60 -14.35
CA ILE B 30 -12.05 -26.16 -14.42
C ILE B 30 -13.36 -25.40 -14.68
N PHE B 31 -14.18 -25.95 -15.56
CA PHE B 31 -15.37 -25.24 -16.03
C PHE B 31 -16.20 -24.72 -14.86
N LEU B 32 -16.03 -25.35 -13.70
CA LEU B 32 -16.70 -24.87 -12.49
C LEU B 32 -16.06 -23.59 -11.98
N ARG B 33 -14.77 -23.66 -11.64
CA ARG B 33 -14.03 -22.49 -11.22
C ARG B 33 -14.40 -21.30 -12.10
N GLU B 34 -14.43 -21.53 -13.41
CA GLU B 34 -14.70 -20.47 -14.37
C GLU B 34 -16.12 -19.92 -14.24
N LEU B 35 -17.12 -20.80 -14.22
CA LEU B 35 -18.50 -20.37 -14.15
C LEU B 35 -18.83 -19.73 -12.81
N ILE B 36 -18.42 -20.39 -11.72
CA ILE B 36 -18.63 -19.85 -10.39
C ILE B 36 -18.06 -18.44 -10.27
N SER B 37 -16.84 -18.26 -10.78
CA SER B 37 -16.22 -16.95 -10.80
C SER B 37 -17.13 -15.92 -11.48
N ASN B 38 -17.46 -16.18 -12.73
CA ASN B 38 -18.33 -15.28 -13.49
C ASN B 38 -19.53 -14.85 -12.67
N ALA B 39 -20.04 -15.75 -11.85
CA ALA B 39 -21.22 -15.46 -11.03
C ALA B 39 -20.84 -14.48 -9.93
N SER B 40 -19.66 -14.66 -9.35
CA SER B 40 -19.10 -13.70 -8.41
C SER B 40 -19.07 -12.31 -9.02
N ASP B 41 -18.18 -12.11 -9.98
CA ASP B 41 -18.05 -10.83 -10.66
C ASP B 41 -19.43 -10.25 -10.96
N ALA B 42 -20.37 -11.11 -11.29
CA ALA B 42 -21.74 -10.70 -11.53
C ALA B 42 -22.28 -9.95 -10.32
N ALA B 43 -22.36 -10.64 -9.19
CA ALA B 43 -22.87 -10.04 -7.96
C ALA B 43 -22.13 -8.74 -7.63
N ASP B 44 -20.83 -8.85 -7.39
CA ASP B 44 -20.03 -7.72 -6.94
C ASP B 44 -20.25 -6.52 -7.86
N LYS B 45 -20.36 -6.78 -9.15
CA LYS B 45 -20.62 -5.72 -10.11
C LYS B 45 -21.95 -5.05 -9.76
N LEU B 46 -22.97 -5.87 -9.55
CA LEU B 46 -24.29 -5.36 -9.17
C LEU B 46 -24.23 -4.61 -7.84
N ARG B 47 -23.54 -5.19 -6.86
CA ARG B 47 -23.33 -4.52 -5.59
C ARG B 47 -22.84 -3.10 -5.82
N PHE B 48 -21.84 -2.97 -6.68
CA PHE B 48 -21.19 -1.68 -6.92
C PHE B 48 -22.16 -0.71 -7.57
N ARG B 49 -22.94 -1.20 -8.53
CA ARG B 49 -23.89 -0.36 -9.25
C ARG B 49 -25.02 0.04 -8.33
N ALA B 50 -25.09 -0.60 -7.17
CA ALA B 50 -26.16 -0.33 -6.21
C ALA B 50 -25.71 0.55 -5.06
N LEU B 51 -24.40 0.82 -5.00
CA LEU B 51 -23.91 1.92 -4.18
C LEU B 51 -24.64 3.20 -4.59
N SER B 52 -25.04 3.25 -5.85
CA SER B 52 -25.81 4.38 -6.37
C SER B 52 -27.29 4.03 -6.42
N ASN B 53 -27.85 4.05 -7.63
CA ASN B 53 -29.30 3.93 -7.82
C ASN B 53 -29.89 2.78 -7.02
N PRO B 54 -30.38 3.07 -5.80
CA PRO B 54 -30.60 2.08 -4.75
C PRO B 54 -31.54 0.95 -5.17
N ASP B 55 -32.49 1.27 -6.03
CA ASP B 55 -33.54 0.32 -6.39
C ASP B 55 -33.07 -0.78 -7.35
N LEU B 56 -31.76 -0.81 -7.61
CA LEU B 56 -31.21 -1.85 -8.48
C LEU B 56 -31.38 -3.26 -7.91
N TYR B 57 -31.65 -3.35 -6.62
CA TYR B 57 -31.84 -4.64 -5.97
C TYR B 57 -33.23 -5.21 -6.18
N GLU B 58 -34.15 -4.36 -6.63
CA GLU B 58 -35.53 -4.77 -6.82
C GLU B 58 -36.09 -5.37 -5.53
N GLY B 59 -35.47 -5.00 -4.40
CA GLY B 59 -35.85 -5.57 -3.12
C GLY B 59 -34.90 -6.65 -2.66
N ASP B 60 -34.72 -7.69 -3.48
CA ASP B 60 -34.15 -8.95 -3.02
C ASP B 60 -32.68 -8.76 -2.65
N GLY B 61 -32.36 -8.98 -1.38
CA GLY B 61 -31.03 -8.64 -0.89
C GLY B 61 -29.97 -9.70 -1.13
N GLU B 62 -30.27 -10.94 -0.75
CA GLU B 62 -29.26 -11.98 -0.69
C GLU B 62 -28.75 -12.35 -2.09
N LEU B 63 -27.46 -12.14 -2.31
CA LEU B 63 -26.83 -12.49 -3.58
C LEU B 63 -26.13 -13.85 -3.47
N ARG B 64 -26.50 -14.77 -4.34
CA ARG B 64 -26.02 -16.14 -4.24
C ARG B 64 -26.00 -16.83 -5.60
N VAL B 65 -25.08 -17.77 -5.76
CA VAL B 65 -25.04 -18.60 -6.96
C VAL B 65 -25.39 -20.04 -6.60
N ARG B 66 -26.35 -20.61 -7.32
CA ARG B 66 -26.92 -21.90 -6.94
C ARG B 66 -26.65 -22.97 -7.98
N VAL B 67 -26.00 -24.06 -7.55
CA VAL B 67 -25.77 -25.19 -8.42
C VAL B 67 -26.82 -26.27 -8.16
N SER B 68 -27.59 -26.57 -9.20
CA SER B 68 -28.61 -27.60 -9.14
C SER B 68 -28.37 -28.61 -10.26
N PHE B 69 -29.15 -29.69 -10.26
CA PHE B 69 -28.90 -30.80 -11.16
C PHE B 69 -30.18 -31.29 -11.83
N ASP B 70 -30.02 -32.30 -12.69
CA ASP B 70 -31.13 -33.16 -13.07
C ASP B 70 -30.56 -34.48 -13.56
N LYS B 71 -30.62 -35.49 -12.69
CA LYS B 71 -30.13 -36.82 -13.01
C LYS B 71 -31.06 -37.48 -14.03
N ASP B 72 -32.16 -36.82 -14.33
CA ASP B 72 -33.01 -37.21 -15.44
C ASP B 72 -32.42 -36.74 -16.77
N LYS B 73 -32.78 -35.52 -17.16
CA LYS B 73 -32.35 -34.98 -18.44
C LYS B 73 -30.84 -34.73 -18.46
N ARG B 74 -30.17 -35.11 -17.37
CA ARG B 74 -28.73 -34.98 -17.26
C ARG B 74 -28.25 -33.55 -17.49
N THR B 75 -28.80 -32.63 -16.71
CA THR B 75 -28.36 -31.24 -16.76
C THR B 75 -27.64 -30.82 -15.48
N LEU B 76 -26.69 -29.92 -15.62
CA LEU B 76 -26.09 -29.24 -14.48
C LEU B 76 -26.35 -27.75 -14.62
N THR B 77 -27.19 -27.21 -13.75
CA THR B 77 -27.64 -25.83 -13.89
C THR B 77 -27.04 -24.91 -12.83
N ILE B 78 -26.11 -24.05 -13.26
CA ILE B 78 -25.58 -23.01 -12.39
C ILE B 78 -26.34 -21.72 -12.64
N SER B 79 -26.80 -21.08 -11.58
CA SER B 79 -27.59 -19.85 -11.69
C SER B 79 -27.25 -18.86 -10.59
N ASP B 80 -27.18 -17.59 -10.96
CA ASP B 80 -26.91 -16.52 -10.00
C ASP B 80 -27.95 -15.41 -10.11
N ASN B 81 -28.21 -14.73 -9.00
CA ASN B 81 -28.99 -13.51 -9.03
C ASN B 81 -28.07 -12.30 -9.12
N GLY B 82 -27.02 -12.44 -9.93
CA GLY B 82 -26.09 -11.35 -10.13
C GLY B 82 -26.68 -10.21 -10.92
N VAL B 83 -25.84 -9.47 -11.64
CA VAL B 83 -26.27 -8.32 -12.41
C VAL B 83 -26.80 -8.73 -13.79
N GLY B 84 -26.30 -9.84 -14.30
CA GLY B 84 -26.83 -10.38 -15.55
C GLY B 84 -26.44 -9.56 -16.76
N MET B 85 -26.65 -10.12 -17.94
CA MET B 85 -26.27 -9.46 -19.19
C MET B 85 -27.50 -8.88 -19.89
N THR B 86 -27.27 -7.89 -20.75
CA THR B 86 -28.28 -7.46 -21.71
C THR B 86 -28.08 -8.27 -22.99
N ARG B 87 -28.82 -7.93 -24.03
CA ARG B 87 -28.76 -8.67 -25.29
C ARG B 87 -27.42 -8.44 -25.99
N ASP B 88 -27.06 -7.18 -26.17
CA ASP B 88 -25.78 -6.82 -26.79
C ASP B 88 -24.64 -7.48 -26.03
N GLU B 89 -24.61 -7.30 -24.71
CA GLU B 89 -23.60 -7.93 -23.88
C GLU B 89 -23.47 -9.41 -24.25
N VAL B 90 -24.58 -10.13 -24.17
CA VAL B 90 -24.61 -11.54 -24.53
C VAL B 90 -23.86 -11.79 -25.85
N ILE B 91 -24.35 -11.18 -26.92
CA ILE B 91 -23.83 -11.46 -28.25
C ILE B 91 -22.36 -11.06 -28.38
N ASP B 92 -21.91 -10.17 -27.51
CA ASP B 92 -20.55 -9.64 -27.60
C ASP B 92 -19.57 -10.40 -26.71
N HIS B 93 -20.08 -11.19 -25.77
CA HIS B 93 -19.24 -11.98 -24.88
C HIS B 93 -19.41 -13.47 -25.15
N LEU B 94 -20.54 -13.99 -24.69
CA LEU B 94 -20.96 -15.35 -25.02
C LEU B 94 -20.89 -15.54 -26.52
N GLY B 95 -21.21 -14.46 -27.25
CA GLY B 95 -21.26 -14.54 -28.69
C GLY B 95 -19.92 -14.95 -29.27
N THR B 96 -18.84 -14.38 -28.74
CA THR B 96 -17.51 -14.67 -29.26
C THR B 96 -16.83 -15.82 -28.51
N ILE B 97 -16.14 -15.52 -27.41
CA ILE B 97 -15.38 -16.55 -26.71
C ILE B 97 -14.52 -16.14 -25.51
N ALA B 98 -13.29 -15.72 -25.76
CA ALA B 98 -12.34 -15.42 -24.69
C ALA B 98 -11.06 -14.82 -25.26
N LYS B 99 -10.97 -13.49 -25.24
CA LYS B 99 -9.86 -12.78 -25.86
C LYS B 99 -8.52 -13.21 -25.26
N SER B 100 -8.47 -13.30 -23.94
CA SER B 100 -7.25 -13.70 -23.26
C SER B 100 -6.95 -15.17 -23.55
N GLY B 101 -8.01 -15.97 -23.55
CA GLY B 101 -7.89 -17.36 -24.00
C GLY B 101 -7.13 -17.46 -25.29
N THR B 102 -7.80 -17.17 -26.40
CA THR B 102 -7.20 -17.33 -27.73
C THR B 102 -5.80 -16.72 -27.73
N LYS B 103 -5.68 -15.55 -27.14
CA LYS B 103 -4.45 -14.77 -27.23
C LYS B 103 -3.25 -15.55 -26.70
N SER B 104 -3.29 -15.91 -25.43
CA SER B 104 -2.17 -16.61 -24.81
C SER B 104 -2.01 -18.00 -25.40
N PHE B 105 -3.09 -18.53 -25.97
CA PHE B 105 -3.02 -19.79 -26.70
C PHE B 105 -2.20 -19.60 -27.98
N LEU B 106 -2.53 -18.56 -28.73
CA LEU B 106 -1.88 -18.32 -30.01
C LEU B 106 -0.38 -18.10 -29.86
N GLU B 107 0.00 -17.19 -28.98
CA GLU B 107 1.42 -16.88 -28.80
C GLU B 107 2.14 -18.03 -28.10
N SER B 108 1.36 -18.95 -27.53
CA SER B 108 1.90 -20.20 -27.02
C SER B 108 2.27 -21.15 -28.15
N LEU B 109 1.54 -21.07 -29.25
CA LEU B 109 1.58 -22.10 -30.29
C LEU B 109 2.97 -22.35 -30.84
N GLY B 110 3.32 -23.63 -30.97
CA GLY B 110 4.54 -24.01 -31.66
C GLY B 110 5.77 -24.07 -30.78
N SER B 111 5.59 -23.78 -29.49
CA SER B 111 6.70 -23.85 -28.54
C SER B 111 6.69 -25.19 -27.80
N ASP B 112 7.87 -25.65 -27.39
CA ASP B 112 8.02 -26.97 -26.77
C ASP B 112 6.94 -27.19 -25.73
N GLN B 113 6.77 -26.22 -24.84
CA GLN B 113 5.66 -26.21 -23.91
C GLN B 113 4.37 -26.62 -24.60
N ALA B 114 3.96 -25.84 -25.59
CA ALA B 114 2.70 -26.06 -26.28
C ALA B 114 2.57 -27.50 -26.75
N LYS B 115 3.46 -27.90 -27.65
CA LYS B 115 3.34 -29.18 -28.33
C LYS B 115 3.32 -30.36 -27.35
N ASP B 116 4.41 -30.53 -26.61
CA ASP B 116 4.56 -31.69 -25.75
C ASP B 116 4.15 -31.41 -24.31
N SER B 117 2.85 -31.38 -24.06
CA SER B 117 2.32 -31.26 -22.70
C SER B 117 0.81 -31.48 -22.70
N GLY B 121 -2.14 -29.19 -19.89
CA GLY B 121 -2.97 -28.78 -18.77
C GLY B 121 -2.76 -27.32 -18.42
N GLN B 122 -1.54 -26.84 -18.62
CA GLN B 122 -1.28 -25.41 -18.63
C GLN B 122 -2.15 -24.71 -19.67
N PHE B 123 -3.26 -24.15 -19.22
CA PHE B 123 -4.03 -23.20 -20.04
C PHE B 123 -5.25 -22.66 -19.29
N GLY B 124 -5.87 -21.64 -19.86
CA GLY B 124 -7.21 -21.25 -19.42
C GLY B 124 -8.08 -20.64 -20.50
N VAL B 125 -9.00 -21.42 -21.04
CA VAL B 125 -10.09 -20.89 -21.84
C VAL B 125 -11.02 -20.14 -20.89
N GLY B 126 -12.17 -19.67 -21.38
CA GLY B 126 -13.07 -18.96 -20.50
C GLY B 126 -14.42 -19.62 -20.32
N PHE B 127 -15.47 -18.82 -20.47
CA PHE B 127 -16.84 -19.31 -20.41
C PHE B 127 -17.04 -20.58 -21.24
N TYR B 128 -16.50 -20.58 -22.45
CA TYR B 128 -16.65 -21.71 -23.35
C TYR B 128 -16.04 -23.00 -22.79
N SER B 129 -15.33 -22.88 -21.68
CA SER B 129 -14.86 -24.05 -20.95
C SER B 129 -16.02 -25.03 -20.80
N ALA B 130 -17.22 -24.49 -20.61
CA ALA B 130 -18.40 -25.31 -20.36
C ALA B 130 -18.51 -26.44 -21.37
N PHE B 131 -18.17 -26.15 -22.62
CA PHE B 131 -18.35 -27.12 -23.70
C PHE B 131 -17.35 -28.28 -23.62
N ILE B 132 -16.53 -28.28 -22.56
CA ILE B 132 -15.57 -29.36 -22.38
C ILE B 132 -16.26 -30.55 -21.73
N VAL B 133 -17.39 -30.28 -21.08
CA VAL B 133 -18.21 -31.34 -20.49
C VAL B 133 -19.66 -31.24 -20.95
N ALA B 134 -19.99 -30.15 -21.62
CA ALA B 134 -21.32 -29.97 -22.19
C ALA B 134 -21.28 -30.16 -23.70
N ASP B 135 -22.42 -30.52 -24.30
CA ASP B 135 -22.57 -30.45 -25.74
C ASP B 135 -23.76 -29.58 -26.12
N LYS B 136 -24.37 -28.95 -25.12
CA LYS B 136 -25.34 -27.89 -25.35
C LYS B 136 -25.43 -26.96 -24.15
N VAL B 137 -24.99 -25.73 -24.33
CA VAL B 137 -25.05 -24.73 -23.26
C VAL B 137 -26.19 -23.75 -23.53
N THR B 138 -27.06 -23.60 -22.54
CA THR B 138 -28.31 -22.87 -22.72
C THR B 138 -28.43 -21.75 -21.70
N VAL B 139 -28.21 -20.52 -22.14
CA VAL B 139 -28.22 -19.36 -21.24
C VAL B 139 -29.55 -18.62 -21.28
N ARG B 140 -30.18 -18.46 -20.12
CA ARG B 140 -31.28 -17.53 -19.96
C ARG B 140 -30.83 -16.46 -18.98
N THR B 141 -31.02 -15.19 -19.33
CA THR B 141 -30.57 -14.12 -18.46
C THR B 141 -31.28 -12.79 -18.68
N ARG B 142 -31.32 -11.97 -17.63
CA ARG B 142 -31.83 -10.61 -17.72
C ARG B 142 -31.10 -9.71 -16.73
N ALA B 143 -30.81 -8.48 -17.15
CA ALA B 143 -29.88 -7.61 -16.44
C ALA B 143 -30.60 -6.56 -15.60
N ALA B 144 -30.08 -6.33 -14.40
CA ALA B 144 -30.73 -5.48 -13.41
C ALA B 144 -31.23 -4.18 -14.03
N GLY B 145 -32.43 -3.77 -13.63
CA GLY B 145 -32.99 -2.53 -14.13
C GLY B 145 -33.90 -2.73 -15.32
N GLU B 146 -33.44 -3.53 -16.29
CA GLU B 146 -34.22 -3.75 -17.50
C GLU B 146 -35.55 -4.43 -17.17
N LYS B 147 -36.61 -4.00 -17.83
CA LYS B 147 -37.92 -4.64 -17.66
C LYS B 147 -37.79 -6.13 -17.96
N PRO B 148 -38.50 -6.96 -17.20
CA PRO B 148 -38.31 -8.41 -17.18
C PRO B 148 -38.43 -9.07 -18.56
N GLU B 149 -38.99 -8.33 -19.52
CA GLU B 149 -39.24 -8.86 -20.84
C GLU B 149 -38.00 -8.78 -21.72
N ASN B 150 -37.02 -7.99 -21.27
CA ASN B 150 -35.77 -7.83 -22.00
C ASN B 150 -34.78 -8.93 -21.68
N GLY B 151 -35.30 -10.10 -21.33
CA GLY B 151 -34.44 -11.25 -21.11
C GLY B 151 -33.75 -11.68 -22.39
N VAL B 152 -32.73 -12.53 -22.27
CA VAL B 152 -32.01 -13.01 -23.44
C VAL B 152 -31.79 -14.52 -23.39
N PHE B 153 -31.99 -15.17 -24.54
CA PHE B 153 -31.77 -16.60 -24.68
C PHE B 153 -30.49 -16.85 -25.48
N TRP B 154 -29.70 -17.82 -25.05
CA TRP B 154 -28.47 -18.17 -25.76
C TRP B 154 -28.20 -19.68 -25.69
N GLU B 155 -28.56 -20.39 -26.74
CA GLU B 155 -28.18 -21.79 -26.87
C GLU B 155 -27.00 -21.92 -27.83
N SER B 156 -26.18 -22.94 -27.62
CA SER B 156 -25.07 -23.21 -28.53
C SER B 156 -24.57 -24.65 -28.41
N ALA B 157 -24.06 -25.18 -29.51
CA ALA B 157 -23.49 -26.53 -29.52
C ALA B 157 -21.99 -26.48 -29.25
N GLY B 158 -21.45 -25.27 -29.12
CA GLY B 158 -20.02 -25.12 -28.95
C GLY B 158 -19.27 -25.32 -30.25
N GLU B 159 -19.98 -25.19 -31.36
CA GLU B 159 -19.35 -25.02 -32.67
C GLU B 159 -19.27 -23.52 -32.97
N GLY B 160 -19.33 -23.18 -34.26
CA GLY B 160 -19.14 -21.79 -34.65
C GLY B 160 -20.43 -20.98 -34.64
N GLU B 161 -21.51 -21.60 -34.20
CA GLU B 161 -22.83 -21.00 -34.33
C GLU B 161 -23.63 -21.03 -33.02
N TYR B 162 -24.16 -19.88 -32.62
CA TYR B 162 -25.02 -19.80 -31.45
C TYR B 162 -26.37 -19.20 -31.83
N THR B 163 -27.37 -19.48 -31.01
CA THR B 163 -28.69 -18.89 -31.20
C THR B 163 -29.01 -17.91 -30.07
N VAL B 164 -29.50 -16.73 -30.45
CA VAL B 164 -29.89 -15.71 -29.49
C VAL B 164 -31.33 -15.26 -29.72
N ALA B 165 -32.07 -15.05 -28.64
CA ALA B 165 -33.48 -14.75 -28.73
C ALA B 165 -33.99 -13.97 -27.51
N ASP B 166 -34.93 -13.06 -27.74
CA ASP B 166 -35.53 -12.31 -26.65
C ASP B 166 -36.56 -13.16 -25.92
N ILE B 167 -36.30 -13.39 -24.63
CA ILE B 167 -37.24 -14.10 -23.76
C ILE B 167 -37.61 -13.21 -22.58
N THR B 168 -38.28 -13.79 -21.59
CA THR B 168 -38.66 -13.07 -20.39
C THR B 168 -38.42 -13.91 -19.14
N LYS B 169 -37.99 -13.27 -18.07
CA LYS B 169 -37.89 -13.95 -16.78
C LYS B 169 -38.01 -12.95 -15.63
N GLU B 170 -39.04 -13.13 -14.80
CA GLU B 170 -39.39 -12.16 -13.78
C GLU B 170 -38.49 -12.30 -12.55
N ASP B 171 -37.20 -12.44 -12.78
CA ASP B 171 -36.26 -12.75 -11.70
C ASP B 171 -34.82 -12.59 -12.17
N ARG B 172 -34.18 -11.49 -11.73
CA ARG B 172 -32.92 -11.04 -12.32
C ARG B 172 -31.83 -12.10 -12.25
N GLY B 173 -30.91 -12.06 -13.21
CA GLY B 173 -29.71 -12.87 -13.10
C GLY B 173 -29.38 -13.71 -14.31
N THR B 174 -28.56 -14.74 -14.10
CA THR B 174 -28.03 -15.55 -15.18
C THR B 174 -28.24 -17.03 -14.92
N GLU B 175 -28.93 -17.71 -15.83
CA GLU B 175 -29.16 -19.14 -15.70
C GLU B 175 -28.37 -19.90 -16.75
N ILE B 176 -27.27 -20.52 -16.33
CA ILE B 176 -26.46 -21.33 -17.24
C ILE B 176 -26.83 -22.80 -17.11
N THR B 177 -27.47 -23.35 -18.14
CA THR B 177 -27.88 -24.74 -18.12
C THR B 177 -26.96 -25.55 -19.02
N LEU B 178 -26.16 -26.42 -18.42
CA LEU B 178 -25.30 -27.32 -19.19
C LEU B 178 -25.98 -28.66 -19.47
N HIS B 179 -26.00 -29.04 -20.73
CA HIS B 179 -26.46 -30.38 -21.12
C HIS B 179 -25.26 -31.30 -21.20
N LEU B 180 -25.17 -32.24 -20.25
CA LEU B 180 -23.94 -33.01 -20.08
C LEU B 180 -23.70 -34.03 -21.18
N ARG B 181 -22.43 -34.35 -21.40
CA ARG B 181 -22.04 -35.31 -22.42
C ARG B 181 -22.19 -36.74 -21.92
N GLU B 182 -22.50 -37.64 -22.84
CA GLU B 182 -22.29 -39.07 -22.61
C GLU B 182 -20.92 -39.26 -21.95
N GLY B 183 -20.89 -40.06 -20.89
CA GLY B 183 -19.65 -40.32 -20.20
C GLY B 183 -19.46 -39.52 -18.93
N GLU B 184 -19.74 -38.22 -18.99
CA GLU B 184 -19.36 -37.31 -17.92
C GLU B 184 -20.37 -37.26 -16.79
N ASP B 185 -21.07 -38.38 -16.56
CA ASP B 185 -22.01 -38.49 -15.46
C ASP B 185 -21.38 -38.11 -14.13
N GLU B 186 -20.07 -37.92 -14.12
CA GLU B 186 -19.34 -37.61 -12.91
C GLU B 186 -19.77 -36.27 -12.32
N PHE B 187 -20.36 -35.42 -13.16
CA PHE B 187 -20.76 -34.09 -12.71
C PHE B 187 -22.24 -33.99 -12.40
N LEU B 188 -22.85 -35.10 -12.04
CA LEU B 188 -24.19 -35.10 -11.46
C LEU B 188 -24.11 -35.46 -9.99
N ASP B 189 -22.93 -35.93 -9.58
CA ASP B 189 -22.64 -36.15 -8.17
C ASP B 189 -22.54 -34.83 -7.42
N ASP B 190 -23.63 -34.45 -6.77
CA ASP B 190 -23.65 -33.21 -6.01
C ASP B 190 -22.49 -33.14 -5.03
N TRP B 191 -21.98 -34.29 -4.62
CA TRP B 191 -20.80 -34.33 -3.77
C TRP B 191 -19.56 -33.87 -4.53
N ARG B 192 -19.21 -34.61 -5.58
CA ARG B 192 -17.99 -34.32 -6.32
C ARG B 192 -17.95 -32.84 -6.67
N VAL B 193 -19.05 -32.34 -7.21
CA VAL B 193 -19.19 -30.92 -7.51
C VAL B 193 -18.85 -30.11 -6.27
N ARG B 194 -19.52 -30.42 -5.16
CA ARG B 194 -19.23 -29.75 -3.89
C ARG B 194 -17.74 -29.72 -3.59
N SER B 195 -17.12 -30.89 -3.54
CA SER B 195 -15.75 -31.01 -3.08
C SER B 195 -14.79 -30.24 -3.98
N ILE B 196 -15.06 -30.26 -5.29
CA ILE B 196 -14.35 -29.39 -6.23
C ILE B 196 -14.49 -27.93 -5.81
N ILE B 197 -15.73 -27.44 -5.78
CA ILE B 197 -15.99 -26.02 -5.58
C ILE B 197 -15.41 -25.52 -4.27
N SER B 198 -15.21 -26.42 -3.32
CA SER B 198 -14.80 -26.03 -1.97
C SER B 198 -13.39 -25.46 -1.99
N LYS B 199 -12.55 -25.98 -2.86
CA LYS B 199 -11.18 -25.50 -2.99
C LYS B 199 -11.17 -24.04 -3.45
N TYR B 200 -12.16 -23.67 -4.24
CA TYR B 200 -12.23 -22.32 -4.81
C TYR B 200 -12.77 -21.33 -3.78
N SER B 201 -13.75 -21.78 -3.00
CA SER B 201 -14.65 -20.88 -2.28
C SER B 201 -13.93 -20.00 -1.25
N ASP B 202 -12.64 -20.24 -1.07
CA ASP B 202 -11.83 -19.42 -0.17
C ASP B 202 -11.12 -18.29 -0.90
N HIS B 203 -11.35 -18.19 -2.21
CA HIS B 203 -11.00 -16.98 -2.94
C HIS B 203 -12.25 -16.34 -3.54
N ILE B 204 -13.33 -17.12 -3.65
CA ILE B 204 -14.53 -16.67 -4.36
C ILE B 204 -15.20 -15.56 -3.55
N ALA B 205 -16.11 -14.84 -4.19
CA ALA B 205 -16.63 -13.60 -3.62
C ALA B 205 -18.07 -13.73 -3.15
N LEU B 206 -18.62 -14.93 -3.24
CA LEU B 206 -20.06 -15.12 -3.21
C LEU B 206 -20.47 -16.37 -2.42
N PRO B 207 -21.70 -16.40 -1.91
CA PRO B 207 -22.32 -17.67 -1.52
C PRO B 207 -22.52 -18.59 -2.72
N VAL B 208 -21.89 -19.76 -2.67
CA VAL B 208 -22.20 -20.84 -3.60
C VAL B 208 -23.07 -21.87 -2.89
N GLU B 209 -24.33 -21.98 -3.33
CA GLU B 209 -25.25 -22.93 -2.72
C GLU B 209 -25.43 -24.16 -3.63
N ILE B 210 -25.31 -25.34 -3.03
CA ILE B 210 -25.40 -26.58 -3.80
C ILE B 210 -26.67 -27.34 -3.45
N GLU B 211 -27.36 -27.84 -4.48
CA GLU B 211 -28.58 -28.63 -4.27
C GLU B 211 -28.28 -29.87 -3.44
N LYS B 212 -28.99 -30.02 -2.33
CA LYS B 212 -28.87 -31.21 -1.50
C LYS B 212 -30.19 -31.96 -1.45
N ARG B 213 -30.27 -33.05 -2.20
CA ARG B 213 -31.43 -33.95 -2.13
C ARG B 213 -31.19 -35.03 -1.09
N GLU B 214 -31.80 -34.87 0.08
CA GLU B 214 -31.71 -35.91 1.12
C GLU B 214 -33.10 -36.39 1.53
N GLU B 215 -33.24 -37.71 1.63
CA GLU B 215 -34.55 -38.33 1.79
C GLU B 215 -34.73 -38.79 3.23
N LYS B 216 -35.81 -38.34 3.86
CA LYS B 216 -36.08 -38.65 5.25
C LYS B 216 -37.49 -38.23 5.64
N ASP B 217 -38.02 -38.85 6.69
CA ASP B 217 -39.45 -38.85 6.98
C ASP B 217 -40.28 -39.57 5.91
N GLY B 218 -39.61 -40.34 5.06
CA GLY B 218 -40.21 -40.77 3.82
C GLY B 218 -40.26 -39.70 2.74
N GLU B 219 -40.25 -38.44 3.17
CA GLU B 219 -40.41 -37.33 2.24
C GLU B 219 -39.06 -36.78 1.79
N THR B 220 -38.87 -36.69 0.48
CA THR B 220 -37.58 -36.32 -0.09
C THR B 220 -37.45 -34.81 -0.14
N VAL B 221 -36.60 -34.25 0.73
CA VAL B 221 -36.43 -32.81 0.79
C VAL B 221 -35.25 -32.36 -0.06
N ILE B 222 -35.36 -31.15 -0.60
CA ILE B 222 -34.23 -30.47 -1.20
C ILE B 222 -33.91 -29.22 -0.39
N SER B 223 -32.75 -29.21 0.24
CA SER B 223 -32.22 -27.99 0.82
C SER B 223 -31.27 -27.34 -0.16
N TRP B 224 -30.91 -26.09 0.11
CA TRP B 224 -29.72 -25.50 -0.46
C TRP B 224 -28.66 -25.42 0.63
N GLU B 225 -27.46 -25.92 0.32
CA GLU B 225 -26.39 -25.97 1.30
C GLU B 225 -25.26 -25.04 0.90
N LYS B 226 -25.11 -23.94 1.62
CA LYS B 226 -23.95 -23.07 1.47
C LYS B 226 -22.70 -23.81 1.92
N ILE B 227 -21.67 -23.79 1.07
CA ILE B 227 -20.54 -24.71 1.22
C ILE B 227 -19.39 -23.98 1.88
N ASN B 228 -19.64 -22.73 2.27
CA ASN B 228 -18.73 -21.97 3.12
C ASN B 228 -19.56 -21.47 4.30
N LYS B 229 -19.61 -22.28 5.34
CA LYS B 229 -20.44 -22.05 6.51
C LYS B 229 -19.99 -20.79 7.24
N ALA B 230 -18.71 -20.46 7.08
CA ALA B 230 -18.15 -19.24 7.64
C ALA B 230 -17.96 -19.35 9.15
N GLN B 231 -16.70 -19.40 9.58
CA GLN B 231 -16.40 -19.51 11.00
C GLN B 231 -16.52 -18.14 11.63
N ALA B 232 -17.70 -17.83 12.15
CA ALA B 232 -18.13 -16.45 12.31
C ALA B 232 -18.93 -16.25 13.60
N LEU B 233 -18.24 -15.82 14.64
CA LEU B 233 -18.84 -15.75 15.97
C LEU B 233 -19.95 -14.71 16.00
N TRP B 234 -20.02 -13.90 14.95
CA TRP B 234 -21.10 -12.93 14.80
C TRP B 234 -22.14 -13.42 13.78
N THR B 235 -22.18 -14.73 13.57
CA THR B 235 -23.14 -15.32 12.64
C THR B 235 -24.17 -16.19 13.36
N ARG B 236 -23.70 -17.10 14.20
CA ARG B 236 -24.58 -17.83 15.10
C ARG B 236 -25.41 -16.83 15.89
N ASN B 237 -26.72 -16.89 15.71
CA ASN B 237 -27.63 -15.90 16.25
C ASN B 237 -27.62 -15.88 17.78
N LYS B 238 -28.31 -14.89 18.35
CA LYS B 238 -28.19 -14.59 19.76
C LYS B 238 -28.63 -15.76 20.65
N SER B 239 -29.30 -16.75 20.05
CA SER B 239 -29.61 -17.97 20.77
C SER B 239 -28.68 -19.12 20.36
N GLU B 240 -27.38 -18.91 20.51
CA GLU B 240 -26.45 -20.03 20.65
C GLU B 240 -25.22 -19.64 21.46
N ILE B 241 -25.10 -18.36 21.77
CA ILE B 241 -23.84 -17.79 22.22
C ILE B 241 -23.76 -17.66 23.74
N THR B 242 -22.55 -17.82 24.28
CA THR B 242 -22.34 -17.72 25.72
C THR B 242 -21.91 -16.30 26.08
N ASP B 243 -22.38 -15.81 27.22
CA ASP B 243 -21.95 -14.50 27.72
C ASP B 243 -20.43 -14.45 27.80
N GLU B 244 -19.83 -15.58 28.15
CA GLU B 244 -18.38 -15.70 28.16
C GLU B 244 -17.86 -15.61 26.72
N GLU B 245 -18.51 -16.34 25.82
CA GLU B 245 -18.12 -16.33 24.41
C GLU B 245 -18.04 -14.90 23.88
N TYR B 246 -19.13 -14.15 24.07
CA TYR B 246 -19.15 -12.74 23.71
C TYR B 246 -17.97 -12.01 24.35
N LYS B 247 -17.87 -12.12 25.68
CA LYS B 247 -16.84 -11.40 26.42
C LYS B 247 -15.45 -11.70 25.87
N GLU B 248 -15.14 -12.99 25.76
CA GLU B 248 -13.86 -13.42 25.18
C GLU B 248 -13.62 -12.73 23.85
N PHE B 249 -14.66 -12.68 23.00
CA PHE B 249 -14.51 -12.15 21.67
C PHE B 249 -14.07 -10.69 21.71
N TYR B 250 -14.88 -9.84 22.31
CA TYR B 250 -14.53 -8.43 22.44
C TYR B 250 -13.10 -8.29 22.92
N LYS B 251 -12.75 -9.03 23.97
CA LYS B 251 -11.39 -9.06 24.48
C LYS B 251 -10.40 -9.18 23.33
N HIS B 252 -10.60 -10.19 22.49
CA HIS B 252 -9.67 -10.50 21.42
C HIS B 252 -9.55 -9.36 20.42
N ILE B 253 -10.68 -8.92 19.88
CA ILE B 253 -10.68 -7.91 18.82
C ILE B 253 -10.55 -6.50 19.38
N ALA B 254 -10.14 -6.39 20.65
CA ALA B 254 -9.88 -5.09 21.26
C ALA B 254 -8.45 -4.99 21.77
N HIS B 255 -7.78 -6.13 21.90
CA HIS B 255 -6.48 -6.18 22.55
C HIS B 255 -6.59 -5.67 23.97
N ASP B 256 -7.83 -5.57 24.45
CA ASP B 256 -8.09 -5.29 25.86
C ASP B 256 -8.51 -6.58 26.56
N PHE B 257 -8.44 -6.58 27.88
CA PHE B 257 -8.51 -7.81 28.65
C PHE B 257 -9.51 -7.72 29.80
N ASN B 258 -10.00 -6.52 30.05
CA ASN B 258 -11.22 -6.35 30.84
C ASN B 258 -12.43 -6.81 30.02
N ASP B 259 -13.50 -7.17 30.73
CA ASP B 259 -14.75 -7.56 30.07
C ASP B 259 -15.46 -6.33 29.53
N PRO B 260 -16.30 -6.51 28.51
CA PRO B 260 -17.20 -5.44 28.06
C PRO B 260 -18.30 -5.18 29.09
N LEU B 261 -18.81 -3.95 29.11
CA LEU B 261 -19.92 -3.63 30.00
C LEU B 261 -21.24 -4.07 29.40
N THR B 262 -21.28 -4.16 28.06
CA THR B 262 -22.48 -4.57 27.36
C THR B 262 -22.20 -4.68 25.86
N TRP B 263 -23.14 -5.28 25.14
CA TRP B 263 -22.99 -5.46 23.70
C TRP B 263 -24.35 -5.57 23.01
N SER B 264 -24.41 -5.14 21.76
CA SER B 264 -25.57 -5.38 20.92
C SER B 264 -25.16 -6.09 19.63
N HIS B 265 -25.68 -7.29 19.43
CA HIS B 265 -25.37 -8.08 18.25
C HIS B 265 -26.65 -8.44 17.51
N ASN B 266 -26.84 -7.84 16.34
CA ASN B 266 -28.10 -7.98 15.61
C ASN B 266 -27.88 -8.29 14.14
N ARG B 267 -28.96 -8.57 13.42
CA ARG B 267 -28.91 -8.87 12.00
C ARG B 267 -30.02 -8.15 11.26
N VAL B 268 -29.64 -7.29 10.32
CA VAL B 268 -30.63 -6.56 9.53
C VAL B 268 -30.77 -7.12 8.12
N GLU B 269 -31.97 -7.59 7.81
CA GLU B 269 -32.39 -7.86 6.43
C GLU B 269 -33.05 -6.59 5.90
N GLY B 270 -33.29 -6.54 4.59
CA GLY B 270 -33.98 -5.39 4.02
C GLY B 270 -33.09 -4.45 3.25
N LYS B 271 -33.29 -3.15 3.46
CA LYS B 271 -32.78 -2.13 2.53
C LYS B 271 -31.29 -2.28 2.28
N GLN B 272 -30.47 -1.86 3.23
CA GLN B 272 -29.11 -2.35 3.33
C GLN B 272 -29.08 -3.53 4.30
N GLU B 273 -28.06 -4.37 4.18
CA GLU B 273 -28.12 -5.72 4.73
C GLU B 273 -26.79 -6.07 5.38
N TYR B 274 -26.83 -6.43 6.67
CA TYR B 274 -25.60 -6.49 7.45
C TYR B 274 -25.79 -7.00 8.87
N THR B 275 -24.82 -7.80 9.33
CA THR B 275 -24.83 -8.30 10.70
C THR B 275 -23.87 -7.45 11.53
N SER B 276 -24.40 -6.81 12.57
CA SER B 276 -23.59 -5.88 13.37
C SER B 276 -23.40 -6.36 14.80
N LEU B 277 -22.18 -6.21 15.31
CA LEU B 277 -21.88 -6.51 16.70
C LEU B 277 -21.04 -5.39 17.31
N LEU B 278 -21.53 -4.82 18.41
CA LEU B 278 -20.88 -3.67 19.01
C LEU B 278 -20.72 -3.82 20.53
N TYR B 279 -19.59 -3.33 21.04
CA TYR B 279 -19.29 -3.42 22.46
C TYR B 279 -19.11 -2.05 23.09
N ILE B 280 -19.43 -1.93 24.37
CA ILE B 280 -19.09 -0.75 25.15
C ILE B 280 -18.06 -1.14 26.21
N PRO B 281 -16.78 -0.75 26.00
CA PRO B 281 -15.69 -1.12 26.91
C PRO B 281 -15.93 -0.65 28.34
N SER B 282 -15.05 -1.07 29.24
CA SER B 282 -15.15 -0.68 30.64
C SER B 282 -14.00 0.24 31.02
N GLN B 283 -13.02 0.37 30.12
CA GLN B 283 -11.83 1.14 30.41
C GLN B 283 -11.37 1.91 29.17
N ALA B 284 -11.67 3.21 29.14
CA ALA B 284 -11.18 4.06 28.07
C ALA B 284 -9.67 3.94 27.96
N PRO B 285 -9.18 3.44 26.82
CA PRO B 285 -7.74 3.23 26.60
C PRO B 285 -6.92 4.50 26.68
N TRP B 286 -5.64 4.39 26.34
CA TRP B 286 -4.72 5.52 26.33
C TRP B 286 -5.11 6.58 25.31
N ASP B 287 -5.31 6.15 24.07
CA ASP B 287 -5.46 7.07 22.94
C ASP B 287 -6.69 7.96 23.06
N MET B 288 -7.57 7.61 24.00
CA MET B 288 -8.93 8.13 24.05
C MET B 288 -9.05 9.60 23.65
N TRP B 289 -8.24 10.43 24.26
CA TRP B 289 -8.34 11.86 24.03
C TRP B 289 -7.20 12.45 23.21
N ASN B 290 -6.74 11.68 22.23
CA ASN B 290 -5.61 12.08 21.41
C ASN B 290 -5.89 11.69 19.96
N ARG B 291 -5.62 12.61 19.04
CA ARG B 291 -5.54 12.30 17.61
C ARG B 291 -6.91 12.04 16.99
N ASP B 292 -6.94 11.92 15.67
CA ASP B 292 -8.18 11.78 14.91
C ASP B 292 -8.36 10.28 14.85
N HIS B 293 -7.27 9.56 15.15
CA HIS B 293 -7.25 8.11 15.10
C HIS B 293 -8.34 7.53 16.00
N LYS B 294 -9.48 7.22 15.40
CA LYS B 294 -10.52 6.45 16.08
C LYS B 294 -10.56 5.04 15.51
N HIS B 295 -10.62 4.06 16.39
CA HIS B 295 -10.35 2.67 16.01
C HIS B 295 -11.65 1.86 15.96
N GLY B 296 -11.77 0.89 16.87
CA GLY B 296 -13.03 0.17 17.03
C GLY B 296 -13.52 -0.57 15.79
N LEU B 297 -14.47 0.04 15.09
CA LEU B 297 -15.28 -0.68 14.10
C LEU B 297 -14.45 -1.38 13.03
N LYS B 298 -14.47 -2.71 13.04
CA LYS B 298 -13.86 -3.49 11.97
C LYS B 298 -14.90 -3.76 10.89
N LEU B 299 -14.61 -3.36 9.66
CA LEU B 299 -15.59 -3.54 8.59
C LEU B 299 -15.33 -4.78 7.76
N TYR B 300 -16.24 -5.75 7.86
CA TYR B 300 -16.20 -6.94 7.01
C TYR B 300 -17.20 -6.82 5.88
N VAL B 301 -16.86 -7.42 4.74
CA VAL B 301 -17.76 -7.47 3.59
C VAL B 301 -17.94 -8.90 3.10
N GLN B 302 -19.16 -9.42 3.26
CA GLN B 302 -19.45 -10.80 2.92
C GLN B 302 -18.64 -11.76 3.78
N ARG B 303 -18.70 -11.57 5.10
CA ARG B 303 -17.94 -12.39 6.03
C ARG B 303 -16.46 -12.40 5.68
N VAL B 304 -16.03 -11.40 4.92
CA VAL B 304 -14.62 -11.23 4.60
C VAL B 304 -14.08 -9.96 5.27
N PHE B 305 -12.77 -9.95 5.54
CA PHE B 305 -12.15 -8.80 6.17
C PHE B 305 -11.82 -7.74 5.13
N ILE B 306 -12.17 -6.50 5.43
CA ILE B 306 -11.74 -5.37 4.61
C ILE B 306 -10.67 -4.58 5.35
N MET B 307 -11.09 -3.60 6.14
CA MET B 307 -10.16 -2.86 6.97
C MET B 307 -10.46 -3.00 8.46
N ASP B 308 -9.40 -3.29 9.21
CA ASP B 308 -9.24 -2.78 10.56
C ASP B 308 -9.61 -1.30 10.56
N ASP B 309 -10.75 -0.98 11.15
CA ASP B 309 -10.96 0.33 11.74
C ASP B 309 -11.36 1.39 10.74
N ALA B 310 -12.66 1.69 10.70
CA ALA B 310 -13.15 2.94 10.11
C ALA B 310 -13.80 3.77 11.21
N GLU B 311 -13.27 4.97 11.43
CA GLU B 311 -14.07 6.05 11.98
C GLU B 311 -14.87 6.73 10.87
N GLN B 312 -16.16 6.40 10.81
CA GLN B 312 -16.96 6.62 9.62
C GLN B 312 -18.36 6.06 9.87
N PHE B 313 -18.41 4.85 10.39
CA PHE B 313 -19.66 4.28 10.88
C PHE B 313 -19.83 4.57 12.36
N MET B 314 -19.14 5.60 12.84
CA MET B 314 -19.32 6.09 14.20
C MET B 314 -19.11 7.59 14.32
N PRO B 315 -20.08 8.31 14.88
CA PRO B 315 -19.92 9.71 15.26
C PRO B 315 -18.96 9.86 16.43
N ASN B 316 -18.27 11.00 16.50
CA ASN B 316 -17.22 11.21 17.49
C ASN B 316 -17.68 10.94 18.92
N TYR B 317 -18.91 11.35 19.24
CA TYR B 317 -19.38 11.28 20.62
C TYR B 317 -19.72 9.85 21.02
N LEU B 318 -19.29 8.88 20.20
CA LEU B 318 -19.40 7.47 20.55
C LEU B 318 -18.14 6.72 20.11
N ARG B 319 -17.03 7.44 20.01
CA ARG B 319 -15.78 6.88 19.51
C ARG B 319 -15.13 5.94 20.51
N PHE B 320 -15.89 5.52 21.52
CA PHE B 320 -15.45 4.44 22.40
C PHE B 320 -15.98 3.09 21.92
N VAL B 321 -17.11 3.12 21.23
CA VAL B 321 -17.74 1.91 20.73
C VAL B 321 -16.73 1.02 20.01
N ARG B 322 -16.57 -0.21 20.49
CA ARG B 322 -15.74 -1.19 19.81
C ARG B 322 -16.61 -2.28 19.19
N GLY B 323 -16.02 -3.09 18.31
CA GLY B 323 -16.76 -4.16 17.68
C GLY B 323 -16.50 -4.26 16.19
N LEU B 324 -17.51 -4.72 15.45
CA LEU B 324 -17.37 -4.93 14.02
C LEU B 324 -18.71 -5.05 13.34
N ILE B 325 -18.83 -4.43 12.16
CA ILE B 325 -20.02 -4.59 11.33
C ILE B 325 -19.65 -5.40 10.09
N ASP B 326 -20.54 -6.31 9.70
CA ASP B 326 -20.30 -7.18 8.56
C ASP B 326 -21.37 -6.97 7.50
N SER B 327 -21.07 -6.11 6.53
CA SER B 327 -22.00 -5.85 5.44
C SER B 327 -21.93 -6.92 4.35
N SER B 328 -23.09 -7.24 3.79
CA SER B 328 -23.17 -7.63 2.39
C SER B 328 -23.82 -6.49 1.62
N ASP B 329 -23.86 -6.59 0.30
CA ASP B 329 -24.46 -5.55 -0.53
C ASP B 329 -23.67 -4.26 -0.45
N LEU B 330 -22.67 -4.25 0.42
CA LEU B 330 -21.56 -3.31 0.29
C LEU B 330 -20.49 -4.02 -0.54
N PRO B 331 -20.14 -3.45 -1.70
CA PRO B 331 -19.19 -4.08 -2.62
C PRO B 331 -17.78 -4.21 -2.06
N LEU B 332 -17.35 -5.45 -1.85
CA LEU B 332 -15.96 -5.74 -1.53
C LEU B 332 -15.05 -4.95 -2.46
N ASN B 333 -13.86 -4.60 -1.97
CA ASN B 333 -12.92 -3.72 -2.66
C ASN B 333 -13.14 -2.27 -2.23
N VAL B 334 -14.33 -2.00 -1.68
CA VAL B 334 -14.61 -0.71 -1.06
C VAL B 334 -13.48 -0.31 -0.13
N SER B 335 -13.19 0.99 -0.07
CA SER B 335 -12.28 1.53 0.94
C SER B 335 -12.74 2.91 1.37
N ARG B 336 -12.14 3.41 2.45
CA ARG B 336 -12.57 4.65 3.09
C ARG B 336 -13.00 5.72 2.09
N GLU B 337 -12.14 5.98 1.12
CA GLU B 337 -12.46 6.92 0.04
C GLU B 337 -13.83 6.60 -0.57
N ILE B 338 -13.96 5.40 -1.13
CA ILE B 338 -15.16 5.01 -1.86
C ILE B 338 -16.40 5.23 -1.00
N LEU B 339 -16.32 4.77 0.26
CA LEU B 339 -17.41 4.97 1.20
C LEU B 339 -17.76 6.45 1.33
N GLN B 340 -16.73 7.27 1.49
CA GLN B 340 -16.93 8.69 1.75
C GLN B 340 -17.43 9.40 0.50
N ASP B 341 -17.58 8.64 -0.59
CA ASP B 341 -18.21 9.16 -1.80
C ASP B 341 -19.64 8.67 -1.95
N SER B 342 -19.92 7.48 -1.42
CA SER B 342 -21.28 6.93 -1.44
C SER B 342 -22.17 7.58 -0.38
N THR B 343 -23.46 7.29 -0.45
CA THR B 343 -24.43 7.76 0.54
C THR B 343 -24.66 6.67 1.58
N VAL B 344 -24.57 5.42 1.12
CA VAL B 344 -24.76 4.26 1.97
C VAL B 344 -24.04 4.44 3.31
N THR B 345 -22.87 5.06 3.26
CA THR B 345 -22.10 5.34 4.46
C THR B 345 -22.94 6.18 5.41
N ARG B 346 -23.32 7.36 4.95
CA ARG B 346 -24.20 8.25 5.71
C ARG B 346 -25.26 7.43 6.43
N ASN B 347 -25.99 6.63 5.66
CA ASN B 347 -27.12 5.89 6.22
C ASN B 347 -26.66 4.85 7.24
N LEU B 348 -25.69 4.04 6.87
CA LEU B 348 -25.21 2.96 7.73
C LEU B 348 -24.76 3.51 9.06
N ARG B 349 -23.90 4.53 9.01
CA ARG B 349 -23.56 5.31 10.19
C ARG B 349 -24.79 5.55 11.04
N ASN B 350 -25.73 6.35 10.52
CA ASN B 350 -26.86 6.79 11.33
C ASN B 350 -27.54 5.61 12.03
N ALA B 351 -27.85 4.57 11.27
CA ALA B 351 -28.50 3.38 11.81
C ALA B 351 -27.73 2.88 13.03
N LEU B 352 -26.42 2.68 12.86
CA LEU B 352 -25.60 2.14 13.94
C LEU B 352 -25.66 3.03 15.17
N THR B 353 -25.57 4.34 14.96
CA THR B 353 -25.64 5.31 16.04
C THR B 353 -26.90 5.07 16.87
N LYS B 354 -28.02 4.87 16.17
CA LYS B 354 -29.25 4.46 16.85
C LYS B 354 -29.02 3.22 17.69
N ARG B 355 -28.45 2.18 17.07
CA ARG B 355 -28.29 0.90 17.74
C ARG B 355 -27.44 1.05 19.00
N VAL B 356 -26.37 1.83 18.90
CA VAL B 356 -25.49 2.08 20.05
C VAL B 356 -26.24 2.77 21.18
N LEU B 357 -26.93 3.86 20.85
CA LEU B 357 -27.65 4.62 21.86
C LEU B 357 -28.70 3.75 22.57
N GLN B 358 -29.44 2.97 21.80
CA GLN B 358 -30.38 2.02 22.37
C GLN B 358 -29.67 1.10 23.35
N MET B 359 -28.58 0.50 22.91
CA MET B 359 -27.82 -0.44 23.73
C MET B 359 -27.48 0.21 25.09
N LEU B 360 -27.15 1.49 25.05
CA LEU B 360 -26.86 2.25 26.26
C LEU B 360 -28.09 2.44 27.13
N GLU B 361 -29.14 3.02 26.56
CA GLU B 361 -30.41 3.18 27.26
C GLU B 361 -30.72 1.93 28.08
N LYS B 362 -30.63 0.78 27.42
CA LYS B 362 -30.99 -0.49 28.07
C LYS B 362 -30.04 -0.79 29.22
N LEU B 363 -28.74 -0.59 29.00
CA LEU B 363 -27.77 -0.78 30.06
C LEU B 363 -28.17 0.01 31.30
N ALA B 364 -28.82 1.16 31.07
CA ALA B 364 -29.21 2.06 32.13
C ALA B 364 -30.50 1.62 32.80
N LYS B 365 -31.25 0.76 32.11
CA LYS B 365 -32.42 0.14 32.73
C LYS B 365 -32.06 -1.11 33.53
N ASP B 366 -30.98 -1.78 33.14
CA ASP B 366 -30.76 -3.16 33.54
C ASP B 366 -29.59 -3.38 34.50
N ASP B 367 -28.71 -2.40 34.62
CA ASP B 367 -27.55 -2.55 35.50
C ASP B 367 -26.89 -1.22 35.81
N ALA B 368 -27.65 -0.32 36.44
CA ALA B 368 -27.17 1.03 36.70
C ALA B 368 -25.88 0.99 37.50
N GLU B 369 -25.64 -0.12 38.19
CA GLU B 369 -24.34 -0.40 38.76
C GLU B 369 -23.25 -0.25 37.70
N LYS B 370 -23.23 -1.18 36.76
CA LYS B 370 -22.23 -1.15 35.68
C LYS B 370 -22.28 0.17 34.92
N TYR B 371 -23.48 0.61 34.60
CA TYR B 371 -23.65 1.80 33.75
C TYR B 371 -22.92 3.00 34.34
N GLN B 372 -23.04 3.18 35.66
CA GLN B 372 -22.25 4.19 36.35
C GLN B 372 -20.79 4.09 35.95
N THR B 373 -20.26 2.87 35.95
CA THR B 373 -18.85 2.65 35.63
C THR B 373 -18.60 3.16 34.21
N PHE B 374 -19.59 2.95 33.35
CA PHE B 374 -19.57 3.51 31.99
C PHE B 374 -19.42 5.02 32.04
N TRP B 375 -20.34 5.70 32.73
CA TRP B 375 -20.38 7.15 32.73
C TRP B 375 -19.13 7.71 33.40
N GLN B 376 -18.65 7.00 34.41
CA GLN B 376 -17.33 7.29 34.97
C GLN B 376 -16.30 7.36 33.85
N GLN B 377 -16.33 6.38 32.96
CA GLN B 377 -15.27 6.21 31.97
C GLN B 377 -15.43 7.06 30.72
N PHE B 378 -16.67 7.32 30.33
CA PHE B 378 -16.94 7.86 28.98
C PHE B 378 -17.83 9.10 28.96
N GLY B 379 -18.45 9.40 30.09
CA GLY B 379 -19.41 10.50 30.12
C GLY B 379 -18.89 11.76 29.46
N LEU B 380 -17.65 12.11 29.76
CA LEU B 380 -17.05 13.34 29.24
C LEU B 380 -17.08 13.35 27.71
N VAL B 381 -17.12 12.16 27.11
CA VAL B 381 -17.22 12.04 25.66
C VAL B 381 -18.68 12.17 25.21
N LEU B 382 -19.56 11.47 25.91
CA LEU B 382 -20.97 11.45 25.56
C LEU B 382 -21.56 12.85 25.67
N LYS B 383 -20.88 13.72 26.40
CA LYS B 383 -21.32 15.10 26.58
C LYS B 383 -21.04 15.96 25.34
N GLU B 384 -20.29 15.40 24.40
CA GLU B 384 -20.20 15.98 23.06
C GLU B 384 -21.52 15.81 22.32
N GLY B 385 -22.12 14.64 22.46
CA GLY B 385 -23.31 14.31 21.69
C GLY B 385 -24.26 15.47 21.43
N PRO B 386 -24.73 16.15 22.49
CA PRO B 386 -25.77 17.18 22.34
C PRO B 386 -25.41 18.28 21.35
N ALA B 387 -24.10 18.50 21.15
CA ALA B 387 -23.64 19.57 20.27
C ALA B 387 -23.44 19.06 18.85
N GLU B 388 -23.66 17.77 18.63
CA GLU B 388 -23.03 17.09 17.51
C GLU B 388 -23.87 15.97 16.91
N ASP B 389 -25.17 15.97 17.21
CA ASP B 389 -26.12 15.11 16.50
C ASP B 389 -27.54 15.37 16.99
N PHE B 390 -28.11 16.49 16.57
CA PHE B 390 -29.37 16.98 17.12
C PHE B 390 -30.48 15.95 16.94
N ALA B 391 -30.30 15.05 15.98
CA ALA B 391 -31.37 14.12 15.61
C ALA B 391 -31.76 13.19 16.76
N ASN B 392 -30.99 13.23 17.84
CA ASN B 392 -31.19 12.31 18.96
C ASN B 392 -31.02 13.01 20.30
N GLN B 393 -30.93 14.34 20.27
CA GLN B 393 -30.61 15.12 21.47
C GLN B 393 -31.42 14.65 22.67
N GLU B 394 -32.62 14.13 22.42
CA GLU B 394 -33.41 13.47 23.45
C GLU B 394 -32.67 12.25 23.99
N ALA B 395 -32.66 11.17 23.20
CA ALA B 395 -32.22 9.87 23.66
C ALA B 395 -30.79 9.91 24.18
N ILE B 396 -30.08 10.98 23.85
CA ILE B 396 -28.79 11.27 24.48
C ILE B 396 -29.00 11.83 25.87
N ALA B 397 -29.72 12.96 25.96
CA ALA B 397 -29.83 13.70 27.21
C ALA B 397 -30.26 12.79 28.35
N LYS B 398 -31.18 11.87 28.05
CA LYS B 398 -31.56 10.85 29.02
C LYS B 398 -30.32 10.09 29.51
N LEU B 399 -29.48 9.67 28.58
CA LEU B 399 -28.26 8.94 28.93
C LEU B 399 -27.32 9.80 29.77
N LEU B 400 -27.42 11.11 29.63
CA LEU B 400 -26.60 12.02 30.41
C LEU B 400 -26.74 11.77 31.91
N ARG B 401 -25.77 12.25 32.68
CA ARG B 401 -25.79 12.10 34.13
C ARG B 401 -25.05 13.25 34.79
N PHE B 402 -25.48 13.63 35.99
CA PHE B 402 -24.97 14.82 36.65
C PHE B 402 -24.80 14.64 38.14
N ALA B 403 -24.09 15.57 38.77
CA ALA B 403 -24.13 15.74 40.22
C ALA B 403 -24.98 16.96 40.53
N SER B 404 -25.76 16.89 41.61
CA SER B 404 -26.63 18.00 41.99
C SER B 404 -26.77 18.14 43.50
N THR B 405 -27.53 19.17 43.91
CA THR B 405 -27.62 19.56 45.31
C THR B 405 -28.04 18.43 46.23
N HIS B 406 -29.04 17.66 45.81
CA HIS B 406 -29.59 16.60 46.64
C HIS B 406 -28.70 15.36 46.66
N THR B 407 -27.40 15.56 46.57
CA THR B 407 -26.46 14.45 46.62
C THR B 407 -25.09 14.93 47.12
N ASP B 408 -24.81 14.68 48.39
CA ASP B 408 -23.54 15.05 48.98
C ASP B 408 -22.43 14.07 48.60
N SER B 409 -22.00 14.14 47.35
CA SER B 409 -20.88 13.33 46.87
C SER B 409 -20.36 13.88 45.55
N SER B 410 -19.03 13.95 45.42
CA SER B 410 -18.41 14.36 44.18
C SER B 410 -19.00 13.61 42.99
N ALA B 411 -19.22 12.31 43.18
CA ALA B 411 -19.68 11.46 42.10
C ALA B 411 -21.02 11.94 41.55
N GLN B 412 -21.26 11.67 40.27
CA GLN B 412 -22.47 12.13 39.61
C GLN B 412 -23.35 10.95 39.19
N THR B 413 -24.61 10.98 39.62
CA THR B 413 -25.51 9.84 39.45
C THR B 413 -26.94 10.29 39.14
N VAL B 414 -27.13 11.60 38.98
CA VAL B 414 -28.47 12.15 38.81
C VAL B 414 -28.93 12.10 37.37
N SER B 415 -29.98 11.32 37.12
CA SER B 415 -30.67 11.33 35.83
C SER B 415 -31.49 12.61 35.72
N LEU B 416 -31.64 13.12 34.50
CA LEU B 416 -32.50 14.28 34.28
C LEU B 416 -33.94 13.92 34.65
N GLU B 417 -34.31 12.67 34.37
CA GLU B 417 -35.57 12.13 34.86
C GLU B 417 -35.61 12.30 36.38
N ASP B 418 -34.58 11.82 37.05
CA ASP B 418 -34.52 11.85 38.51
C ASP B 418 -34.65 13.28 39.01
N TYR B 419 -34.38 14.24 38.14
CA TYR B 419 -34.52 15.64 38.47
C TYR B 419 -35.99 16.05 38.43
N VAL B 420 -36.58 15.97 37.25
CA VAL B 420 -37.99 16.33 37.07
C VAL B 420 -38.87 15.52 38.01
N SER B 421 -38.53 14.26 38.21
CA SER B 421 -39.28 13.39 39.10
C SER B 421 -39.49 14.05 40.45
N ARG B 422 -38.41 14.51 41.07
CA ARG B 422 -38.49 15.11 42.40
C ARG B 422 -38.51 16.62 42.35
N MET B 423 -38.91 17.18 41.20
CA MET B 423 -39.28 18.58 41.12
C MET B 423 -40.52 18.82 41.98
N LYS B 424 -40.65 20.03 42.50
CA LYS B 424 -41.77 20.38 43.36
C LYS B 424 -42.88 21.06 42.56
N GLU B 425 -44.08 21.05 43.12
CA GLU B 425 -45.24 21.62 42.43
C GLU B 425 -45.01 23.08 42.08
N GLY B 426 -45.28 23.43 40.83
CA GLY B 426 -45.14 24.81 40.39
C GLY B 426 -43.77 25.12 39.80
N GLN B 427 -42.77 24.34 40.19
CA GLN B 427 -41.41 24.57 39.69
C GLN B 427 -41.36 24.24 38.20
N GLU B 428 -41.01 25.23 37.39
CA GLU B 428 -41.11 25.11 35.94
C GLU B 428 -39.77 24.92 35.26
N LYS B 429 -38.71 25.46 35.87
CA LYS B 429 -37.40 25.45 35.25
C LYS B 429 -36.44 24.42 35.84
N ILE B 430 -35.39 24.11 35.08
CA ILE B 430 -34.32 23.24 35.55
C ILE B 430 -33.05 24.06 35.73
N TYR B 431 -32.57 24.14 36.97
CA TYR B 431 -31.47 25.04 37.30
C TYR B 431 -30.13 24.32 37.36
N TYR B 432 -29.08 25.01 36.91
CA TYR B 432 -27.73 24.48 36.96
C TYR B 432 -26.73 25.58 37.29
N ILE B 433 -25.63 25.19 37.95
CA ILE B 433 -24.50 26.07 38.14
C ILE B 433 -23.31 25.53 37.35
N THR B 434 -22.46 26.44 36.89
CA THR B 434 -21.32 26.08 36.06
C THR B 434 -20.02 26.63 36.61
N ALA B 435 -19.26 25.79 37.29
CA ALA B 435 -18.05 26.23 37.99
C ALA B 435 -16.82 25.47 37.51
N ASP B 436 -15.65 25.93 37.94
CA ASP B 436 -14.39 25.34 37.51
C ASP B 436 -14.16 23.99 38.21
N SER B 437 -14.98 23.71 39.20
CA SER B 437 -14.73 22.57 40.09
C SER B 437 -15.93 22.26 40.98
N TYR B 438 -16.10 20.99 41.30
CA TYR B 438 -17.23 20.55 42.13
C TYR B 438 -17.34 21.44 43.36
N ALA B 439 -16.20 21.66 44.01
CA ALA B 439 -16.13 22.56 45.16
C ALA B 439 -16.96 23.82 44.92
N ALA B 440 -16.46 24.70 44.06
CA ALA B 440 -17.10 25.98 43.82
C ALA B 440 -18.59 25.78 43.57
N ALA B 441 -18.91 24.77 42.76
CA ALA B 441 -20.30 24.48 42.44
C ALA B 441 -21.13 24.30 43.71
N LYS B 442 -20.80 23.28 44.48
CA LYS B 442 -21.51 22.97 45.71
C LYS B 442 -21.61 24.18 46.63
N SER B 443 -20.57 25.03 46.60
CA SER B 443 -20.43 26.08 47.61
C SER B 443 -20.39 27.47 46.99
N SER B 444 -21.32 27.75 46.09
CA SER B 444 -21.42 29.06 45.48
C SER B 444 -22.47 29.90 46.21
N PRO B 445 -22.30 31.23 46.20
CA PRO B 445 -23.30 32.14 46.77
C PRO B 445 -24.66 31.97 46.11
N HIS B 446 -24.66 31.93 44.78
CA HIS B 446 -25.87 31.72 44.00
C HIS B 446 -26.66 30.51 44.49
N LEU B 447 -25.99 29.62 45.21
CA LEU B 447 -26.59 28.38 45.67
C LEU B 447 -27.55 28.58 46.83
N GLU B 448 -27.14 29.38 47.80
CA GLU B 448 -27.54 29.20 49.19
C GLU B 448 -29.06 29.31 49.41
N LEU B 449 -29.72 30.14 48.61
CA LEU B 449 -31.17 30.26 48.68
C LEU B 449 -31.86 28.98 48.19
N LEU B 450 -31.59 28.61 46.94
CA LEU B 450 -32.20 27.42 46.37
C LEU B 450 -31.92 26.20 47.24
N ARG B 451 -30.70 26.12 47.76
CA ARG B 451 -30.29 25.02 48.62
C ARG B 451 -31.06 25.09 49.94
N LYS B 452 -31.48 26.28 50.32
CA LYS B 452 -32.22 26.47 51.56
C LYS B 452 -33.69 26.05 51.40
N LYS B 453 -34.32 26.54 50.33
CA LYS B 453 -35.69 26.17 50.03
C LYS B 453 -35.78 24.69 49.64
N GLY B 454 -34.65 24.12 49.26
CA GLY B 454 -34.60 22.69 48.97
C GLY B 454 -34.58 22.40 47.48
N ILE B 455 -34.66 23.44 46.67
CA ILE B 455 -34.79 23.26 45.23
C ILE B 455 -33.53 22.65 44.62
N GLU B 456 -33.73 21.68 43.73
CA GLU B 456 -32.63 20.91 43.18
C GLU B 456 -31.88 21.70 42.10
N VAL B 457 -30.59 21.91 42.33
CA VAL B 457 -29.75 22.63 41.37
C VAL B 457 -28.69 21.68 40.82
N LEU B 458 -28.30 21.89 39.57
CA LEU B 458 -27.39 20.98 38.90
C LEU B 458 -25.96 21.49 38.93
N LEU B 459 -25.02 20.57 39.19
CA LEU B 459 -23.66 20.94 39.54
C LEU B 459 -22.68 20.59 38.42
N LEU B 460 -22.46 21.53 37.52
CA LEU B 460 -21.66 21.26 36.32
C LEU B 460 -20.24 21.78 36.50
N SER B 461 -19.28 20.86 36.50
CA SER B 461 -17.91 21.17 36.91
C SER B 461 -16.90 20.89 35.81
N ASP B 462 -17.37 20.32 34.70
CA ASP B 462 -16.51 20.03 33.57
C ASP B 462 -16.63 21.13 32.51
N ARG B 463 -15.51 21.47 31.89
CA ARG B 463 -15.44 22.65 31.03
C ARG B 463 -16.35 22.53 29.81
N ILE B 464 -16.56 21.30 29.35
CA ILE B 464 -17.38 21.05 28.17
C ILE B 464 -18.85 21.33 28.47
N ASP B 465 -19.21 21.34 29.74
CA ASP B 465 -20.58 21.60 30.16
C ASP B 465 -20.99 23.02 29.76
N GLU B 466 -20.13 23.98 30.07
CA GLU B 466 -20.33 25.37 29.67
C GLU B 466 -20.56 25.44 28.17
N TRP B 467 -20.20 24.36 27.48
CA TRP B 467 -20.45 24.23 26.05
C TRP B 467 -21.82 23.57 25.85
N MET B 468 -21.95 22.37 26.40
CA MET B 468 -23.10 21.51 26.14
C MET B 468 -24.43 22.24 26.33
N MET B 469 -24.55 22.97 27.45
CA MET B 469 -25.80 23.64 27.79
C MET B 469 -26.33 24.50 26.65
N ASN B 470 -25.43 25.18 25.94
CA ASN B 470 -25.83 26.18 24.94
C ASN B 470 -26.71 25.57 23.87
N TYR B 471 -26.63 24.24 23.76
CA TYR B 471 -27.32 23.46 22.74
C TYR B 471 -28.45 22.64 23.37
N LEU B 472 -28.12 21.92 24.44
CA LEU B 472 -29.14 21.28 25.26
C LEU B 472 -29.96 22.37 25.92
N THR B 473 -31.16 22.61 25.38
CA THR B 473 -31.94 23.78 25.75
C THR B 473 -33.02 23.52 26.79
N GLU B 474 -33.54 22.29 26.83
CA GLU B 474 -34.86 22.06 27.39
C GLU B 474 -35.24 20.59 27.37
N PHE B 475 -35.47 20.01 28.55
CA PHE B 475 -35.77 18.59 28.67
C PHE B 475 -37.20 18.35 29.14
N ASP B 476 -37.95 17.60 28.35
CA ASP B 476 -39.27 17.13 28.75
C ASP B 476 -40.21 18.28 29.07
N GLY B 477 -40.09 19.37 28.30
CA GLY B 477 -41.00 20.48 28.47
C GLY B 477 -40.47 21.56 29.40
N LYS B 478 -39.40 21.25 30.11
CA LYS B 478 -38.86 22.16 31.13
C LYS B 478 -37.52 22.72 30.69
N PRO B 479 -37.47 24.03 30.38
CA PRO B 479 -36.27 24.70 29.88
C PRO B 479 -35.18 24.84 30.95
N PHE B 480 -33.94 24.98 30.50
CA PHE B 480 -32.80 25.11 31.40
C PHE B 480 -32.49 26.57 31.74
N GLN B 481 -32.32 26.84 33.02
CA GLN B 481 -31.90 28.17 33.49
C GLN B 481 -30.77 28.02 34.51
N SER B 482 -29.93 29.05 34.63
CA SER B 482 -28.72 28.95 35.43
C SER B 482 -28.73 29.89 36.63
N VAL B 483 -28.32 29.37 37.79
CA VAL B 483 -28.33 30.15 39.02
C VAL B 483 -27.44 31.39 38.91
N SER B 484 -26.42 31.32 38.07
CA SER B 484 -25.45 32.40 37.94
C SER B 484 -26.03 33.59 37.17
N LYS B 485 -27.33 33.53 36.89
CA LYS B 485 -27.97 34.57 36.10
C LYS B 485 -29.33 34.94 36.68
N VAL B 486 -29.34 35.94 37.56
CA VAL B 486 -30.53 36.25 38.35
C VAL B 486 -31.71 36.61 37.46
N ASP B 487 -32.75 35.77 37.49
CA ASP B 487 -33.89 35.92 36.61
C ASP B 487 -35.04 36.65 37.31
N GLU B 488 -36.05 37.01 36.55
CA GLU B 488 -37.23 37.66 37.11
C GLU B 488 -38.29 36.64 37.49
N SER B 489 -37.92 35.36 37.47
CA SER B 489 -38.80 34.29 37.94
C SER B 489 -38.53 33.97 39.41
N LEU B 490 -37.25 33.87 39.76
CA LEU B 490 -36.86 33.64 41.15
C LEU B 490 -36.74 34.98 41.88
N GLU B 491 -36.83 36.07 41.13
CA GLU B 491 -36.65 37.41 41.66
C GLU B 491 -37.68 37.70 42.75
N LYS B 492 -38.78 36.97 42.72
CA LYS B 492 -39.92 37.24 43.61
C LYS B 492 -40.18 36.11 44.60
N LEU B 493 -39.39 35.05 44.51
CA LEU B 493 -39.55 33.90 45.39
C LEU B 493 -38.93 34.17 46.76
N SER B 500 -41.12 33.11 50.17
CA SER B 500 -41.88 34.34 50.43
C SER B 500 -41.06 35.30 51.26
N ALA B 501 -41.22 36.60 51.00
CA ALA B 501 -40.44 37.61 51.71
C ALA B 501 -41.01 39.02 51.56
N LYS B 502 -42.05 39.32 52.33
CA LYS B 502 -42.50 40.70 52.52
C LYS B 502 -43.34 40.84 53.78
N GLU B 503 -42.84 41.61 54.74
CA GLU B 503 -43.61 41.94 55.94
C GLU B 503 -43.38 43.39 56.35
N ALA B 504 -42.15 43.86 56.21
CA ALA B 504 -41.82 45.26 56.51
C ALA B 504 -40.59 45.69 55.72
N GLU B 505 -40.80 46.46 54.66
CA GLU B 505 -39.73 46.79 53.72
C GLU B 505 -38.82 47.89 54.24
N LYS B 506 -38.11 48.53 53.33
CA LYS B 506 -37.13 49.55 53.69
C LYS B 506 -36.62 50.29 52.45
N ALA B 507 -35.54 51.03 52.61
CA ALA B 507 -34.84 51.64 51.48
C ALA B 507 -33.48 52.18 51.92
N LEU B 508 -32.41 51.61 51.35
CA LEU B 508 -31.06 52.01 51.70
C LEU B 508 -30.36 52.63 50.50
N THR B 509 -30.97 53.66 49.94
CA THR B 509 -30.46 54.28 48.72
C THR B 509 -29.11 54.96 48.89
N PRO B 510 -28.94 55.78 49.93
CA PRO B 510 -27.88 56.80 49.92
C PRO B 510 -26.51 56.24 49.53
N PHE B 511 -26.07 55.20 50.23
CA PHE B 511 -24.73 54.68 50.04
C PHE B 511 -24.64 53.80 48.80
N ILE B 512 -25.79 53.31 48.32
CA ILE B 512 -25.83 52.57 47.06
C ILE B 512 -25.52 53.48 45.89
N ASP B 513 -26.04 54.70 45.95
CA ASP B 513 -25.66 55.73 44.98
C ASP B 513 -24.23 56.19 45.26
N ARG B 514 -23.78 56.00 46.50
CA ARG B 514 -22.41 56.35 46.87
C ARG B 514 -21.44 55.30 46.33
N VAL B 515 -21.89 54.06 46.30
CA VAL B 515 -21.12 52.97 45.71
C VAL B 515 -21.11 53.09 44.19
N LYS B 516 -22.26 53.42 43.62
CA LYS B 516 -22.37 53.65 42.18
C LYS B 516 -21.38 54.72 41.74
N ALA B 517 -21.34 55.82 42.50
CA ALA B 517 -20.46 56.94 42.17
C ALA B 517 -19.00 56.56 42.34
N LEU B 518 -18.71 55.82 43.40
CA LEU B 518 -17.32 55.49 43.75
C LEU B 518 -16.68 54.56 42.73
N LEU B 519 -17.48 53.63 42.19
CA LEU B 519 -16.96 52.61 41.29
C LEU B 519 -16.96 53.07 39.84
N GLY B 520 -18.07 53.66 39.41
CA GLY B 520 -18.14 54.20 38.06
C GLY B 520 -18.62 53.20 37.03
N GLU B 521 -17.72 52.81 36.13
CA GLU B 521 -18.06 51.91 35.04
C GLU B 521 -17.60 50.49 35.31
N ARG B 522 -16.85 50.31 36.38
CA ARG B 522 -16.24 49.02 36.69
C ARG B 522 -17.28 47.94 36.91
N VAL B 523 -18.35 48.31 37.61
CA VAL B 523 -19.55 47.48 37.66
C VAL B 523 -20.69 48.20 36.97
N LYS B 524 -21.44 47.48 36.13
CA LYS B 524 -22.46 48.09 35.31
C LYS B 524 -23.64 48.58 36.13
N ASP B 525 -23.87 47.94 37.28
CA ASP B 525 -25.00 48.31 38.13
C ASP B 525 -24.78 47.85 39.58
N VAL B 526 -25.39 48.56 40.52
CA VAL B 526 -25.38 48.16 41.92
C VAL B 526 -26.81 48.04 42.42
N ARG B 527 -27.10 46.95 43.14
CA ARG B 527 -28.44 46.71 43.64
C ARG B 527 -28.45 46.02 45.01
N LEU B 528 -29.63 45.96 45.61
CA LEU B 528 -29.89 45.02 46.69
C LEU B 528 -30.52 43.77 46.07
N THR B 529 -30.45 42.65 46.79
CA THR B 529 -31.17 41.46 46.38
C THR B 529 -31.52 40.57 47.57
N HIS B 530 -32.75 40.08 47.59
CA HIS B 530 -33.20 39.19 48.65
C HIS B 530 -32.71 37.76 48.43
N ARG B 531 -31.52 37.65 47.83
CA ARG B 531 -30.76 36.41 47.89
C ARG B 531 -30.19 36.27 49.29
N LEU B 532 -31.06 35.98 50.25
CA LEU B 532 -30.75 36.15 51.66
C LEU B 532 -29.87 35.04 52.23
N THR B 533 -28.80 34.71 51.49
CA THR B 533 -27.74 33.87 52.00
C THR B 533 -26.92 34.64 53.03
N ASP B 534 -26.17 33.91 53.86
CA ASP B 534 -25.32 34.53 54.87
C ASP B 534 -24.17 35.26 54.19
N THR B 535 -24.08 35.09 52.87
CA THR B 535 -23.12 35.81 52.05
C THR B 535 -23.53 37.28 51.90
N PRO B 536 -22.59 38.19 52.17
CA PRO B 536 -22.84 39.64 52.12
C PRO B 536 -23.01 40.18 50.71
N ALA B 537 -21.95 40.13 49.92
CA ALA B 537 -21.96 40.66 48.56
C ALA B 537 -21.79 39.55 47.53
N ILE B 538 -22.38 39.75 46.35
CA ILE B 538 -22.35 38.75 45.30
C ILE B 538 -22.59 39.40 43.93
N VAL B 539 -21.80 38.99 42.95
CA VAL B 539 -21.79 39.66 41.64
C VAL B 539 -22.30 38.75 40.53
N SER B 540 -23.14 39.30 39.66
CA SER B 540 -23.73 38.54 38.56
C SER B 540 -23.58 39.27 37.23
N THR B 541 -24.09 38.65 36.16
CA THR B 541 -24.37 39.36 34.92
C THR B 541 -25.42 38.62 34.11
N ASP B 542 -26.40 39.37 33.60
CA ASP B 542 -27.48 38.79 32.80
C ASP B 542 -27.59 39.51 31.46
N ALA B 543 -28.83 39.81 31.06
CA ALA B 543 -29.10 40.78 30.01
C ALA B 543 -28.53 40.36 28.66
N ASP B 544 -28.38 39.04 28.47
CA ASP B 544 -27.88 38.50 27.22
C ASP B 544 -26.46 39.01 26.95
N GLU B 545 -25.65 39.09 27.99
CA GLU B 545 -24.26 39.51 27.86
C GLU B 545 -23.31 38.34 28.09
N MET B 546 -22.04 38.54 27.75
CA MET B 546 -21.03 37.49 27.89
C MET B 546 -21.03 36.90 29.30
N SER B 547 -21.58 35.70 29.42
CA SER B 547 -21.66 35.02 30.71
C SER B 547 -20.27 34.64 31.21
N THR B 548 -20.18 34.40 32.52
CA THR B 548 -18.89 34.35 33.22
C THR B 548 -18.01 33.18 32.76
N GLN B 549 -18.59 31.99 32.70
CA GLN B 549 -17.84 30.81 32.29
C GLN B 549 -17.56 30.82 30.80
N MET B 550 -18.44 31.45 30.03
CA MET B 550 -18.21 31.65 28.62
C MET B 550 -16.89 32.40 28.45
N ALA B 551 -16.70 33.42 29.28
CA ALA B 551 -15.43 34.15 29.32
C ALA B 551 -14.30 33.18 29.65
N LYS B 552 -14.48 32.41 30.72
CA LYS B 552 -13.47 31.44 31.13
C LYS B 552 -13.18 30.45 30.00
N LEU B 553 -14.17 30.21 29.16
CA LEU B 553 -14.01 29.29 28.04
C LEU B 553 -13.08 29.93 27.02
N PHE B 554 -13.32 31.19 26.70
CA PHE B 554 -12.41 31.95 25.84
C PHE B 554 -11.00 31.94 26.42
N ALA B 555 -10.91 32.13 27.74
CA ALA B 555 -9.63 32.03 28.42
C ALA B 555 -8.99 30.67 28.18
N ALA B 556 -9.82 29.63 28.18
CA ALA B 556 -9.32 28.25 28.21
C ALA B 556 -8.87 27.82 26.83
N ALA B 557 -9.47 28.39 25.79
CA ALA B 557 -8.97 28.25 24.44
C ALA B 557 -7.95 29.36 24.16
N GLY B 558 -7.63 30.14 25.17
CA GLY B 558 -6.51 31.05 25.08
C GLY B 558 -6.71 32.18 24.09
N GLN B 559 -7.84 32.87 24.21
CA GLN B 559 -8.07 34.10 23.46
C GLN B 559 -8.34 35.23 24.45
N LYS B 560 -8.31 36.47 23.96
CA LYS B 560 -8.41 37.62 24.84
C LYS B 560 -9.69 37.55 25.66
N VAL B 561 -9.53 37.35 26.97
CA VAL B 561 -10.67 37.14 27.86
C VAL B 561 -11.65 38.30 27.76
N PRO B 562 -12.78 38.08 27.07
CA PRO B 562 -13.73 39.14 26.74
C PRO B 562 -14.25 39.89 27.97
N GLU B 563 -14.54 41.17 27.80
CA GLU B 563 -14.95 42.01 28.91
C GLU B 563 -16.25 41.50 29.53
N VAL B 564 -16.30 41.47 30.85
CA VAL B 564 -17.50 41.02 31.56
C VAL B 564 -18.24 42.23 32.11
N LYS B 565 -19.55 42.28 31.87
CA LYS B 565 -20.37 43.37 32.37
C LYS B 565 -21.07 42.94 33.65
N TYR B 566 -20.45 43.24 34.79
CA TYR B 566 -20.88 42.68 36.07
C TYR B 566 -21.90 43.55 36.79
N ILE B 567 -22.74 42.91 37.59
CA ILE B 567 -23.84 43.57 38.27
C ILE B 567 -23.74 43.34 39.78
N PHE B 568 -23.15 44.31 40.48
CA PHE B 568 -22.89 44.17 41.90
C PHE B 568 -24.20 44.13 42.69
N GLU B 569 -24.33 43.13 43.56
CA GLU B 569 -25.52 42.98 44.38
C GLU B 569 -25.17 42.83 45.85
N LEU B 570 -25.99 43.42 46.72
CA LEU B 570 -25.69 43.44 48.15
C LEU B 570 -26.87 42.96 48.99
N ASN B 571 -26.56 42.49 50.20
CA ASN B 571 -27.52 41.75 51.02
C ASN B 571 -27.91 42.56 52.27
N PRO B 572 -29.04 43.27 52.20
CA PRO B 572 -29.46 44.26 53.19
C PRO B 572 -29.62 43.69 54.61
N ASP B 573 -29.54 42.36 54.73
CA ASP B 573 -29.81 41.71 56.00
C ASP B 573 -28.56 41.09 56.62
N HIS B 574 -27.39 41.46 56.13
CA HIS B 574 -26.16 40.93 56.70
C HIS B 574 -25.29 41.99 57.38
N VAL B 575 -24.70 41.58 58.51
CA VAL B 575 -23.78 42.42 59.27
C VAL B 575 -22.95 43.32 58.35
N LEU B 576 -21.96 42.73 57.69
CA LEU B 576 -20.93 43.50 56.99
C LEU B 576 -21.54 44.43 55.96
N VAL B 577 -22.70 44.04 55.42
CA VAL B 577 -23.40 44.87 54.45
C VAL B 577 -23.79 46.19 55.10
N LYS B 578 -24.52 46.10 56.20
CA LYS B 578 -24.93 47.29 56.94
C LYS B 578 -23.72 48.03 57.49
N ARG B 579 -22.79 47.26 58.08
CA ARG B 579 -21.72 47.85 58.88
C ARG B 579 -20.81 48.74 58.04
N ALA B 580 -20.57 48.32 56.79
CA ALA B 580 -19.86 49.17 55.85
C ALA B 580 -20.80 50.27 55.35
N ALA B 581 -22.08 49.93 55.22
CA ALA B 581 -23.07 50.87 54.73
C ALA B 581 -23.15 52.13 55.58
N ASP B 582 -22.91 51.99 56.88
CA ASP B 582 -23.07 53.11 57.81
C ASP B 582 -21.86 54.04 57.86
N THR B 583 -20.66 53.46 57.84
CA THR B 583 -19.45 54.23 58.11
C THR B 583 -19.34 55.42 57.15
N GLU B 584 -18.98 56.58 57.70
CA GLU B 584 -19.07 57.83 56.96
C GLU B 584 -17.71 58.39 56.58
N ASP B 585 -16.65 57.74 57.05
CA ASP B 585 -15.30 58.07 56.59
C ASP B 585 -15.17 57.62 55.14
N GLU B 586 -14.64 58.50 54.30
CA GLU B 586 -14.54 58.25 52.87
C GLU B 586 -13.48 57.19 52.56
N ALA B 587 -12.35 57.27 53.26
CA ALA B 587 -11.25 56.33 53.04
C ALA B 587 -11.60 54.95 53.57
N LYS B 588 -12.16 54.91 54.78
CA LYS B 588 -12.54 53.65 55.41
C LYS B 588 -13.63 52.96 54.61
N PHE B 589 -14.69 53.72 54.30
CA PHE B 589 -15.80 53.20 53.52
C PHE B 589 -15.31 52.65 52.19
N SER B 590 -14.49 53.42 51.49
CA SER B 590 -13.88 52.97 50.24
C SER B 590 -13.25 51.59 50.46
N GLU B 591 -12.44 51.48 51.52
CA GLU B 591 -11.79 50.22 51.85
C GLU B 591 -12.81 49.10 51.96
N TRP B 592 -14.00 49.43 52.44
CA TRP B 592 -15.00 48.43 52.77
C TRP B 592 -15.77 47.91 51.56
N VAL B 593 -16.38 48.82 50.82
CA VAL B 593 -17.07 48.45 49.59
C VAL B 593 -16.09 47.72 48.66
N GLU B 594 -14.82 48.10 48.75
CA GLU B 594 -13.78 47.46 47.95
C GLU B 594 -13.58 46.01 48.38
N LEU B 595 -13.48 45.81 49.69
CA LEU B 595 -13.37 44.47 50.26
C LEU B 595 -14.56 43.61 49.87
N LEU B 596 -15.74 44.21 49.82
CA LEU B 596 -16.96 43.48 49.48
C LEU B 596 -16.95 43.01 48.04
N LEU B 597 -16.56 43.90 47.12
CA LEU B 597 -16.50 43.55 45.71
C LEU B 597 -15.49 42.45 45.45
N ASP B 598 -14.24 42.70 45.83
CA ASP B 598 -13.19 41.70 45.65
C ASP B 598 -13.64 40.35 46.19
N GLN B 599 -14.30 40.40 47.34
CA GLN B 599 -14.82 39.19 47.98
C GLN B 599 -15.74 38.44 47.02
N ALA B 600 -16.67 39.16 46.40
CA ALA B 600 -17.64 38.55 45.49
C ALA B 600 -16.96 38.05 44.22
N LEU B 601 -16.03 38.85 43.69
CA LEU B 601 -15.29 38.48 42.50
C LEU B 601 -14.67 37.10 42.65
N LEU B 602 -13.87 36.92 43.70
CA LEU B 602 -13.13 35.68 43.89
C LEU B 602 -14.08 34.49 43.80
N ALA B 603 -15.31 34.70 44.28
CA ALA B 603 -16.30 33.64 44.38
C ALA B 603 -16.94 33.34 43.02
N GLU B 604 -16.95 34.34 42.14
CA GLU B 604 -17.37 34.11 40.76
C GLU B 604 -16.21 33.72 39.86
N ARG B 605 -15.34 34.68 39.56
CA ARG B 605 -14.24 34.44 38.63
C ARG B 605 -13.24 33.43 39.18
N GLY B 606 -13.55 32.86 40.34
CA GLY B 606 -12.99 31.57 40.71
C GLY B 606 -11.49 31.59 40.88
N THR B 607 -10.77 31.31 39.80
CA THR B 607 -9.32 31.51 39.78
C THR B 607 -9.02 33.00 39.80
N LEU B 608 -9.14 33.60 40.99
CA LEU B 608 -9.02 35.05 41.12
C LEU B 608 -7.61 35.49 40.78
N GLU B 609 -7.50 36.33 39.75
CA GLU B 609 -6.19 36.78 39.30
C GLU B 609 -5.59 37.82 40.22
N ASP B 610 -5.86 37.68 41.53
CA ASP B 610 -4.95 38.11 42.58
C ASP B 610 -5.59 37.94 43.95
N PRO B 611 -5.50 36.74 44.52
CA PRO B 611 -6.02 36.47 45.86
C PRO B 611 -5.38 37.38 46.90
N ASN B 612 -4.11 37.73 46.65
CA ASN B 612 -3.40 38.66 47.52
C ASN B 612 -4.09 40.01 47.58
N LEU B 613 -4.52 40.51 46.42
CA LEU B 613 -4.97 41.90 46.33
C LEU B 613 -6.19 42.11 47.21
N PHE B 614 -7.16 41.21 47.07
CA PHE B 614 -8.31 41.17 47.97
C PHE B 614 -7.84 41.08 49.41
N ILE B 615 -6.94 40.14 49.68
CA ILE B 615 -6.42 39.95 51.03
C ILE B 615 -5.80 41.24 51.57
N ARG B 616 -5.01 41.92 50.75
CA ARG B 616 -4.31 43.12 51.17
C ARG B 616 -5.28 44.23 51.54
N ARG B 617 -6.35 44.35 50.77
CA ARG B 617 -7.39 45.34 51.06
C ARG B 617 -7.99 45.04 52.43
N MET B 618 -8.30 43.76 52.65
CA MET B 618 -8.84 43.31 53.93
C MET B 618 -7.80 43.49 55.03
N ASN B 619 -6.53 43.29 54.69
CA ASN B 619 -5.44 43.53 55.63
C ASN B 619 -5.54 44.94 56.21
N GLN B 620 -5.59 45.93 55.33
CA GLN B 620 -5.63 47.33 55.76
C GLN B 620 -6.90 47.58 56.56
N LEU B 621 -8.00 47.00 56.09
CA LEU B 621 -9.28 47.16 56.77
C LEU B 621 -9.23 46.59 58.18
N LEU B 622 -8.21 45.78 58.46
CA LEU B 622 -8.01 45.24 59.79
C LEU B 622 -6.89 45.97 60.52
N VAL B 623 -5.92 46.47 59.78
CA VAL B 623 -4.74 47.10 60.36
C VAL B 623 -5.07 48.46 60.95
N SER B 624 -5.65 49.34 60.14
CA SER B 624 -5.83 50.73 60.51
C SER B 624 -7.28 51.01 60.91
N MET C 1 -39.97 30.11 -2.98
CA MET C 1 -39.83 30.20 -1.49
C MET C 1 -41.03 29.55 -0.79
N LYS C 2 -41.26 28.28 -1.10
CA LYS C 2 -42.40 27.56 -0.52
C LYS C 2 -41.96 26.70 0.65
N GLY C 3 -42.69 26.78 1.76
CA GLY C 3 -42.39 25.96 2.91
C GLY C 3 -41.28 26.56 3.76
N GLN C 4 -41.24 27.89 3.83
CA GLN C 4 -40.12 28.59 4.46
C GLN C 4 -39.98 28.19 5.93
N GLU C 5 -38.80 28.39 6.48
CA GLU C 5 -38.52 27.96 7.85
C GLU C 5 -37.19 28.52 8.34
N THR C 6 -37.21 29.17 9.50
CA THR C 6 -36.00 29.64 10.14
C THR C 6 -35.66 28.78 11.35
N ARG C 7 -34.56 28.06 11.27
CA ARG C 7 -34.06 27.29 12.42
C ARG C 7 -32.83 27.98 13.02
N GLY C 8 -32.74 27.98 14.34
CA GLY C 8 -31.80 28.87 15.01
C GLY C 8 -31.51 28.55 16.47
N PHE C 9 -30.61 29.32 17.06
CA PHE C 9 -30.05 29.01 18.38
C PHE C 9 -29.82 30.26 19.22
N GLN C 10 -29.19 30.10 20.38
CA GLN C 10 -29.12 31.18 21.35
C GLN C 10 -27.81 31.99 21.36
N SER C 11 -27.74 32.93 22.30
CA SER C 11 -26.74 33.98 22.31
C SER C 11 -25.31 33.49 22.46
N GLU C 12 -25.13 32.29 23.04
CA GLU C 12 -23.81 31.72 23.18
C GLU C 12 -23.22 31.35 21.82
N VAL C 13 -24.10 30.99 20.90
CA VAL C 13 -23.75 30.51 19.57
C VAL C 13 -23.61 31.70 18.64
N LYS C 14 -24.62 32.56 18.67
CA LYS C 14 -24.53 33.85 17.98
C LYS C 14 -23.15 34.42 18.23
N GLN C 15 -22.66 34.30 19.46
CA GLN C 15 -21.34 34.82 19.79
C GLN C 15 -20.21 33.91 19.28
N LEU C 16 -20.34 32.61 19.52
CA LEU C 16 -19.29 31.65 19.15
C LEU C 16 -18.84 31.78 17.71
N LEU C 17 -19.77 32.14 16.83
CA LEU C 17 -19.45 32.25 15.42
C LEU C 17 -18.69 33.54 15.15
N HIS C 18 -19.16 34.63 15.73
CA HIS C 18 -18.42 35.89 15.72
C HIS C 18 -17.09 35.70 16.44
N LEU C 19 -16.82 34.46 16.85
CA LEU C 19 -15.49 34.09 17.36
C LEU C 19 -14.62 33.39 16.32
N MET C 20 -15.02 32.19 15.91
CA MET C 20 -14.19 31.37 15.02
C MET C 20 -13.99 32.00 13.63
N ILE C 21 -15.11 32.30 12.98
CA ILE C 21 -15.07 32.92 11.67
C ILE C 21 -14.16 34.14 11.71
N HIS C 22 -14.14 34.80 12.86
CA HIS C 22 -13.34 36.01 13.04
C HIS C 22 -11.90 35.65 13.37
N SER C 23 -11.69 34.43 13.84
CA SER C 23 -10.34 33.91 14.03
C SER C 23 -9.62 33.90 12.68
N LEU C 24 -10.34 33.59 11.62
CA LEU C 24 -9.71 33.54 10.29
C LEU C 24 -9.39 34.92 9.70
N TYR C 25 -9.60 35.96 10.49
CA TYR C 25 -9.58 37.34 10.00
C TYR C 25 -8.26 37.71 9.31
N SER C 26 -7.17 37.08 9.74
CA SER C 26 -5.88 37.34 9.14
C SER C 26 -5.87 36.99 7.66
N ASN C 27 -6.29 35.78 7.35
CA ASN C 27 -6.33 35.33 5.96
C ASN C 27 -7.74 35.03 5.48
N LYS C 28 -8.60 36.06 5.56
CA LYS C 28 -9.88 36.07 4.87
C LYS C 28 -9.92 35.36 3.52
N GLU C 29 -8.96 35.65 2.65
CA GLU C 29 -8.97 35.09 1.29
C GLU C 29 -9.23 33.59 1.27
N ILE C 30 -8.97 32.94 2.41
CA ILE C 30 -9.24 31.51 2.56
C ILE C 30 -10.60 31.09 2.01
N PHE C 31 -11.62 31.91 2.25
CA PHE C 31 -12.99 31.52 1.96
C PHE C 31 -13.14 31.06 0.51
N LEU C 32 -12.20 31.47 -0.34
CA LEU C 32 -12.19 31.01 -1.72
C LEU C 32 -11.72 29.56 -1.80
N ARG C 33 -10.49 29.31 -1.34
CA ARG C 33 -9.96 27.96 -1.29
C ARG C 33 -11.04 27.01 -0.79
N GLU C 34 -11.73 27.40 0.27
CA GLU C 34 -12.75 26.56 0.89
C GLU C 34 -13.94 26.31 -0.04
N LEU C 35 -14.53 27.39 -0.56
CA LEU C 35 -15.69 27.25 -1.44
C LEU C 35 -15.35 26.51 -2.74
N ILE C 36 -14.27 26.93 -3.39
CA ILE C 36 -13.82 26.28 -4.61
C ILE C 36 -13.65 24.78 -4.39
N SER C 37 -13.01 24.42 -3.29
CA SER C 37 -12.84 23.01 -2.94
C SER C 37 -14.19 22.31 -2.91
N ASN C 38 -15.10 22.80 -2.08
CA ASN C 38 -16.43 22.21 -1.96
C ASN C 38 -17.04 21.94 -3.34
N ALA C 39 -16.78 22.83 -4.28
CA ALA C 39 -17.32 22.69 -5.63
C ALA C 39 -16.65 21.51 -6.33
N SER C 40 -15.35 21.34 -6.10
CA SER C 40 -14.61 20.20 -6.59
C SER C 40 -15.26 18.90 -6.11
N ASP C 41 -15.17 18.65 -4.81
CA ASP C 41 -15.77 17.47 -4.21
C ASP C 41 -17.17 17.24 -4.76
N ALA C 42 -17.90 18.33 -4.99
CA ALA C 42 -19.22 18.26 -5.60
C ALA C 42 -19.13 17.48 -6.90
N ALA C 43 -18.42 18.02 -7.87
CA ALA C 43 -18.29 17.38 -9.19
C ALA C 43 -17.85 15.92 -9.05
N ASP C 44 -16.65 15.72 -8.51
CA ASP C 44 -16.06 14.39 -8.43
C ASP C 44 -17.04 13.40 -7.83
N LYS C 45 -17.77 13.84 -6.81
CA LYS C 45 -18.79 13.01 -6.19
C LYS C 45 -19.80 12.60 -7.25
N LEU C 46 -20.31 13.59 -7.99
CA LEU C 46 -21.27 13.34 -9.06
C LEU C 46 -20.67 12.42 -10.12
N ARG C 47 -19.45 12.72 -10.55
CA ARG C 47 -18.73 11.85 -11.47
C ARG C 47 -18.85 10.41 -11.02
N PHE C 48 -18.54 10.17 -9.75
CA PHE C 48 -18.49 8.81 -9.21
C PHE C 48 -19.87 8.17 -9.24
N ARG C 49 -20.89 8.94 -8.89
CA ARG C 49 -22.26 8.43 -8.84
C ARG C 49 -22.75 8.15 -10.26
N ALA C 50 -22.00 8.63 -11.24
CA ALA C 50 -22.38 8.48 -12.64
C ALA C 50 -21.59 7.38 -13.34
N LEU C 51 -20.59 6.83 -12.66
CA LEU C 51 -20.02 5.55 -13.06
C LEU C 51 -21.15 4.53 -13.16
N SER C 52 -22.18 4.72 -12.35
CA SER C 52 -23.36 3.86 -12.38
C SER C 52 -24.48 4.53 -13.18
N ASN C 53 -25.60 4.79 -12.51
CA ASN C 53 -26.83 5.24 -13.17
C ASN C 53 -26.54 6.38 -14.15
N PRO C 54 -26.34 6.03 -15.42
CA PRO C 54 -25.69 6.90 -16.42
C PRO C 54 -26.37 8.26 -16.59
N ASP C 55 -27.69 8.28 -16.41
CA ASP C 55 -28.48 9.45 -16.70
C ASP C 55 -28.37 10.54 -15.62
N LEU C 56 -27.48 10.33 -14.66
CA LEU C 56 -27.26 11.33 -13.62
C LEU C 56 -26.73 12.66 -14.17
N TYR C 57 -26.20 12.61 -15.39
CA TYR C 57 -25.65 13.83 -16.01
C TYR C 57 -26.73 14.70 -16.62
N GLU C 58 -27.92 14.14 -16.78
CA GLU C 58 -29.03 14.86 -17.42
C GLU C 58 -28.60 15.39 -18.78
N GLY C 59 -27.58 14.74 -19.36
CA GLY C 59 -27.02 15.21 -20.61
C GLY C 59 -25.73 16.00 -20.43
N ASP C 60 -25.80 17.08 -19.65
CA ASP C 60 -24.77 18.11 -19.69
C ASP C 60 -23.45 17.57 -19.15
N GLY C 61 -22.44 17.52 -20.00
CA GLY C 61 -21.19 16.86 -19.65
C GLY C 61 -20.24 17.71 -18.83
N GLU C 62 -19.95 18.91 -19.30
CA GLU C 62 -18.86 19.71 -18.76
C GLU C 62 -19.13 20.13 -17.32
N LEU C 63 -18.28 19.68 -16.40
CA LEU C 63 -18.39 20.04 -15.00
C LEU C 63 -17.44 21.17 -14.66
N ARG C 64 -17.98 22.28 -14.16
CA ARG C 64 -17.19 23.48 -13.93
C ARG C 64 -17.75 24.32 -12.79
N VAL C 65 -16.87 25.06 -12.14
CA VAL C 65 -17.30 26.02 -11.12
C VAL C 65 -17.02 27.44 -11.60
N ARG C 66 -18.03 28.29 -11.54
CA ARG C 66 -17.95 29.62 -12.15
C ARG C 66 -18.03 30.74 -11.13
N VAL C 67 -17.02 31.59 -11.11
CA VAL C 67 -17.01 32.76 -10.24
C VAL C 67 -17.44 33.99 -11.02
N SER C 68 -18.56 34.58 -10.60
CA SER C 68 -19.08 35.79 -11.22
C SER C 68 -19.26 36.86 -10.15
N PHE C 69 -19.60 38.07 -10.58
CA PHE C 69 -19.63 39.20 -9.67
C PHE C 69 -20.88 40.05 -9.85
N ASP C 70 -20.98 41.09 -9.04
CA ASP C 70 -21.86 42.22 -9.34
C ASP C 70 -21.34 43.44 -8.59
N LYS C 71 -20.66 44.33 -9.32
CA LYS C 71 -20.12 45.54 -8.75
C LYS C 71 -21.25 46.52 -8.43
N ASP C 72 -22.46 46.15 -8.83
CA ASP C 72 -23.66 46.86 -8.38
C ASP C 72 -24.03 46.44 -6.97
N LYS C 73 -24.84 45.39 -6.88
CA LYS C 73 -25.35 44.93 -5.59
C LYS C 73 -24.22 44.37 -4.73
N ARG C 74 -22.99 44.44 -5.24
CA ARG C 74 -21.81 44.00 -4.49
C ARG C 74 -21.92 42.54 -4.06
N THR C 75 -22.16 41.67 -5.02
CA THR C 75 -22.18 40.23 -4.76
C THR C 75 -21.01 39.52 -5.40
N LEU C 76 -20.55 38.46 -4.75
CA LEU C 76 -19.62 37.52 -5.37
C LEU C 76 -20.28 36.15 -5.42
N THR C 77 -20.60 35.68 -6.62
CA THR C 77 -21.39 34.47 -6.76
C THR C 77 -20.56 33.30 -7.31
N ILE C 78 -20.26 32.34 -6.44
CA ILE C 78 -19.63 31.10 -6.87
C ILE C 78 -20.70 30.04 -7.11
N SER C 79 -20.64 29.40 -8.28
CA SER C 79 -21.64 28.40 -8.64
C SER C 79 -21.01 27.22 -9.38
N ASP C 80 -21.48 26.02 -9.05
CA ASP C 80 -21.01 24.81 -9.71
C ASP C 80 -22.17 23.96 -10.21
N ASN C 81 -21.93 23.21 -11.27
CA ASN C 81 -22.88 22.21 -11.73
C ASN C 81 -22.53 20.86 -11.14
N GLY C 82 -22.08 20.86 -9.89
CA GLY C 82 -21.73 19.62 -9.22
C GLY C 82 -22.93 18.75 -8.91
N VAL C 83 -22.83 17.97 -7.84
CA VAL C 83 -23.90 17.04 -7.47
C VAL C 83 -24.98 17.73 -6.64
N GLY C 84 -24.60 18.80 -5.95
CA GLY C 84 -25.57 19.59 -5.22
C GLY C 84 -26.15 18.86 -4.02
N MET C 85 -26.81 19.60 -3.13
CA MET C 85 -27.36 19.03 -1.91
C MET C 85 -28.86 18.83 -2.03
N THR C 86 -29.40 17.94 -1.20
CA THR C 86 -30.84 17.87 -1.00
C THR C 86 -31.20 18.78 0.18
N ARG C 87 -32.45 18.74 0.61
CA ARG C 87 -32.91 19.63 1.68
C ARG C 87 -32.31 19.21 3.03
N ASP C 88 -32.44 17.93 3.35
CA ASP C 88 -31.85 17.38 4.58
C ASP C 88 -30.36 17.67 4.62
N GLU C 89 -29.65 17.30 3.55
CA GLU C 89 -28.23 17.59 3.44
C GLU C 89 -27.96 19.04 3.83
N VAL C 90 -28.63 19.97 3.16
CA VAL C 90 -28.50 21.38 3.48
C VAL C 90 -28.57 21.64 4.97
N ILE C 91 -29.69 21.28 5.58
CA ILE C 91 -29.94 21.64 6.97
C ILE C 91 -28.96 20.94 7.91
N ASP C 92 -28.33 19.88 7.43
CA ASP C 92 -27.43 19.10 8.27
C ASP C 92 -25.97 19.49 8.10
N HIS C 93 -25.66 20.23 7.04
CA HIS C 93 -24.31 20.70 6.81
C HIS C 93 -24.24 22.22 6.96
N LEU C 94 -24.75 22.91 5.94
CA LEU C 94 -24.91 24.36 5.98
C LEU C 94 -25.65 24.72 7.26
N GLY C 95 -26.54 23.82 7.69
CA GLY C 95 -27.37 24.11 8.84
C GLY C 95 -26.54 24.29 10.09
N THR C 96 -25.54 23.43 10.27
CA THR C 96 -24.69 23.51 11.46
C THR C 96 -23.46 24.38 11.23
N ILE C 97 -22.38 23.80 10.72
CA ILE C 97 -21.12 24.53 10.59
C ILE C 97 -19.95 23.68 10.10
N ALA C 98 -19.22 23.08 11.03
CA ALA C 98 -18.09 22.22 10.70
C ALA C 98 -17.72 21.31 11.87
N LYS C 99 -18.09 20.04 11.76
CA LYS C 99 -17.76 19.06 12.78
C LYS C 99 -16.26 19.08 13.06
N SER C 100 -15.48 19.39 12.03
CA SER C 100 -14.02 19.37 12.13
C SER C 100 -13.53 20.55 12.96
N GLY C 101 -14.08 21.74 12.67
CA GLY C 101 -13.72 22.92 13.45
C GLY C 101 -14.07 22.75 14.91
N THR C 102 -15.27 22.27 15.19
CA THR C 102 -15.67 22.00 16.57
C THR C 102 -14.63 21.13 17.26
N LYS C 103 -14.23 20.04 16.60
CA LYS C 103 -13.24 19.14 17.19
C LYS C 103 -12.01 19.93 17.59
N SER C 104 -11.54 20.78 16.69
CA SER C 104 -10.33 21.56 16.92
C SER C 104 -10.47 22.45 18.15
N PHE C 105 -11.42 23.38 18.10
CA PHE C 105 -11.53 24.39 19.15
C PHE C 105 -11.75 23.78 20.53
N LEU C 106 -12.62 22.78 20.61
CA LEU C 106 -13.08 22.28 21.91
C LEU C 106 -12.11 21.29 22.52
N GLU C 107 -11.47 20.47 21.70
CA GLU C 107 -10.40 19.60 22.19
C GLU C 107 -9.27 20.49 22.71
N SER C 108 -8.96 21.55 21.97
CA SER C 108 -7.96 22.52 22.40
C SER C 108 -8.61 23.58 23.28
N LEU C 109 -9.65 23.20 24.00
CA LEU C 109 -10.23 24.06 25.02
C LEU C 109 -9.68 23.71 26.41
N GLY C 110 -10.01 22.53 26.89
CA GLY C 110 -9.45 22.06 28.15
C GLY C 110 -7.94 21.93 28.11
N SER C 111 -7.24 22.89 28.68
CA SER C 111 -5.79 22.83 28.78
C SER C 111 -5.18 24.05 29.46
N ASP C 112 -4.09 23.82 30.19
CA ASP C 112 -3.12 24.87 30.49
C ASP C 112 -2.46 25.26 29.16
N GLN C 113 -2.11 24.23 28.40
CA GLN C 113 -1.47 24.40 27.11
C GLN C 113 -2.25 25.38 26.25
N ALA C 114 -3.57 25.22 26.22
CA ALA C 114 -4.44 26.09 25.45
C ALA C 114 -4.66 27.41 26.19
N LYS C 115 -4.65 27.35 27.52
CA LYS C 115 -4.94 28.52 28.33
C LYS C 115 -3.91 29.60 28.10
N ASP C 116 -2.81 29.23 27.44
CA ASP C 116 -1.89 30.23 26.89
C ASP C 116 -1.83 30.23 25.36
N SER C 117 -1.47 29.09 24.78
CA SER C 117 -0.86 29.06 23.46
C SER C 117 -1.78 29.47 22.32
N GLN C 118 -1.92 30.78 22.13
CA GLN C 118 -2.39 31.33 20.86
C GLN C 118 -3.78 30.84 20.48
N LEU C 119 -4.21 31.18 19.28
CA LEU C 119 -5.52 30.79 18.78
C LEU C 119 -5.39 29.84 17.60
N ILE C 120 -6.50 29.22 17.22
CA ILE C 120 -6.48 28.16 16.22
C ILE C 120 -5.92 28.71 14.91
N GLY C 121 -6.10 30.02 14.71
CA GLY C 121 -5.65 30.65 13.47
C GLY C 121 -4.15 30.54 13.29
N VAL C 125 -12.36 26.02 10.75
CA VAL C 125 -13.65 26.38 10.16
C VAL C 125 -13.72 25.95 8.69
N GLY C 126 -14.92 26.06 8.13
CA GLY C 126 -15.17 25.55 6.79
C GLY C 126 -16.04 26.46 5.95
N PHE C 127 -17.16 25.94 5.49
CA PHE C 127 -18.10 26.69 4.67
C PHE C 127 -18.39 28.07 5.26
N TYR C 128 -18.59 28.12 6.57
CA TYR C 128 -18.92 29.37 7.24
C TYR C 128 -17.80 30.40 7.16
N SER C 129 -16.67 30.00 6.57
CA SER C 129 -15.60 30.95 6.28
C SER C 129 -16.19 32.12 5.49
N ALA C 130 -17.17 31.82 4.65
CA ALA C 130 -17.78 32.83 3.80
C ALA C 130 -18.13 34.09 4.59
N PHE C 131 -18.63 33.90 5.81
CA PHE C 131 -19.13 35.01 6.60
C PHE C 131 -18.02 35.92 7.11
N ILE C 132 -16.79 35.61 6.72
CA ILE C 132 -15.64 36.43 7.14
C ILE C 132 -15.52 37.64 6.24
N VAL C 133 -16.13 37.55 5.06
CA VAL C 133 -16.19 38.67 4.13
C VAL C 133 -17.62 38.94 3.67
N ALA C 134 -18.53 38.04 4.01
CA ALA C 134 -19.95 38.22 3.71
C ALA C 134 -20.71 38.59 4.98
N ASP C 135 -21.84 39.27 4.81
CA ASP C 135 -22.79 39.41 5.91
C ASP C 135 -24.15 38.87 5.53
N LYS C 136 -24.24 38.28 4.35
CA LYS C 136 -25.40 37.50 3.95
C LYS C 136 -25.03 36.46 2.90
N VAL C 137 -25.08 35.19 3.29
CA VAL C 137 -24.79 34.09 2.38
C VAL C 137 -26.09 33.43 1.93
N THR C 138 -26.27 33.32 0.61
CA THR C 138 -27.54 32.91 0.04
C THR C 138 -27.36 31.72 -0.89
N VAL C 139 -27.75 30.54 -0.43
CA VAL C 139 -27.54 29.32 -1.18
C VAL C 139 -28.80 28.88 -1.92
N ARG C 140 -28.69 28.71 -3.24
CA ARG C 140 -29.71 28.02 -4.02
C ARG C 140 -29.08 26.75 -4.56
N THR C 141 -29.75 25.61 -4.41
CA THR C 141 -29.18 24.36 -4.88
C THR C 141 -30.21 23.26 -5.13
N ARG C 142 -29.87 22.35 -6.03
CA ARG C 142 -30.66 21.14 -6.26
C ARG C 142 -29.77 19.99 -6.68
N ALA C 143 -30.07 18.80 -6.19
CA ALA C 143 -29.16 17.66 -6.26
C ALA C 143 -29.53 16.68 -7.38
N ALA C 144 -28.51 16.22 -8.08
CA ALA C 144 -28.69 15.38 -9.27
C ALA C 144 -29.77 14.33 -9.04
N GLY C 145 -30.60 14.11 -10.07
CA GLY C 145 -31.63 13.10 -9.98
C GLY C 145 -32.96 13.66 -9.53
N GLU C 146 -32.94 14.44 -8.45
CA GLU C 146 -34.17 14.98 -7.89
C GLU C 146 -34.86 15.89 -8.91
N LYS C 147 -36.18 15.80 -9.00
CA LYS C 147 -36.96 16.67 -9.87
C LYS C 147 -36.65 18.12 -9.53
N PRO C 148 -36.58 18.99 -10.55
CA PRO C 148 -36.06 20.36 -10.42
C PRO C 148 -36.75 21.19 -9.34
N GLU C 149 -37.91 20.72 -8.89
CA GLU C 149 -38.71 21.45 -7.94
C GLU C 149 -38.22 21.23 -6.51
N ASN C 150 -37.39 20.20 -6.34
CA ASN C 150 -36.85 19.87 -5.02
C ASN C 150 -35.60 20.69 -4.71
N GLY C 151 -35.52 21.89 -5.27
CA GLY C 151 -34.43 22.78 -4.94
C GLY C 151 -34.49 23.20 -3.48
N VAL C 152 -33.40 23.79 -2.99
CA VAL C 152 -33.35 24.26 -1.61
C VAL C 152 -32.77 25.66 -1.51
N PHE C 153 -33.40 26.49 -0.67
CA PHE C 153 -32.95 27.86 -0.42
C PHE C 153 -32.33 27.92 0.98
N TRP C 154 -31.21 28.64 1.10
CA TRP C 154 -30.55 28.80 2.38
C TRP C 154 -29.92 30.19 2.50
N GLU C 155 -30.61 31.10 3.16
CA GLU C 155 -30.02 32.39 3.51
C GLU C 155 -29.60 32.39 4.96
N SER C 156 -28.57 33.18 5.28
CA SER C 156 -28.12 33.32 6.66
C SER C 156 -27.29 34.58 6.87
N ALA C 157 -27.36 35.13 8.07
CA ALA C 157 -26.59 36.32 8.42
C ALA C 157 -25.25 35.92 9.06
N GLY C 158 -25.07 34.62 9.28
CA GLY C 158 -23.88 34.16 9.94
C GLY C 158 -23.95 34.33 11.45
N GLU C 159 -25.17 34.50 11.95
CA GLU C 159 -25.43 34.36 13.38
C GLU C 159 -25.91 32.94 13.66
N GLY C 160 -26.76 32.79 14.67
CA GLY C 160 -27.18 31.46 15.08
C GLY C 160 -28.39 30.95 14.32
N GLU C 161 -28.86 31.73 13.36
CA GLU C 161 -30.12 31.44 12.69
C GLU C 161 -30.00 31.47 11.17
N TYR C 162 -30.49 30.43 10.52
CA TYR C 162 -30.55 30.38 9.06
C TYR C 162 -31.98 30.15 8.59
N THR C 163 -32.26 30.52 7.35
CA THR C 163 -33.56 30.25 6.74
C THR C 163 -33.43 29.22 5.63
N VAL C 164 -34.32 28.23 5.64
CA VAL C 164 -34.36 27.20 4.61
C VAL C 164 -35.75 27.10 3.98
N ALA C 165 -35.77 26.92 2.67
CA ALA C 165 -37.04 26.94 1.93
C ALA C 165 -36.95 26.14 0.63
N ASP C 166 -38.04 25.48 0.27
CA ASP C 166 -38.10 24.75 -0.99
C ASP C 166 -38.30 25.69 -2.17
N ILE C 167 -37.32 25.69 -3.08
CA ILE C 167 -37.41 26.46 -4.31
C ILE C 167 -37.28 25.54 -5.51
N THR C 168 -37.12 26.11 -6.69
CA THR C 168 -36.95 25.33 -7.90
C THR C 168 -35.86 25.93 -8.79
N LYS C 169 -35.07 25.08 -9.43
CA LYS C 169 -34.11 25.54 -10.42
C LYS C 169 -33.81 24.45 -11.44
N GLU C 170 -34.14 24.73 -12.70
CA GLU C 170 -34.09 23.73 -13.76
C GLU C 170 -32.67 23.51 -14.26
N ASP C 171 -31.73 23.42 -13.33
CA ASP C 171 -30.31 23.38 -13.68
C ASP C 171 -29.45 22.99 -12.48
N ARG C 172 -28.99 21.74 -12.49
CA ARG C 172 -28.41 21.11 -11.31
C ARG C 172 -27.24 21.88 -10.72
N GLY C 173 -27.05 21.76 -9.41
CA GLY C 173 -25.84 22.28 -8.80
C GLY C 173 -26.04 23.21 -7.63
N THR C 174 -25.01 23.98 -7.31
CA THR C 174 -24.98 24.79 -6.10
C THR C 174 -24.62 26.24 -6.42
N GLU C 175 -25.51 27.15 -6.05
CA GLU C 175 -25.26 28.57 -6.27
C GLU C 175 -25.03 29.29 -4.94
N ILE C 176 -23.78 29.58 -4.63
CA ILE C 176 -23.43 30.31 -3.42
C ILE C 176 -23.29 31.79 -3.72
N THR C 177 -24.23 32.59 -3.25
CA THR C 177 -24.21 34.03 -3.47
C THR C 177 -23.76 34.73 -2.19
N LEU C 178 -22.57 35.33 -2.22
CA LEU C 178 -22.09 36.11 -1.08
C LEU C 178 -22.45 37.58 -1.22
N HIS C 179 -23.07 38.13 -0.19
CA HIS C 179 -23.31 39.57 -0.11
C HIS C 179 -22.16 40.20 0.66
N LEU C 180 -21.34 40.97 -0.03
CA LEU C 180 -20.07 41.44 0.54
C LEU C 180 -20.25 42.52 1.59
N ARG C 181 -19.28 42.59 2.50
CA ARG C 181 -19.30 43.58 3.58
C ARG C 181 -18.79 44.93 3.10
N GLU C 182 -19.32 45.99 3.68
CA GLU C 182 -18.66 47.29 3.65
C GLU C 182 -17.17 47.09 3.87
N GLY C 183 -16.36 47.71 3.02
CA GLY C 183 -14.91 47.61 3.17
C GLY C 183 -14.27 46.62 2.23
N GLU C 184 -14.85 45.43 2.11
CA GLU C 184 -14.17 44.32 1.44
C GLU C 184 -14.36 44.35 -0.08
N ASP C 185 -14.51 45.55 -0.64
CA ASP C 185 -14.62 45.71 -2.08
C ASP C 185 -13.47 45.03 -2.82
N GLU C 186 -12.48 44.57 -2.08
CA GLU C 186 -11.30 43.95 -2.67
C GLU C 186 -11.67 42.68 -3.43
N PHE C 187 -12.81 42.09 -3.09
CA PHE C 187 -13.21 40.83 -3.71
C PHE C 187 -14.24 40.99 -4.81
N LEU C 188 -14.25 42.17 -5.43
CA LEU C 188 -14.99 42.37 -6.67
C LEU C 188 -14.01 42.51 -7.82
N ASP C 189 -12.73 42.63 -7.48
CA ASP C 189 -11.66 42.57 -8.47
C ASP C 189 -11.53 41.17 -9.05
N ASP C 190 -12.12 40.97 -10.22
CA ASP C 190 -12.01 39.69 -10.91
C ASP C 190 -10.55 39.25 -11.02
N TRP C 191 -9.64 40.22 -11.05
CA TRP C 191 -8.22 39.91 -11.06
C TRP C 191 -7.77 39.30 -9.73
N ARG C 192 -7.89 40.07 -8.66
CA ARG C 192 -7.40 39.63 -7.36
C ARG C 192 -7.94 38.23 -7.07
N VAL C 193 -9.25 38.06 -7.26
CA VAL C 193 -9.87 36.75 -7.12
C VAL C 193 -9.11 35.73 -7.97
N ARG C 194 -8.94 36.04 -9.25
CA ARG C 194 -8.18 35.16 -10.15
C ARG C 194 -6.85 34.76 -9.55
N SER C 195 -6.03 35.76 -9.22
CA SER C 195 -4.65 35.52 -8.80
C SER C 195 -4.60 34.69 -7.53
N ILE C 196 -5.54 34.92 -6.62
CA ILE C 196 -5.70 34.06 -5.46
C ILE C 196 -5.96 32.62 -5.89
N ILE C 197 -7.05 32.42 -6.63
CA ILE C 197 -7.50 31.08 -6.96
C ILE C 197 -6.44 30.28 -7.72
N SER C 198 -5.52 31.00 -8.37
CA SER C 198 -4.56 30.36 -9.25
C SER C 198 -3.58 29.50 -8.45
N LYS C 199 -3.25 29.94 -7.25
CA LYS C 199 -2.37 29.18 -6.37
C LYS C 199 -2.98 27.83 -6.01
N TYR C 200 -4.30 27.80 -5.94
CA TYR C 200 -5.01 26.59 -5.54
C TYR C 200 -5.13 25.61 -6.71
N SER C 201 -5.36 26.15 -7.89
CA SER C 201 -5.89 25.38 -9.01
C SER C 201 -4.98 24.23 -9.45
N ASP C 202 -3.80 24.16 -8.86
CA ASP C 202 -2.87 23.07 -9.16
C ASP C 202 -2.98 21.93 -8.16
N HIS C 203 -3.92 22.06 -7.23
CA HIS C 203 -4.35 20.91 -6.43
C HIS C 203 -5.85 20.65 -6.64
N ILE C 204 -6.56 21.65 -7.17
CA ILE C 204 -8.00 21.56 -7.29
C ILE C 204 -8.36 20.53 -8.35
N ALA C 205 -9.62 20.10 -8.35
CA ALA C 205 -10.03 18.93 -9.13
C ALA C 205 -10.87 19.30 -10.34
N LEU C 206 -11.06 20.60 -10.55
CA LEU C 206 -12.15 21.07 -11.41
C LEU C 206 -11.72 22.28 -12.24
N PRO C 207 -12.40 22.50 -13.38
CA PRO C 207 -12.35 23.81 -14.05
C PRO C 207 -12.95 24.90 -13.17
N VAL C 208 -12.12 25.89 -12.82
CA VAL C 208 -12.62 27.12 -12.23
C VAL C 208 -12.67 28.21 -13.29
N GLU C 209 -13.87 28.63 -13.66
CA GLU C 209 -14.05 29.66 -14.68
C GLU C 209 -14.36 31.02 -14.05
N ILE C 210 -13.70 32.06 -14.54
CA ILE C 210 -13.92 33.40 -14.03
C ILE C 210 -14.64 34.25 -15.07
N GLU C 211 -15.50 35.15 -14.59
CA GLU C 211 -16.32 35.97 -15.48
C GLU C 211 -15.45 36.83 -16.38
N THR C 220 -17.28 45.15 -21.37
CA THR C 220 -17.33 43.75 -20.96
C THR C 220 -17.81 42.86 -22.10
N VAL C 221 -17.39 41.60 -22.07
CA VAL C 221 -18.04 40.55 -22.86
C VAL C 221 -18.64 39.52 -21.90
N ILE C 222 -19.25 38.48 -22.47
CA ILE C 222 -19.78 37.39 -21.68
C ILE C 222 -18.86 36.18 -21.75
N SER C 223 -17.56 36.44 -21.68
CA SER C 223 -16.57 35.37 -21.79
C SER C 223 -16.28 34.72 -20.44
N TRP C 224 -16.49 33.41 -20.37
CA TRP C 224 -15.97 32.61 -19.27
C TRP C 224 -14.54 32.16 -19.62
N GLU C 225 -13.62 32.37 -18.70
CA GLU C 225 -12.21 32.08 -18.96
C GLU C 225 -11.58 31.30 -17.80
N LYS C 226 -11.04 30.12 -18.12
CA LYS C 226 -10.57 29.20 -17.09
C LYS C 226 -9.30 29.72 -16.42
N ILE C 227 -9.23 29.58 -15.10
CA ILE C 227 -8.07 30.04 -14.35
C ILE C 227 -6.87 29.12 -14.54
N ASN C 228 -6.85 28.02 -13.79
CA ASN C 228 -5.76 27.05 -13.91
C ASN C 228 -5.47 26.88 -15.39
N LYS C 229 -4.22 26.62 -15.72
CA LYS C 229 -3.86 26.53 -17.12
C LYS C 229 -3.46 25.12 -17.50
N ALA C 230 -2.76 24.44 -16.60
CA ALA C 230 -2.39 23.04 -16.80
C ALA C 230 -1.28 22.90 -17.84
N GLN C 231 -0.10 22.51 -17.38
CA GLN C 231 1.04 22.35 -18.28
C GLN C 231 0.92 21.01 -18.98
N ALA C 232 0.30 21.04 -20.16
CA ALA C 232 -0.34 19.84 -20.70
C ALA C 232 -0.17 19.75 -22.21
N LEU C 233 0.84 19.01 -22.64
CA LEU C 233 1.23 18.98 -24.04
C LEU C 233 0.11 18.34 -24.87
N TRP C 234 -0.84 17.71 -24.20
CA TRP C 234 -2.01 17.16 -24.87
C TRP C 234 -3.23 18.06 -24.68
N THR C 235 -3.00 19.33 -24.40
CA THR C 235 -4.08 20.30 -24.22
C THR C 235 -4.08 21.35 -25.33
N ARG C 236 -2.94 21.99 -25.55
CA ARG C 236 -2.77 22.83 -26.73
C ARG C 236 -3.19 22.05 -27.98
N ASN C 237 -4.21 22.55 -28.65
CA ASN C 237 -4.83 21.82 -29.76
C ASN C 237 -3.88 21.62 -30.93
N LYS C 238 -4.32 20.82 -31.90
CA LYS C 238 -3.45 20.36 -32.97
C LYS C 238 -2.91 21.50 -33.82
N SER C 239 -3.64 22.61 -33.84
CA SER C 239 -3.15 23.83 -34.48
C SER C 239 -2.19 24.56 -33.55
N GLU C 240 -1.26 23.80 -32.98
CA GLU C 240 -0.25 24.36 -32.08
C GLU C 240 1.09 23.67 -32.27
N ILE C 241 1.05 22.34 -32.37
CA ILE C 241 2.14 21.51 -31.88
C ILE C 241 3.14 21.16 -32.98
N THR C 242 4.42 21.12 -32.59
CA THR C 242 5.47 20.78 -33.54
C THR C 242 5.54 19.27 -33.71
N ASP C 243 5.76 18.82 -34.94
CA ASP C 243 5.95 17.39 -35.19
C ASP C 243 7.09 16.85 -34.32
N GLU C 244 8.08 17.70 -34.07
CA GLU C 244 9.15 17.34 -33.16
C GLU C 244 8.61 17.27 -31.74
N GLU C 245 7.80 18.25 -31.36
CA GLU C 245 7.20 18.29 -30.04
C GLU C 245 6.47 16.99 -29.74
N TYR C 246 5.56 16.60 -30.63
CA TYR C 246 4.88 15.32 -30.52
C TYR C 246 5.90 14.19 -30.36
N LYS C 247 6.83 14.10 -31.31
CA LYS C 247 7.79 13.00 -31.33
C LYS C 247 8.54 12.93 -30.00
N GLU C 248 9.11 14.05 -29.58
CA GLU C 248 9.78 14.13 -28.29
C GLU C 248 8.90 13.57 -27.18
N PHE C 249 7.63 13.95 -27.18
CA PHE C 249 6.71 13.55 -26.13
C PHE C 249 6.62 12.03 -26.04
N TYR C 250 6.14 11.41 -27.11
CA TYR C 250 6.01 9.96 -27.14
C TYR C 250 7.30 9.32 -26.64
N LYS C 251 8.44 9.79 -27.15
CA LYS C 251 9.73 9.33 -26.68
C LYS C 251 9.75 9.27 -25.15
N HIS C 252 9.40 10.39 -24.52
CA HIS C 252 9.50 10.51 -23.08
C HIS C 252 8.60 9.52 -22.36
N ILE C 253 7.32 9.53 -22.69
CA ILE C 253 6.34 8.70 -22.00
C ILE C 253 6.34 7.27 -22.50
N ALA C 254 7.39 6.89 -23.22
CA ALA C 254 7.54 5.52 -23.69
C ALA C 254 8.85 4.90 -23.19
N HIS C 255 9.77 5.75 -22.76
CA HIS C 255 11.13 5.32 -22.43
C HIS C 255 11.78 4.70 -23.65
N ASP C 256 11.17 4.93 -24.81
CA ASP C 256 11.76 4.57 -26.09
C ASP C 256 12.30 5.84 -26.76
N PHE C 257 13.19 5.67 -27.72
CA PHE C 257 14.00 6.77 -28.22
C PHE C 257 13.98 6.86 -29.75
N ASN C 258 13.40 5.84 -30.39
CA ASN C 258 12.97 5.97 -31.78
C ASN C 258 11.75 6.87 -31.86
N ASP C 259 11.54 7.48 -33.03
CA ASP C 259 10.38 8.31 -33.26
C ASP C 259 9.13 7.45 -33.44
N PRO C 260 7.94 8.00 -33.16
CA PRO C 260 6.70 7.32 -33.50
C PRO C 260 6.48 7.28 -35.01
N LEU C 261 5.73 6.29 -35.48
CA LEU C 261 5.39 6.22 -36.89
C LEU C 261 4.20 7.12 -37.21
N THR C 262 3.39 7.39 -36.20
CA THR C 262 2.22 8.25 -36.36
C THR C 262 1.50 8.42 -35.03
N TRP C 263 0.58 9.38 -34.98
CA TRP C 263 -0.17 9.67 -33.77
C TRP C 263 -1.53 10.28 -34.08
N SER C 264 -2.49 10.04 -33.20
CA SER C 264 -3.77 10.74 -33.26
C SER C 264 -4.06 11.42 -31.92
N HIS C 265 -4.18 12.74 -31.95
CA HIS C 265 -4.44 13.53 -30.75
C HIS C 265 -5.71 14.36 -30.95
N ASN C 266 -6.77 13.98 -30.25
CA ASN C 266 -8.08 14.60 -30.46
C ASN C 266 -8.74 14.98 -29.14
N ARG C 267 -9.87 15.68 -29.24
CA ARG C 267 -10.62 16.12 -28.07
C ARG C 267 -12.11 15.88 -28.27
N VAL C 268 -12.71 15.07 -27.41
CA VAL C 268 -14.13 14.79 -27.50
C VAL C 268 -14.94 15.52 -26.43
N GLU C 269 -15.84 16.38 -26.90
CA GLU C 269 -16.92 16.93 -26.08
C GLU C 269 -18.12 15.99 -26.22
N GLY C 270 -19.12 16.19 -25.37
CA GLY C 270 -20.33 15.39 -25.49
C GLY C 270 -20.48 14.31 -24.43
N LYS C 271 -20.91 13.12 -24.86
CA LYS C 271 -21.44 12.11 -23.96
C LYS C 271 -20.49 11.82 -22.81
N GLN C 272 -19.44 11.06 -23.08
CA GLN C 272 -18.24 11.08 -22.25
C GLN C 272 -17.26 12.06 -22.84
N GLU C 273 -16.33 12.55 -22.02
CA GLU C 273 -15.61 13.78 -22.32
C GLU C 273 -14.13 13.62 -21.96
N TYR C 274 -13.25 13.81 -22.93
CA TYR C 274 -11.87 13.39 -22.75
C TYR C 274 -10.95 13.76 -23.91
N THR C 275 -9.73 14.16 -23.57
CA THR C 275 -8.71 14.46 -24.57
C THR C 275 -7.79 13.25 -24.70
N SER C 276 -7.70 12.69 -25.91
CA SER C 276 -6.92 11.48 -26.12
C SER C 276 -5.73 11.70 -27.05
N LEU C 277 -4.60 11.11 -26.69
CA LEU C 277 -3.40 11.15 -27.52
C LEU C 277 -2.78 9.75 -27.60
N LEU C 278 -2.63 9.24 -28.82
CA LEU C 278 -2.13 7.88 -29.01
C LEU C 278 -1.03 7.82 -30.05
N TYR C 279 -0.05 6.93 -29.80
CA TYR C 279 1.07 6.75 -30.72
C TYR C 279 1.15 5.32 -31.23
N ILE C 280 1.69 5.15 -32.43
CA ILE C 280 2.04 3.83 -32.94
C ILE C 280 3.55 3.72 -33.07
N PRO C 281 4.20 3.00 -32.15
CA PRO C 281 5.65 2.89 -32.11
C PRO C 281 6.25 2.36 -33.41
N SER C 282 7.57 2.39 -33.51
CA SER C 282 8.26 1.90 -34.70
C SER C 282 9.04 0.63 -34.38
N GLN C 283 9.14 0.30 -33.09
CA GLN C 283 9.93 -0.84 -32.65
C GLN C 283 9.23 -1.56 -31.50
N ALA C 284 8.58 -2.68 -31.80
CA ALA C 284 7.98 -3.51 -30.77
C ALA C 284 9.04 -3.87 -29.73
N PRO C 285 8.84 -3.41 -28.48
CA PRO C 285 9.79 -3.64 -27.39
C PRO C 285 10.01 -5.11 -27.07
N TRP C 286 10.75 -5.36 -26.00
CA TRP C 286 11.04 -6.72 -25.55
C TRP C 286 9.78 -7.48 -25.12
N ASP C 287 8.99 -6.86 -24.26
CA ASP C 287 7.90 -7.54 -23.57
C ASP C 287 6.83 -8.03 -24.53
N MET C 288 6.90 -7.55 -25.77
CA MET C 288 5.79 -7.64 -26.70
C MET C 288 4.98 -8.94 -26.61
N TRP C 289 5.65 -10.08 -26.46
CA TRP C 289 4.96 -11.36 -26.59
C TRP C 289 4.96 -12.22 -25.33
N ASN C 290 5.06 -11.55 -24.18
CA ASN C 290 5.02 -12.22 -22.88
C ASN C 290 3.59 -12.55 -22.48
N ASP C 292 -1.09 -11.16 -19.61
CA ASP C 292 -1.73 -10.04 -20.26
C ASP C 292 -1.34 -8.72 -19.61
N HIS C 293 -0.05 -8.58 -19.28
CA HIS C 293 0.46 -7.26 -18.92
C HIS C 293 0.63 -6.41 -20.16
N LYS C 294 -0.40 -5.64 -20.50
CA LYS C 294 -0.30 -4.61 -21.53
C LYS C 294 -0.20 -3.24 -20.87
N HIS C 295 0.75 -2.44 -21.35
CA HIS C 295 1.14 -1.21 -20.66
C HIS C 295 0.59 0.02 -21.38
N GLY C 296 1.49 0.85 -21.90
CA GLY C 296 1.08 1.96 -22.72
C GLY C 296 0.15 2.96 -22.06
N LEU C 297 -1.14 2.86 -22.39
CA LEU C 297 -2.10 3.93 -22.12
C LEU C 297 -2.08 4.43 -20.68
N LYS C 298 -1.61 5.65 -20.51
CA LYS C 298 -1.61 6.32 -19.22
C LYS C 298 -2.94 7.04 -19.02
N LEU C 299 -3.64 6.71 -17.93
CA LEU C 299 -4.94 7.32 -17.69
C LEU C 299 -4.86 8.51 -16.74
N TYR C 300 -5.18 9.69 -17.27
CA TYR C 300 -5.30 10.90 -16.46
C TYR C 300 -6.76 11.24 -16.22
N VAL C 301 -7.05 11.84 -15.06
CA VAL C 301 -8.39 12.30 -14.75
C VAL C 301 -8.36 13.77 -14.33
N GLN C 302 -8.98 14.62 -15.15
CA GLN C 302 -8.96 16.06 -14.92
C GLN C 302 -7.52 16.59 -14.96
N ARG C 303 -6.81 16.27 -16.03
CA ARG C 303 -5.42 16.70 -16.20
C ARG C 303 -4.58 16.29 -14.99
N VAL C 304 -5.06 15.31 -14.24
CA VAL C 304 -4.31 14.75 -13.13
C VAL C 304 -3.89 13.32 -13.45
N PHE C 305 -2.81 12.86 -12.83
CA PHE C 305 -2.33 11.50 -13.05
C PHE C 305 -3.09 10.52 -12.17
N ILE C 306 -3.56 9.43 -12.77
CA ILE C 306 -4.12 8.33 -12.01
C ILE C 306 -3.15 7.15 -11.99
N MET C 307 -3.25 6.29 -12.98
CA MET C 307 -2.30 5.20 -13.13
C MET C 307 -1.54 5.25 -14.44
N ASP C 308 -0.22 5.10 -14.32
CA ASP C 308 0.57 4.40 -15.31
C ASP C 308 -0.16 3.13 -15.70
N ASP C 309 -0.70 3.11 -16.91
CA ASP C 309 -0.91 1.86 -17.64
C ASP C 309 -2.16 1.13 -17.20
N ALA C 310 -3.24 1.33 -17.95
CA ALA C 310 -4.45 0.51 -17.79
C ALA C 310 -4.45 -0.55 -18.88
N GLU C 311 -4.82 -1.77 -18.52
CA GLU C 311 -4.73 -2.90 -19.43
C GLU C 311 -5.50 -2.65 -20.72
N GLN C 312 -6.44 -1.71 -20.67
CA GLN C 312 -7.81 -2.01 -20.26
C GLN C 312 -8.80 -1.15 -21.03
N PHE C 313 -8.31 -0.11 -21.69
CA PHE C 313 -9.08 0.63 -22.68
C PHE C 313 -8.72 0.11 -24.07
N MET C 314 -7.68 -0.70 -24.14
CA MET C 314 -7.16 -1.23 -25.40
C MET C 314 -7.41 -2.73 -25.51
N PRO C 315 -7.96 -3.17 -26.66
CA PRO C 315 -8.05 -4.59 -27.00
C PRO C 315 -6.67 -5.17 -27.30
N ASN C 316 -6.53 -6.48 -27.11
CA ASN C 316 -5.24 -7.13 -27.21
C ASN C 316 -4.58 -6.92 -28.57
N TYR C 317 -5.38 -6.91 -29.64
CA TYR C 317 -4.82 -6.87 -30.99
C TYR C 317 -4.35 -5.47 -31.36
N LEU C 318 -4.23 -4.60 -30.35
CA LEU C 318 -3.65 -3.28 -30.54
C LEU C 318 -2.79 -2.90 -29.34
N ARG C 319 -2.29 -3.92 -28.64
CA ARG C 319 -1.55 -3.71 -27.40
C ARG C 319 -0.15 -3.14 -27.65
N PHE C 320 0.08 -2.64 -28.85
CA PHE C 320 1.28 -1.86 -29.13
C PHE C 320 1.03 -0.37 -28.94
N VAL C 321 -0.23 0.03 -29.12
CA VAL C 321 -0.60 1.43 -28.99
C VAL C 321 -0.07 2.04 -27.71
N ARG C 322 0.74 3.08 -27.85
CA ARG C 322 1.23 3.84 -26.70
C ARG C 322 0.56 5.21 -26.64
N GLY C 323 0.70 5.89 -25.51
CA GLY C 323 0.10 7.21 -25.37
C GLY C 323 -0.62 7.39 -24.05
N LEU C 324 -1.61 8.27 -24.03
CA LEU C 324 -2.37 8.55 -22.82
C LEU C 324 -3.74 9.14 -23.15
N ILE C 325 -4.74 8.76 -22.36
CA ILE C 325 -6.06 9.38 -22.45
C ILE C 325 -6.31 10.18 -21.18
N ASP C 326 -6.90 11.36 -21.35
CA ASP C 326 -7.19 12.24 -20.22
C ASP C 326 -8.68 12.50 -20.12
N SER C 327 -9.35 11.74 -19.26
CA SER C 327 -10.77 11.91 -19.04
C SER C 327 -11.06 13.03 -18.05
N SER C 328 -12.10 13.81 -18.35
CA SER C 328 -12.93 14.42 -17.31
C SER C 328 -14.22 13.62 -17.23
N ASP C 329 -14.95 13.77 -16.13
CA ASP C 329 -16.21 13.07 -15.94
C ASP C 329 -15.99 11.60 -15.61
N LEU C 330 -14.74 11.15 -15.75
CA LEU C 330 -14.29 9.97 -15.04
C LEU C 330 -13.93 10.41 -13.63
N PRO C 331 -14.63 9.88 -12.62
CA PRO C 331 -14.33 10.26 -11.24
C PRO C 331 -12.94 9.88 -10.78
N LEU C 332 -12.09 10.88 -10.57
CA LEU C 332 -10.82 10.69 -9.89
C LEU C 332 -11.01 9.77 -8.69
N ASN C 333 -9.98 9.02 -8.35
CA ASN C 333 -10.03 7.99 -7.32
C ASN C 333 -10.38 6.65 -7.95
N VAL C 334 -10.98 6.69 -9.13
CA VAL C 334 -11.19 5.49 -9.94
C VAL C 334 -9.93 4.65 -9.98
N SER C 335 -10.09 3.33 -9.99
CA SER C 335 -8.99 2.42 -10.27
C SER C 335 -9.49 1.22 -11.07
N ARG C 336 -8.53 0.42 -11.55
CA ARG C 336 -8.84 -0.70 -12.46
C ARG C 336 -10.10 -1.45 -12.07
N GLU C 337 -10.17 -1.86 -10.82
CA GLU C 337 -11.38 -2.50 -10.28
C GLU C 337 -12.62 -1.70 -10.66
N ILE C 338 -12.68 -0.46 -10.17
CA ILE C 338 -13.87 0.37 -10.32
C ILE C 338 -14.29 0.47 -11.79
N LEU C 339 -13.31 0.71 -12.65
CA LEU C 339 -13.55 0.76 -14.09
C LEU C 339 -14.19 -0.54 -14.58
N GLN C 340 -13.63 -1.66 -14.13
CA GLN C 340 -14.05 -2.96 -14.62
C GLN C 340 -15.42 -3.32 -14.03
N ASP C 341 -15.97 -2.42 -13.23
CA ASP C 341 -17.34 -2.58 -12.74
C ASP C 341 -18.31 -1.65 -13.47
N SER C 342 -17.81 -0.49 -13.89
CA SER C 342 -18.61 0.45 -14.68
C SER C 342 -18.80 -0.02 -16.11
N THR C 343 -19.66 0.67 -16.84
CA THR C 343 -19.86 0.41 -18.28
C THR C 343 -19.01 1.39 -19.08
N VAL C 344 -18.85 2.58 -18.54
CA VAL C 344 -18.09 3.64 -19.20
C VAL C 344 -16.80 3.09 -19.79
N THR C 345 -16.20 2.13 -19.10
CA THR C 345 -14.99 1.50 -19.57
C THR C 345 -15.24 0.85 -20.93
N ARG C 346 -16.19 -0.09 -20.95
CA ARG C 346 -16.62 -0.73 -22.18
C ARG C 346 -16.67 0.29 -23.31
N ASN C 347 -17.42 1.36 -23.09
CA ASN C 347 -17.64 2.35 -24.14
C ASN C 347 -16.35 3.06 -24.52
N LEU C 348 -15.63 3.55 -23.53
CA LEU C 348 -14.41 4.32 -23.77
C LEU C 348 -13.41 3.49 -24.57
N ARG C 349 -13.19 2.26 -24.13
CA ARG C 349 -12.44 1.29 -24.91
C ARG C 349 -12.86 1.35 -26.37
N ASN C 350 -14.11 0.96 -26.65
CA ASN C 350 -14.55 0.83 -28.03
C ASN C 350 -14.21 2.06 -28.87
N ALA C 351 -14.60 3.22 -28.37
CA ALA C 351 -14.33 4.47 -29.06
C ALA C 351 -12.86 4.56 -29.45
N LEU C 352 -11.98 4.36 -28.48
CA LEU C 352 -10.55 4.48 -28.73
C LEU C 352 -10.08 3.51 -29.80
N THR C 353 -10.58 2.28 -29.72
CA THR C 353 -10.25 1.26 -30.73
C THR C 353 -10.55 1.79 -32.12
N LYS C 354 -11.73 2.38 -32.30
CA LYS C 354 -12.05 3.07 -33.53
C LYS C 354 -10.95 4.07 -33.88
N ARG C 355 -10.61 4.94 -32.93
CA ARG C 355 -9.68 6.02 -33.21
C ARG C 355 -8.33 5.49 -33.64
N VAL C 356 -7.88 4.42 -32.99
CA VAL C 356 -6.62 3.77 -33.35
C VAL C 356 -6.65 3.23 -34.77
N LEU C 357 -7.68 2.45 -35.08
CA LEU C 357 -7.82 1.85 -36.40
C LEU C 357 -7.83 2.92 -37.48
N GLN C 358 -8.62 3.97 -37.29
CA GLN C 358 -8.63 5.11 -38.20
C GLN C 358 -7.22 5.63 -38.40
N MET C 359 -6.53 5.88 -37.30
CA MET C 359 -5.18 6.43 -37.35
C MET C 359 -4.29 5.57 -38.25
N LEU C 360 -4.49 4.26 -38.18
CA LEU C 360 -3.75 3.33 -39.02
C LEU C 360 -4.15 3.43 -40.49
N GLU C 361 -5.43 3.26 -40.77
CA GLU C 361 -5.96 3.43 -42.12
C GLU C 361 -5.26 4.60 -42.80
N LYS C 362 -5.23 5.74 -42.11
CA LYS C 362 -4.70 6.96 -42.70
C LYS C 362 -3.20 6.83 -42.95
N LEU C 363 -2.48 6.25 -41.99
CA LEU C 363 -1.06 6.01 -42.18
C LEU C 363 -0.82 5.25 -43.49
N ALA C 364 -1.78 4.39 -43.84
CA ALA C 364 -1.65 3.54 -45.02
C ALA C 364 -2.05 4.29 -46.29
N LYS C 365 -2.74 5.41 -46.12
CA LYS C 365 -3.02 6.29 -47.25
C LYS C 365 -1.89 7.28 -47.52
N ASP C 366 -1.23 7.73 -46.46
CA ASP C 366 -0.38 8.91 -46.55
C ASP C 366 1.12 8.63 -46.48
N ASP C 367 1.48 7.38 -46.23
CA ASP C 367 2.88 7.05 -46.02
C ASP C 367 3.15 5.54 -46.08
N ALA C 368 2.81 4.93 -47.21
CA ALA C 368 2.92 3.48 -47.36
C ALA C 368 4.31 3.00 -46.97
N GLU C 369 5.31 3.85 -47.20
CA GLU C 369 6.68 3.58 -46.79
C GLU C 369 6.73 3.19 -45.31
N LYS C 370 6.47 4.17 -44.44
CA LYS C 370 6.51 3.94 -43.00
C LYS C 370 5.58 2.81 -42.59
N TYR C 371 4.38 2.81 -43.13
CA TYR C 371 3.37 1.85 -42.73
C TYR C 371 3.88 0.42 -42.86
N GLN C 372 4.58 0.14 -43.96
CA GLN C 372 5.25 -1.14 -44.11
C GLN C 372 6.07 -1.47 -42.86
N THR C 373 6.83 -0.48 -42.40
CA THR C 373 7.69 -0.68 -41.24
C THR C 373 6.82 -1.07 -40.05
N PHE C 374 5.64 -0.46 -39.98
CA PHE C 374 4.63 -0.84 -39.00
C PHE C 374 4.30 -2.33 -39.11
N TRP C 375 3.87 -2.75 -40.29
CA TRP C 375 3.37 -4.11 -40.47
C TRP C 375 4.50 -5.12 -40.29
N GLN C 376 5.71 -4.71 -40.68
CA GLN C 376 6.90 -5.47 -40.32
C GLN C 376 6.93 -5.72 -38.82
N GLN C 377 6.64 -4.69 -38.04
CA GLN C 377 6.84 -4.75 -36.60
C GLN C 377 5.67 -5.36 -35.82
N PHE C 378 4.45 -5.16 -36.32
CA PHE C 378 3.26 -5.40 -35.50
C PHE C 378 2.22 -6.29 -36.17
N GLY C 379 2.38 -6.53 -37.47
CA GLY C 379 1.37 -7.25 -38.22
C GLY C 379 0.91 -8.53 -37.53
N LEU C 380 1.88 -9.29 -37.02
CA LEU C 380 1.58 -10.57 -36.37
C LEU C 380 0.58 -10.38 -35.24
N VAL C 381 0.56 -9.18 -34.66
CA VAL C 381 -0.39 -8.87 -33.59
C VAL C 381 -1.74 -8.45 -34.18
N LEU C 382 -1.70 -7.57 -35.18
CA LEU C 382 -2.92 -7.09 -35.80
C LEU C 382 -3.72 -8.26 -36.38
N LYS C 383 -3.03 -9.36 -36.64
CA LYS C 383 -3.67 -10.55 -37.21
C LYS C 383 -4.50 -11.30 -36.17
N GLU C 384 -4.40 -10.88 -34.92
CA GLU C 384 -5.35 -11.31 -33.90
C GLU C 384 -6.70 -10.65 -34.12
N GLY C 385 -6.68 -9.39 -34.52
CA GLY C 385 -7.90 -8.60 -34.61
C GLY C 385 -9.12 -9.35 -35.13
N PRO C 386 -9.02 -9.99 -36.31
CA PRO C 386 -10.18 -10.61 -36.96
C PRO C 386 -10.90 -11.63 -36.07
N ALA C 387 -10.14 -12.26 -35.17
CA ALA C 387 -10.70 -13.29 -34.30
C ALA C 387 -11.24 -12.70 -33.01
N GLU C 388 -11.16 -11.38 -32.88
CA GLU C 388 -11.22 -10.74 -31.57
C GLU C 388 -11.93 -9.38 -31.60
N ASP C 389 -12.66 -9.11 -32.68
CA ASP C 389 -13.44 -7.87 -32.77
C ASP C 389 -14.36 -7.90 -33.98
N PHE C 390 -15.44 -8.65 -33.87
CA PHE C 390 -16.37 -8.83 -34.99
C PHE C 390 -16.83 -7.49 -35.53
N ALA C 391 -16.72 -6.45 -34.71
CA ALA C 391 -17.39 -5.19 -34.99
C ALA C 391 -16.66 -4.33 -36.02
N ASN C 392 -15.44 -4.73 -36.35
CA ASN C 392 -14.59 -3.93 -37.25
C ASN C 392 -13.86 -4.80 -38.25
N GLN C 393 -14.24 -6.07 -38.32
CA GLN C 393 -13.52 -7.04 -39.13
C GLN C 393 -13.19 -6.50 -40.51
N GLU C 394 -14.04 -5.62 -41.03
CA GLU C 394 -13.74 -4.87 -42.24
C GLU C 394 -12.48 -4.02 -42.04
N ALA C 395 -12.63 -2.92 -41.30
CA ALA C 395 -11.61 -1.88 -41.26
C ALA C 395 -10.30 -2.42 -40.71
N ILE C 396 -10.35 -3.64 -40.16
CA ILE C 396 -9.13 -4.39 -39.87
C ILE C 396 -8.58 -5.02 -41.14
N ALA C 397 -9.40 -5.84 -41.79
CA ALA C 397 -8.93 -6.65 -42.90
C ALA C 397 -8.22 -5.79 -43.94
N LYS C 398 -8.75 -4.60 -44.18
CA LYS C 398 -8.08 -3.64 -45.06
C LYS C 398 -6.66 -3.36 -44.58
N LEU C 399 -6.51 -3.13 -43.28
CA LEU C 399 -5.19 -2.86 -42.70
C LEU C 399 -4.28 -4.07 -42.83
N LEU C 400 -4.86 -5.25 -42.98
CA LEU C 400 -4.07 -6.47 -43.16
C LEU C 400 -3.17 -6.37 -44.38
N ARG C 401 -2.11 -7.18 -44.39
CA ARG C 401 -1.17 -7.21 -45.51
C ARG C 401 -0.61 -8.62 -45.68
N PHE C 402 -0.28 -8.98 -46.92
CA PHE C 402 0.12 -10.35 -47.24
C PHE C 402 1.23 -10.41 -48.26
N ALA C 403 1.83 -11.59 -48.41
CA ALA C 403 2.65 -11.90 -49.57
C ALA C 403 1.85 -12.82 -50.48
N SER C 404 2.00 -12.63 -51.79
CA SER C 404 1.26 -13.46 -52.76
C SER C 404 2.06 -13.73 -54.02
N THR C 405 1.46 -14.50 -54.93
CA THR C 405 2.16 -15.02 -56.10
C THR C 405 2.77 -13.92 -56.96
N HIS C 406 2.03 -12.84 -57.18
CA HIS C 406 2.51 -11.76 -58.03
C HIS C 406 3.54 -10.87 -57.32
N THR C 407 4.27 -11.47 -56.38
CA THR C 407 5.50 -10.89 -55.86
C THR C 407 6.37 -12.00 -55.27
N ASP C 408 7.54 -12.20 -55.86
CA ASP C 408 8.39 -13.34 -55.51
C ASP C 408 9.31 -13.06 -54.33
N SER C 409 8.97 -12.05 -53.54
CA SER C 409 9.83 -11.64 -52.44
C SER C 409 9.24 -12.04 -51.09
N SER C 410 10.10 -12.44 -50.16
CA SER C 410 9.64 -12.89 -48.85
C SER C 410 8.73 -11.84 -48.22
N ALA C 411 9.11 -10.58 -48.36
CA ALA C 411 8.38 -9.49 -47.73
C ALA C 411 6.93 -9.47 -48.20
N GLN C 412 6.04 -8.96 -47.35
CA GLN C 412 4.62 -8.94 -47.65
C GLN C 412 4.09 -7.51 -47.74
N THR C 413 3.44 -7.21 -48.86
CA THR C 413 3.05 -5.83 -49.17
C THR C 413 1.71 -5.77 -49.87
N VAL C 414 1.06 -6.92 -50.04
CA VAL C 414 -0.18 -6.99 -50.81
C VAL C 414 -1.40 -6.64 -49.98
N SER C 415 -2.05 -5.53 -50.35
CA SER C 415 -3.35 -5.17 -49.78
C SER C 415 -4.40 -6.10 -50.36
N LEU C 416 -5.44 -6.39 -49.58
CA LEU C 416 -6.56 -7.18 -50.08
C LEU C 416 -7.24 -6.44 -51.23
N GLU C 417 -7.28 -5.12 -51.11
CA GLU C 417 -7.70 -4.28 -52.23
C GLU C 417 -6.84 -4.61 -53.44
N ASP C 418 -5.52 -4.56 -53.25
CA ASP C 418 -4.58 -4.78 -54.34
C ASP C 418 -4.82 -6.14 -54.98
N TYR C 419 -5.47 -7.03 -54.23
CA TYR C 419 -5.80 -8.35 -54.73
C TYR C 419 -7.00 -8.26 -55.68
N VAL C 420 -8.14 -7.87 -55.12
CA VAL C 420 -9.36 -7.74 -55.91
C VAL C 420 -9.16 -6.81 -57.10
N SER C 421 -8.39 -5.75 -56.90
CA SER C 421 -8.09 -4.81 -57.96
C SER C 421 -7.60 -5.53 -59.21
N ARG C 422 -6.59 -6.38 -59.04
CA ARG C 422 -6.00 -7.07 -60.18
C ARG C 422 -6.53 -8.49 -60.32
N MET C 423 -7.71 -8.74 -59.76
CA MET C 423 -8.47 -9.93 -60.09
C MET C 423 -8.90 -9.87 -61.55
N LYS C 424 -9.04 -11.04 -62.17
CA LYS C 424 -9.41 -11.12 -63.57
C LYS C 424 -10.92 -11.32 -63.73
N GLU C 425 -11.43 -10.99 -64.92
CA GLU C 425 -12.87 -11.08 -65.18
C GLU C 425 -13.39 -12.49 -64.92
N GLY C 426 -14.47 -12.58 -64.15
CA GLY C 426 -15.08 -13.86 -63.88
C GLY C 426 -14.58 -14.51 -62.61
N GLN C 427 -13.37 -14.15 -62.20
CA GLN C 427 -12.78 -14.73 -61.00
C GLN C 427 -13.55 -14.27 -59.76
N GLU C 428 -14.14 -15.22 -59.04
CA GLU C 428 -15.08 -14.90 -57.98
C GLU C 428 -14.49 -15.06 -56.59
N LYS C 429 -13.54 -15.97 -56.45
CA LYS C 429 -12.99 -16.31 -55.14
C LYS C 429 -11.61 -15.70 -54.88
N ILE C 430 -11.24 -15.65 -53.61
CA ILE C 430 -9.90 -15.22 -53.20
C ILE C 430 -9.15 -16.41 -52.64
N TYR C 431 -8.05 -16.78 -53.29
CA TYR C 431 -7.34 -18.01 -52.96
C TYR C 431 -6.12 -17.76 -52.08
N TYR C 432 -5.88 -18.69 -51.15
CA TYR C 432 -4.70 -18.63 -50.30
C TYR C 432 -4.13 -20.02 -50.07
N ILE C 433 -2.82 -20.08 -49.85
CA ILE C 433 -2.17 -21.28 -49.37
C ILE C 433 -1.66 -21.06 -47.94
N THR C 434 -1.63 -22.12 -47.16
CA THR C 434 -1.22 -22.03 -45.76
C THR C 434 -0.12 -23.03 -45.43
N ALA C 435 1.11 -22.55 -45.38
CA ALA C 435 2.28 -23.42 -45.21
C ALA C 435 3.09 -23.04 -43.98
N ASP C 436 4.04 -23.90 -43.62
CA ASP C 436 4.87 -23.68 -42.45
C ASP C 436 5.87 -22.56 -42.68
N SER C 437 6.03 -22.17 -43.95
CA SER C 437 7.11 -21.27 -44.34
C SER C 437 6.90 -20.71 -45.74
N TYR C 438 7.41 -19.51 -45.96
CA TYR C 438 7.27 -18.83 -47.25
C TYR C 438 7.68 -19.78 -48.37
N ALA C 439 8.84 -20.41 -48.20
CA ALA C 439 9.31 -21.43 -49.13
C ALA C 439 8.17 -22.32 -49.60
N ALA C 440 7.71 -23.19 -48.71
CA ALA C 440 6.69 -24.17 -49.08
C ALA C 440 5.54 -23.47 -49.81
N ALA C 441 5.13 -22.34 -49.27
CA ALA C 441 4.02 -21.57 -49.85
C ALA C 441 4.28 -21.30 -51.32
N LYS C 442 5.33 -20.53 -51.60
CA LYS C 442 5.67 -20.18 -52.97
C LYS C 442 5.80 -21.41 -53.87
N SER C 443 6.24 -22.52 -53.30
CA SER C 443 6.64 -23.67 -54.10
C SER C 443 5.85 -24.92 -53.76
N SER C 444 4.53 -24.78 -53.68
CA SER C 444 3.66 -25.93 -53.42
C SER C 444 3.11 -26.47 -54.74
N PRO C 445 2.80 -27.78 -54.78
CA PRO C 445 2.17 -28.38 -55.96
C PRO C 445 0.83 -27.72 -56.27
N HIS C 446 0.02 -27.52 -55.24
CA HIS C 446 -1.27 -26.85 -55.37
C HIS C 446 -1.14 -25.51 -56.11
N LEU C 447 0.08 -24.98 -56.15
CA LEU C 447 0.32 -23.67 -56.73
C LEU C 447 0.31 -23.69 -58.25
N GLU C 448 0.96 -24.69 -58.83
CA GLU C 448 1.59 -24.56 -60.14
C GLU C 448 0.62 -24.22 -61.27
N LEU C 449 -0.62 -24.71 -61.16
CA LEU C 449 -1.65 -24.37 -62.13
C LEU C 449 -2.04 -22.90 -62.04
N LEU C 450 -2.51 -22.49 -60.88
CA LEU C 450 -2.93 -21.11 -60.67
C LEU C 450 -1.80 -20.15 -61.02
N ARG C 451 -0.58 -20.53 -60.65
CA ARG C 451 0.60 -19.73 -60.95
C ARG C 451 0.84 -19.68 -62.46
N LYS C 452 0.40 -20.72 -63.16
CA LYS C 452 0.60 -20.81 -64.60
C LYS C 452 -0.42 -19.95 -65.34
N LYS C 453 -1.69 -20.08 -64.98
CA LYS C 453 -2.73 -19.25 -65.56
C LYS C 453 -2.57 -17.79 -65.16
N GLY C 454 -1.81 -17.56 -64.08
CA GLY C 454 -1.51 -16.20 -63.67
C GLY C 454 -2.35 -15.74 -62.49
N ILE C 455 -3.22 -16.61 -62.00
CA ILE C 455 -4.17 -16.23 -60.97
C ILE C 455 -3.48 -15.98 -59.64
N GLU C 456 -3.87 -14.90 -58.97
CA GLU C 456 -3.19 -14.45 -57.76
C GLU C 456 -3.58 -15.31 -56.56
N VAL C 457 -2.58 -15.94 -55.95
CA VAL C 457 -2.81 -16.76 -54.76
C VAL C 457 -2.09 -16.13 -53.57
N LEU C 458 -2.66 -16.30 -52.39
CA LEU C 458 -2.14 -15.65 -51.19
C LEU C 458 -1.26 -16.59 -50.37
N LEU C 459 -0.14 -16.06 -49.88
CA LEU C 459 0.93 -16.88 -49.33
C LEU C 459 1.02 -16.71 -47.81
N LEU C 460 0.33 -17.57 -47.08
CA LEU C 460 0.23 -17.43 -45.64
C LEU C 460 1.19 -18.38 -44.94
N SER C 461 2.18 -17.82 -44.23
CA SER C 461 3.30 -18.58 -43.73
C SER C 461 3.42 -18.51 -42.22
N ASP C 462 2.59 -17.69 -41.59
CA ASP C 462 2.59 -17.56 -40.14
C ASP C 462 1.49 -18.42 -39.53
N ARG C 463 1.78 -19.03 -38.38
CA ARG C 463 0.92 -20.05 -37.80
C ARG C 463 -0.45 -19.50 -37.45
N ILE C 464 -0.50 -18.23 -37.06
CA ILE C 464 -1.76 -17.60 -36.64
C ILE C 464 -2.70 -17.42 -37.83
N ASP C 465 -2.16 -17.47 -39.04
CA ASP C 465 -2.97 -17.35 -40.24
C ASP C 465 -3.96 -18.50 -40.34
N GLU C 466 -3.45 -19.72 -40.17
CA GLU C 466 -4.27 -20.91 -40.14
C GLU C 466 -5.40 -20.74 -39.13
N TRP C 467 -5.22 -19.76 -38.25
CA TRP C 467 -6.25 -19.36 -37.29
C TRP C 467 -7.14 -18.31 -37.95
N MET C 468 -6.53 -17.20 -38.33
CA MET C 468 -7.25 -16.00 -38.75
C MET C 468 -8.30 -16.29 -39.81
N MET C 469 -7.92 -17.06 -40.82
CA MET C 469 -8.80 -17.34 -41.94
C MET C 469 -10.17 -17.85 -41.49
N ASN C 470 -10.18 -18.69 -40.45
CA ASN C 470 -11.39 -19.40 -40.05
C ASN C 470 -12.52 -18.43 -39.72
N TYR C 471 -12.11 -17.19 -39.40
CA TYR C 471 -13.01 -16.12 -38.98
C TYR C 471 -13.17 -15.08 -40.08
N LEU C 472 -12.03 -14.61 -40.60
CA LEU C 472 -12.04 -13.76 -41.79
C LEU C 472 -12.56 -14.61 -42.95
N THR C 473 -13.82 -14.40 -43.30
CA THR C 473 -14.51 -15.31 -44.21
C THR C 473 -14.55 -14.84 -45.66
N GLU C 474 -14.52 -13.53 -45.88
CA GLU C 474 -15.03 -12.97 -47.12
C GLU C 474 -14.86 -11.45 -47.19
N PHE C 475 -14.08 -10.99 -48.15
CA PHE C 475 -13.78 -9.57 -48.28
C PHE C 475 -14.41 -8.95 -49.51
N ASP C 476 -15.22 -7.91 -49.30
CA ASP C 476 -15.75 -7.10 -50.38
C ASP C 476 -16.59 -7.93 -51.36
N GLY C 477 -17.32 -8.90 -50.82
CA GLY C 477 -18.22 -9.70 -51.64
C GLY C 477 -17.59 -10.97 -52.17
N LYS C 478 -16.28 -11.12 -51.98
CA LYS C 478 -15.56 -12.25 -52.54
C LYS C 478 -15.05 -13.16 -51.42
N PRO C 479 -15.63 -14.36 -51.30
CA PRO C 479 -15.30 -15.31 -50.23
C PRO C 479 -13.90 -15.91 -50.38
N PHE C 480 -13.34 -16.38 -49.26
CA PHE C 480 -12.01 -16.97 -49.26
C PHE C 480 -12.03 -18.48 -49.50
N GLN C 481 -11.20 -18.94 -50.41
CA GLN C 481 -11.03 -20.37 -50.66
C GLN C 481 -9.54 -20.71 -50.72
N SER C 482 -9.19 -21.96 -50.41
CA SER C 482 -7.79 -22.34 -50.25
C SER C 482 -7.34 -23.37 -51.28
N VAL C 483 -6.16 -23.15 -51.85
CA VAL C 483 -5.63 -24.03 -52.89
C VAL C 483 -5.47 -25.46 -52.40
N SER C 484 -5.24 -25.61 -51.10
CA SER C 484 -4.97 -26.92 -50.51
C SER C 484 -6.24 -27.77 -50.42
N LYS C 485 -7.32 -27.28 -51.01
CA LYS C 485 -8.61 -27.96 -50.91
C LYS C 485 -9.33 -27.95 -52.26
N VAL C 486 -9.09 -28.97 -53.07
CA VAL C 486 -9.55 -28.98 -54.45
C VAL C 486 -11.06 -28.85 -54.54
N ASP C 487 -11.52 -27.74 -55.12
CA ASP C 487 -12.93 -27.42 -55.16
C ASP C 487 -13.54 -27.84 -56.50
N GLU C 488 -14.86 -27.77 -56.60
CA GLU C 488 -15.56 -28.08 -57.85
C GLU C 488 -15.75 -26.81 -58.69
N SER C 489 -15.08 -25.73 -58.29
CA SER C 489 -15.08 -24.51 -59.07
C SER C 489 -13.87 -24.47 -60.00
N LEU C 490 -12.70 -24.81 -59.47
CA LEU C 490 -11.49 -24.89 -60.27
C LEU C 490 -11.37 -26.27 -60.91
N GLU C 491 -12.26 -27.17 -60.52
CA GLU C 491 -12.21 -28.55 -60.97
C GLU C 491 -12.37 -28.64 -62.48
N LYS C 492 -12.94 -27.59 -63.08
CA LYS C 492 -13.27 -27.61 -64.50
C LYS C 492 -12.48 -26.58 -65.30
N LEU C 493 -11.64 -25.82 -64.62
CA LEU C 493 -10.84 -24.79 -65.27
C LEU C 493 -9.63 -25.40 -65.97
N SER C 500 -8.58 -24.50 -70.59
CA SER C 500 -7.59 -25.31 -71.29
C SER C 500 -8.10 -25.70 -72.67
N ALA C 501 -7.17 -25.82 -73.62
CA ALA C 501 -7.53 -26.13 -75.00
C ALA C 501 -7.51 -27.63 -75.26
N LYS C 502 -8.36 -28.07 -76.19
CA LYS C 502 -8.62 -29.50 -76.39
C LYS C 502 -7.74 -30.09 -77.49
N GLU C 503 -7.41 -31.37 -77.34
CA GLU C 503 -6.62 -32.08 -78.36
C GLU C 503 -7.10 -33.52 -78.52
N ALA C 504 -6.68 -34.38 -77.60
CA ALA C 504 -7.15 -35.77 -77.59
C ALA C 504 -7.49 -36.20 -76.16
N GLU C 505 -8.78 -36.25 -75.86
CA GLU C 505 -9.24 -36.43 -74.48
C GLU C 505 -9.32 -37.91 -74.12
N LYS C 506 -8.66 -38.28 -73.04
CA LYS C 506 -8.51 -39.69 -72.67
C LYS C 506 -9.82 -40.29 -72.16
N ALA C 507 -9.72 -41.48 -71.59
CA ALA C 507 -10.88 -42.15 -70.99
C ALA C 507 -10.41 -43.32 -70.12
N LEU C 508 -9.14 -43.32 -69.77
CA LEU C 508 -8.57 -44.36 -68.92
C LEU C 508 -9.34 -44.46 -67.61
N THR C 509 -9.19 -45.59 -66.93
CA THR C 509 -10.07 -45.95 -65.82
C THR C 509 -9.63 -47.24 -65.14
N PRO C 510 -9.21 -48.26 -65.92
CA PRO C 510 -8.65 -49.46 -65.30
C PRO C 510 -7.51 -49.08 -64.37
N PHE C 511 -6.76 -48.06 -64.76
CA PHE C 511 -5.70 -47.52 -63.93
C PHE C 511 -6.23 -47.09 -62.57
N ILE C 512 -7.14 -46.13 -62.58
CA ILE C 512 -7.60 -45.49 -61.35
C ILE C 512 -8.40 -46.45 -60.47
N ASP C 513 -9.05 -47.43 -61.10
CA ASP C 513 -9.83 -48.40 -60.34
C ASP C 513 -8.91 -49.46 -59.73
N ARG C 514 -7.74 -49.64 -60.34
CA ARG C 514 -6.75 -50.57 -59.82
C ARG C 514 -6.05 -49.96 -58.62
N VAL C 515 -5.84 -48.65 -58.67
CA VAL C 515 -5.28 -47.92 -57.54
C VAL C 515 -6.30 -47.81 -56.41
N LYS C 516 -7.56 -47.55 -56.77
CA LYS C 516 -8.63 -47.50 -55.78
C LYS C 516 -8.71 -48.82 -55.02
N ALA C 517 -8.65 -49.93 -55.74
CA ALA C 517 -8.75 -51.24 -55.14
C ALA C 517 -7.53 -51.54 -54.28
N LEU C 518 -6.36 -51.17 -54.77
CA LEU C 518 -5.10 -51.49 -54.10
C LEU C 518 -4.97 -50.78 -52.75
N LEU C 519 -5.45 -49.54 -52.69
CA LEU C 519 -5.26 -48.72 -51.51
C LEU C 519 -6.39 -48.92 -50.49
N GLY C 520 -7.62 -48.93 -50.97
CA GLY C 520 -8.74 -49.18 -50.09
C GLY C 520 -9.30 -47.93 -49.44
N GLU C 521 -9.15 -47.83 -48.13
CA GLU C 521 -9.71 -46.72 -47.36
C GLU C 521 -8.65 -45.68 -47.03
N ARG C 522 -7.40 -45.99 -47.33
CA ARG C 522 -6.28 -45.13 -46.94
C ARG C 522 -6.39 -43.76 -47.60
N VAL C 523 -6.77 -43.74 -48.86
CA VAL C 523 -7.19 -42.50 -49.52
C VAL C 523 -8.67 -42.58 -49.84
N LYS C 524 -9.40 -41.50 -49.56
CA LYS C 524 -10.85 -41.50 -49.69
C LYS C 524 -11.29 -41.55 -51.14
N ASP C 525 -10.44 -41.04 -52.04
CA ASP C 525 -10.77 -41.02 -53.45
C ASP C 525 -9.52 -40.92 -54.32
N VAL C 526 -9.60 -41.45 -55.54
CA VAL C 526 -8.54 -41.28 -56.53
C VAL C 526 -9.09 -40.64 -57.79
N ARG C 527 -8.37 -39.65 -58.32
CA ARG C 527 -8.83 -38.94 -59.51
C ARG C 527 -7.68 -38.51 -60.41
N LEU C 528 -8.04 -38.06 -61.61
CA LEU C 528 -7.13 -37.26 -62.43
C LEU C 528 -7.43 -35.79 -62.14
N THR C 529 -6.48 -34.92 -62.44
CA THR C 529 -6.73 -33.48 -62.38
C THR C 529 -5.83 -32.71 -63.34
N HIS C 530 -6.42 -31.75 -64.04
CA HIS C 530 -5.66 -30.92 -64.97
C HIS C 530 -4.92 -29.82 -64.24
N ARG C 531 -4.51 -30.10 -63.01
CA ARG C 531 -3.43 -29.35 -62.36
C ARG C 531 -2.13 -29.73 -63.05
N LEU C 532 -2.07 -29.52 -64.36
CA LEU C 532 -0.95 -30.01 -65.15
C LEU C 532 0.33 -29.23 -64.85
N THR C 533 1.41 -29.97 -64.57
CA THR C 533 2.73 -29.36 -64.48
C THR C 533 3.77 -30.41 -64.06
N ASP C 534 4.95 -29.93 -63.69
CA ASP C 534 6.11 -30.79 -63.49
C ASP C 534 5.89 -31.81 -62.37
N THR C 535 4.74 -31.73 -61.70
CA THR C 535 4.46 -32.61 -60.58
C THR C 535 3.50 -33.73 -60.98
N PRO C 536 3.90 -34.99 -60.76
CA PRO C 536 3.11 -36.17 -61.14
C PRO C 536 1.88 -36.37 -60.27
N ALA C 537 2.10 -36.65 -58.98
CA ALA C 537 1.00 -36.93 -58.07
C ALA C 537 0.91 -35.86 -56.98
N ILE C 538 -0.31 -35.63 -56.50
CA ILE C 538 -0.57 -34.59 -55.51
C ILE C 538 -1.86 -34.88 -54.75
N VAL C 539 -1.82 -34.71 -53.43
CA VAL C 539 -2.92 -35.12 -52.57
C VAL C 539 -3.61 -33.93 -51.89
N SER C 540 -4.93 -33.96 -51.87
CA SER C 540 -5.72 -32.86 -51.29
C SER C 540 -6.76 -33.40 -50.31
N THR C 541 -7.54 -32.50 -49.72
CA THR C 541 -8.68 -32.89 -48.89
C THR C 541 -9.78 -31.86 -49.00
N ASP C 542 -11.04 -32.30 -48.89
CA ASP C 542 -12.16 -31.52 -49.38
C ASP C 542 -13.43 -31.64 -48.53
N ALA C 543 -14.52 -31.08 -49.07
CA ALA C 543 -15.86 -31.38 -48.61
C ALA C 543 -16.09 -31.03 -47.15
N ASP C 544 -15.43 -29.96 -46.68
CA ASP C 544 -15.66 -29.47 -45.34
C ASP C 544 -15.12 -30.48 -44.32
N GLU C 545 -13.95 -31.06 -44.62
CA GLU C 545 -13.30 -31.99 -43.71
C GLU C 545 -12.06 -31.36 -43.07
N MET C 546 -11.52 -32.03 -42.05
CA MET C 546 -10.36 -31.53 -41.34
C MET C 546 -9.21 -31.20 -42.30
N SER C 547 -9.00 -29.91 -42.54
CA SER C 547 -7.95 -29.47 -43.44
C SER C 547 -6.57 -29.78 -42.87
N THR C 548 -5.57 -29.78 -43.74
CA THR C 548 -4.28 -30.38 -43.44
C THR C 548 -3.51 -29.63 -42.34
N GLN C 549 -3.45 -28.31 -42.45
CA GLN C 549 -2.74 -27.50 -41.47
C GLN C 549 -3.52 -27.42 -40.16
N MET C 550 -4.85 -27.48 -40.26
CA MET C 550 -5.68 -27.57 -39.08
C MET C 550 -5.23 -28.77 -38.26
N ALA C 551 -4.99 -29.88 -38.94
CA ALA C 551 -4.44 -31.06 -38.29
C ALA C 551 -3.10 -30.72 -37.66
N LYS C 552 -2.21 -30.10 -38.44
CA LYS C 552 -0.90 -29.71 -37.94
C LYS C 552 -1.02 -28.79 -36.72
N LEU C 553 -2.10 -28.01 -36.69
CA LEU C 553 -2.34 -27.11 -35.57
C LEU C 553 -2.63 -27.95 -34.32
N PHE C 554 -3.51 -28.92 -34.46
CA PHE C 554 -3.79 -29.86 -33.37
C PHE C 554 -2.50 -30.52 -32.90
N ALA C 555 -1.67 -30.91 -33.86
CA ALA C 555 -0.35 -31.46 -33.55
C ALA C 555 0.46 -30.47 -32.74
N ALA C 556 0.33 -29.19 -33.08
CA ALA C 556 1.22 -28.17 -32.55
C ALA C 556 0.83 -27.78 -31.13
N ALA C 557 -0.45 -27.88 -30.83
CA ALA C 557 -0.94 -27.79 -29.46
C ALA C 557 -0.90 -29.16 -28.79
N GLY C 558 -0.37 -30.14 -29.52
CA GLY C 558 -0.07 -31.42 -28.92
C GLY C 558 -1.29 -32.20 -28.49
N GLN C 559 -2.23 -32.37 -29.40
CA GLN C 559 -3.37 -33.26 -29.19
C GLN C 559 -3.36 -34.31 -30.30
N LYS C 560 -4.17 -35.37 -30.13
CA LYS C 560 -4.14 -36.49 -31.07
C LYS C 560 -4.42 -36.01 -32.48
N VAL C 561 -3.40 -36.09 -33.33
CA VAL C 561 -3.48 -35.54 -34.68
C VAL C 561 -4.65 -36.16 -35.42
N PRO C 562 -5.74 -35.38 -35.59
CA PRO C 562 -7.01 -35.89 -36.13
C PRO C 562 -6.85 -36.52 -37.52
N GLU C 563 -7.67 -37.52 -37.79
CA GLU C 563 -7.58 -38.27 -39.04
C GLU C 563 -7.82 -37.34 -40.23
N VAL C 564 -6.99 -37.48 -41.26
CA VAL C 564 -7.15 -36.68 -42.47
C VAL C 564 -7.75 -37.53 -43.58
N LYS C 565 -8.78 -37.01 -44.23
CA LYS C 565 -9.43 -37.71 -45.33
C LYS C 565 -8.90 -37.22 -46.67
N TYR C 566 -7.88 -37.91 -47.17
CA TYR C 566 -7.12 -37.41 -48.31
C TYR C 566 -7.68 -37.86 -49.66
N ILE C 567 -7.45 -37.05 -50.68
CA ILE C 567 -8.00 -37.27 -52.01
C ILE C 567 -6.88 -37.33 -53.04
N PHE C 568 -6.45 -38.55 -53.37
CA PHE C 568 -5.30 -38.73 -54.25
C PHE C 568 -5.63 -38.26 -55.66
N GLU C 569 -4.74 -37.45 -56.23
CA GLU C 569 -4.94 -36.92 -57.57
C GLU C 569 -3.70 -37.16 -58.43
N LEU C 570 -3.92 -37.46 -59.70
CA LEU C 570 -2.83 -37.82 -60.61
C LEU C 570 -2.85 -37.00 -61.90
N ASN C 571 -1.68 -36.89 -62.53
CA ASN C 571 -1.48 -35.94 -63.63
C ASN C 571 -1.27 -36.67 -64.95
N PRO C 572 -2.35 -36.82 -65.74
CA PRO C 572 -2.38 -37.68 -66.94
C PRO C 572 -1.35 -37.30 -68.00
N ASP C 573 -0.68 -36.17 -67.81
CA ASP C 573 0.23 -35.66 -68.82
C ASP C 573 1.69 -35.71 -68.40
N HIS C 574 1.99 -36.45 -67.34
CA HIS C 574 3.38 -36.58 -66.89
C HIS C 574 3.95 -37.98 -67.05
N VAL C 575 5.22 -38.04 -67.45
CA VAL C 575 5.96 -39.28 -67.58
C VAL C 575 5.54 -40.30 -66.54
N LEU C 576 6.00 -40.09 -65.30
CA LEU C 576 5.92 -41.11 -64.26
C LEU C 576 4.48 -41.54 -64.02
N VAL C 577 3.54 -40.63 -64.28
CA VAL C 577 2.12 -40.95 -64.14
C VAL C 577 1.75 -42.06 -65.11
N LYS C 578 2.01 -41.83 -66.39
CA LYS C 578 1.74 -42.83 -67.41
C LYS C 578 2.60 -44.07 -67.19
N ARG C 579 3.88 -43.87 -66.93
CA ARG C 579 4.86 -44.95 -66.95
C ARG C 579 4.54 -46.00 -65.89
N ALA C 580 4.08 -45.56 -64.74
CA ALA C 580 3.58 -46.47 -63.72
C ALA C 580 2.21 -47.00 -64.13
N ALA C 581 1.44 -46.14 -64.79
CA ALA C 581 0.08 -46.51 -65.21
C ALA C 581 0.07 -47.74 -66.11
N ASP C 582 1.11 -47.90 -66.92
CA ASP C 582 1.15 -48.96 -67.92
C ASP C 582 1.60 -50.31 -67.35
N THR C 583 2.61 -50.29 -66.49
CA THR C 583 3.25 -51.52 -66.05
C THR C 583 2.23 -52.49 -65.46
N GLU C 584 2.33 -53.77 -65.85
CA GLU C 584 1.29 -54.73 -65.57
C GLU C 584 1.70 -55.76 -64.52
N ASP C 585 2.95 -55.69 -64.08
CA ASP C 585 3.40 -56.48 -62.94
C ASP C 585 2.74 -55.93 -61.68
N GLU C 586 2.19 -56.83 -60.88
CA GLU C 586 1.45 -56.43 -59.69
C GLU C 586 2.37 -55.89 -58.60
N ALA C 587 3.52 -56.53 -58.43
CA ALA C 587 4.47 -56.13 -57.40
C ALA C 587 5.15 -54.81 -57.78
N LYS C 588 5.58 -54.71 -59.03
CA LYS C 588 6.25 -53.51 -59.53
C LYS C 588 5.29 -52.32 -59.52
N PHE C 589 4.11 -52.51 -60.08
CA PHE C 589 3.10 -51.47 -60.09
C PHE C 589 2.78 -50.99 -58.69
N SER C 590 2.55 -51.93 -57.78
CA SER C 590 2.34 -51.59 -56.38
C SER C 590 3.44 -50.66 -55.89
N GLU C 591 4.69 -51.06 -56.15
CA GLU C 591 5.84 -50.25 -55.76
C GLU C 591 5.71 -48.83 -56.29
N TRP C 592 5.09 -48.69 -57.46
CA TRP C 592 5.08 -47.42 -58.18
C TRP C 592 4.00 -46.46 -57.67
N VAL C 593 2.76 -46.91 -57.67
CA VAL C 593 1.67 -46.12 -57.10
C VAL C 593 2.01 -45.74 -55.66
N GLU C 594 2.74 -46.62 -54.99
CA GLU C 594 3.16 -46.37 -53.61
C GLU C 594 4.16 -45.22 -53.57
N LEU C 595 5.15 -45.27 -54.44
CA LEU C 595 6.13 -44.19 -54.57
C LEU C 595 5.45 -42.87 -54.87
N LEU C 596 4.40 -42.90 -55.68
CA LEU C 596 3.69 -41.69 -56.08
C LEU C 596 2.95 -41.07 -54.90
N LEU C 597 2.27 -41.90 -54.12
CA LEU C 597 1.54 -41.41 -52.95
C LEU C 597 2.50 -40.80 -51.93
N ASP C 598 3.46 -41.60 -51.48
CA ASP C 598 4.43 -41.13 -50.49
C ASP C 598 5.03 -39.80 -50.95
N GLN C 599 5.31 -39.71 -52.24
CA GLN C 599 5.87 -38.52 -52.84
C GLN C 599 4.96 -37.31 -52.57
N ALA C 600 3.66 -37.49 -52.82
CA ALA C 600 2.70 -36.41 -52.64
C ALA C 600 2.53 -36.07 -51.16
N LEU C 601 2.47 -37.10 -50.32
CA LEU C 601 2.34 -36.90 -48.88
C LEU C 601 3.40 -35.95 -48.35
N LEU C 602 4.67 -36.27 -48.62
CA LEU C 602 5.76 -35.49 -48.06
C LEU C 602 5.59 -34.02 -48.42
N ALA C 603 5.00 -33.77 -49.59
CA ALA C 603 4.85 -32.41 -50.10
C ALA C 603 3.68 -31.68 -49.44
N GLU C 604 2.72 -32.45 -48.93
CA GLU C 604 1.64 -31.86 -48.13
C GLU C 604 1.99 -31.86 -46.65
N ARG C 605 1.96 -33.04 -46.03
CA ARG C 605 2.17 -33.15 -44.59
C ARG C 605 3.59 -32.73 -44.19
N GLY C 606 4.36 -32.26 -45.17
CA GLY C 606 5.50 -31.42 -44.88
C GLY C 606 6.58 -32.09 -44.06
N THR C 607 6.46 -31.99 -42.73
CA THR C 607 7.30 -32.76 -41.84
C THR C 607 6.91 -34.23 -41.92
N LEU C 608 7.36 -34.89 -42.99
CA LEU C 608 6.94 -36.25 -43.28
C LEU C 608 7.46 -37.20 -42.20
N GLU C 609 6.54 -37.87 -41.51
CA GLU C 609 6.92 -38.72 -40.40
C GLU C 609 7.53 -40.04 -40.85
N ASP C 610 8.19 -40.01 -42.00
CA ASP C 610 9.29 -40.92 -42.31
C ASP C 610 9.82 -40.70 -43.72
N PRO C 611 10.73 -39.74 -43.89
CA PRO C 611 11.36 -39.47 -45.18
C PRO C 611 12.06 -40.72 -45.71
N ASN C 612 12.59 -41.52 -44.79
CA ASN C 612 13.23 -42.78 -45.16
C ASN C 612 12.27 -43.70 -45.88
N LEU C 613 11.04 -43.81 -45.37
CA LEU C 613 10.13 -44.84 -45.83
C LEU C 613 9.82 -44.65 -47.31
N PHE C 614 9.44 -43.41 -47.66
CA PHE C 614 9.30 -43.02 -49.05
C PHE C 614 10.56 -43.35 -49.83
N ILE C 615 11.70 -42.92 -49.30
CA ILE C 615 12.99 -43.16 -49.94
C ILE C 615 13.22 -44.64 -50.19
N ARG C 616 12.92 -45.47 -49.19
CA ARG C 616 13.17 -46.91 -49.28
C ARG C 616 12.31 -47.54 -50.37
N ARG C 617 11.07 -47.10 -50.48
CA ARG C 617 10.18 -47.60 -51.54
C ARG C 617 10.78 -47.26 -52.89
N MET C 618 11.25 -46.02 -53.02
CA MET C 618 11.90 -45.58 -54.26
C MET C 618 13.22 -46.33 -54.46
N ASN C 619 13.90 -46.64 -53.37
CA ASN C 619 15.11 -47.43 -53.42
C ASN C 619 14.85 -48.74 -54.16
N GLN C 620 13.85 -49.49 -53.71
CA GLN C 620 13.54 -50.78 -54.30
C GLN C 620 13.12 -50.59 -55.76
N LEU C 621 12.34 -49.54 -56.01
CA LEU C 621 11.87 -49.25 -57.35
C LEU C 621 13.04 -48.95 -58.29
N LEU C 622 14.21 -48.70 -57.71
CA LEU C 622 15.42 -48.49 -58.50
C LEU C 622 16.32 -49.71 -58.47
N VAL C 623 16.27 -50.47 -57.37
CA VAL C 623 17.16 -51.61 -57.18
C VAL C 623 16.77 -52.79 -58.07
N SER C 624 15.52 -53.21 -57.97
CA SER C 624 15.07 -54.43 -58.62
C SER C 624 14.27 -54.13 -59.89
N MET D 1 31.27 -5.15 38.36
CA MET D 1 30.89 -3.78 38.77
C MET D 1 32.03 -2.80 38.56
N LYS D 2 32.52 -2.73 37.32
CA LYS D 2 33.65 -1.86 36.99
C LYS D 2 33.17 -0.56 36.38
N GLY D 3 33.70 0.56 36.87
CA GLY D 3 33.33 1.86 36.31
C GLY D 3 32.03 2.38 36.86
N GLN D 4 31.76 2.09 38.13
CA GLN D 4 30.46 2.37 38.72
C GLN D 4 30.15 3.86 38.66
N GLU D 5 28.87 4.21 38.75
CA GLU D 5 28.45 5.60 38.62
C GLU D 5 26.99 5.77 39.02
N THR D 6 26.74 6.70 39.93
CA THR D 6 25.37 7.04 40.29
C THR D 6 24.99 8.39 39.70
N ARG D 7 24.03 8.39 38.78
CA ARG D 7 23.51 9.62 38.22
C ARG D 7 22.12 9.90 38.78
N GLY D 8 21.86 11.15 39.09
CA GLY D 8 20.76 11.46 39.98
C GLY D 8 19.97 12.69 39.61
N PHE D 9 18.94 12.96 40.40
CA PHE D 9 18.30 14.26 40.43
C PHE D 9 17.71 14.46 41.81
N GLN D 10 17.26 15.67 42.08
CA GLN D 10 16.22 15.87 43.06
C GLN D 10 14.89 16.08 42.33
N SER D 11 14.34 17.28 42.40
CA SER D 11 13.57 17.58 43.60
C SER D 11 12.32 16.70 43.63
N GLU D 12 11.24 17.30 43.19
CA GLU D 12 10.06 16.52 42.98
C GLU D 12 10.16 15.85 41.62
N VAL D 13 11.37 15.57 41.14
CA VAL D 13 11.51 14.46 40.22
C VAL D 13 11.30 13.19 41.04
N LYS D 14 12.05 13.08 42.12
CA LYS D 14 11.79 12.04 43.11
C LYS D 14 10.29 11.98 43.32
N GLN D 15 9.66 13.14 43.43
CA GLN D 15 8.20 13.13 43.61
C GLN D 15 7.41 12.81 42.32
N LEU D 16 7.81 13.42 41.21
CA LEU D 16 7.08 13.28 39.94
C LEU D 16 6.87 11.83 39.54
N LEU D 17 7.83 10.98 39.90
CA LEU D 17 7.74 9.57 39.53
C LEU D 17 6.77 8.85 40.43
N HIS D 18 6.87 9.11 41.73
CA HIS D 18 5.86 8.64 42.68
C HIS D 18 4.51 9.25 42.33
N LEU D 19 4.47 9.99 41.22
CA LEU D 19 3.20 10.45 40.66
C LEU D 19 2.71 9.60 39.48
N MET D 20 3.46 9.62 38.38
CA MET D 20 3.03 8.96 37.14
C MET D 20 2.93 7.43 37.27
N ILE D 21 4.04 6.83 37.67
CA ILE D 21 4.08 5.38 37.88
C ILE D 21 2.90 4.97 38.74
N HIS D 22 2.54 5.84 39.68
CA HIS D 22 1.47 5.55 40.63
C HIS D 22 0.11 5.85 39.99
N SER D 23 0.12 6.62 38.91
CA SER D 23 -1.08 6.83 38.12
C SER D 23 -1.53 5.50 37.53
N LEU D 24 -0.58 4.65 37.17
CA LEU D 24 -0.93 3.34 36.61
C LEU D 24 -1.46 2.32 37.63
N TYR D 25 -1.65 2.78 38.86
CA TYR D 25 -1.91 1.90 39.99
C TYR D 25 -3.13 0.99 39.77
N SER D 26 -4.10 1.47 39.01
CA SER D 26 -5.29 0.68 38.73
C SER D 26 -4.93 -0.61 38.00
N ASN D 27 -4.20 -0.48 36.90
CA ASN D 27 -3.82 -1.64 36.11
C ASN D 27 -2.32 -1.89 36.09
N LYS D 28 -1.76 -2.01 37.29
CA LYS D 28 -0.41 -2.52 37.50
C LYS D 28 0.04 -3.59 36.50
N GLU D 29 -0.79 -4.60 36.26
CA GLU D 29 -0.40 -5.71 35.38
C GLU D 29 0.22 -5.23 34.07
N ILE D 30 -0.08 -3.99 33.70
CA ILE D 30 0.48 -3.38 32.50
C ILE D 30 1.97 -3.62 32.35
N PHE D 31 2.70 -3.54 33.46
CA PHE D 31 4.17 -3.56 33.41
C PHE D 31 4.67 -4.76 32.61
N LEU D 32 3.84 -5.79 32.51
CA LEU D 32 4.19 -6.95 31.70
C LEU D 32 4.09 -6.64 30.22
N ARG D 33 2.90 -6.26 29.77
CA ARG D 33 2.70 -5.85 28.39
C ARG D 33 3.87 -4.96 27.96
N GLU D 34 4.24 -4.01 28.81
CA GLU D 34 5.29 -3.06 28.49
C GLU D 34 6.66 -3.71 28.35
N LEU D 35 7.05 -4.51 29.35
CA LEU D 35 8.35 -5.17 29.30
C LEU D 35 8.42 -6.21 28.19
N ILE D 36 7.41 -7.05 28.09
CA ILE D 36 7.37 -8.06 27.03
C ILE D 36 7.52 -7.42 25.66
N SER D 37 6.80 -6.31 25.45
CA SER D 37 6.93 -5.56 24.21
C SER D 37 8.39 -5.20 23.95
N ASN D 38 9.00 -4.47 24.87
CA ASN D 38 10.38 -4.04 24.72
C ASN D 38 11.27 -5.19 24.28
N ALA D 39 10.97 -6.39 24.76
CA ALA D 39 11.76 -7.57 24.41
C ALA D 39 11.51 -7.94 22.95
N SER D 40 10.26 -7.81 22.52
CA SER D 40 9.92 -7.96 21.12
C SER D 40 10.76 -7.05 20.24
N ASP D 41 10.50 -5.74 20.34
CA ASP D 41 11.25 -4.75 19.57
C ASP D 41 12.74 -5.07 19.60
N ALA D 42 13.21 -5.57 20.74
CA ALA D 42 14.61 -5.97 20.88
C ALA D 42 14.96 -6.98 19.79
N ALA D 43 14.31 -8.14 19.83
CA ALA D 43 14.55 -9.19 18.85
C ALA D 43 14.46 -8.63 17.43
N ASP D 44 13.28 -8.18 17.05
CA ASP D 44 13.01 -7.78 15.68
C ASP D 44 14.06 -6.78 15.19
N LYS D 45 14.49 -5.90 16.09
CA LYS D 45 15.56 -4.95 15.79
C LYS D 45 16.81 -5.73 15.40
N LEU D 46 17.19 -6.69 16.25
CA LEU D 46 18.35 -7.53 15.98
C LEU D 46 18.19 -8.30 14.67
N ARG D 47 17.01 -8.89 14.48
CA ARG D 47 16.70 -9.59 13.24
C ARG D 47 17.06 -8.71 12.04
N PHE D 48 16.62 -7.46 12.10
CA PHE D 48 16.79 -6.53 10.99
C PHE D 48 18.26 -6.22 10.77
N ARG D 49 19.00 -6.03 11.85
CA ARG D 49 20.41 -5.69 11.77
C ARG D 49 21.20 -6.90 11.28
N ALA D 50 20.55 -8.05 11.27
CA ALA D 50 21.19 -9.29 10.86
C ALA D 50 20.83 -9.67 9.42
N LEU D 51 19.88 -8.96 8.83
CA LEU D 51 19.71 -9.00 7.39
C LEU D 51 21.04 -8.67 6.72
N SER D 52 21.85 -7.87 7.42
CA SER D 52 23.17 -7.51 6.93
C SER D 52 24.24 -8.36 7.64
N ASN D 53 25.12 -7.70 8.37
CA ASN D 53 26.30 -8.34 8.95
C ASN D 53 25.93 -9.65 9.66
N PRO D 54 26.04 -10.77 8.93
CA PRO D 54 25.39 -12.04 9.29
C PRO D 54 25.77 -12.55 10.69
N ASP D 55 27.00 -12.28 11.09
CA ASP D 55 27.53 -12.84 12.33
C ASP D 55 26.96 -12.16 13.59
N LEU D 56 26.00 -11.27 13.40
CA LEU D 56 25.36 -10.61 14.54
C LEU D 56 24.63 -11.59 15.46
N TYR D 57 24.36 -12.80 14.96
CA TYR D 57 23.67 -13.80 15.76
C TYR D 57 24.60 -14.55 16.69
N GLU D 58 25.90 -14.42 16.46
CA GLU D 58 26.90 -15.13 17.26
C GLU D 58 26.60 -16.62 17.27
N GLY D 59 25.89 -17.07 16.25
CA GLY D 59 25.48 -18.47 16.19
C GLY D 59 24.02 -18.67 16.59
N ASP D 60 23.69 -18.24 17.80
CA ASP D 60 22.46 -18.70 18.46
C ASP D 60 21.23 -18.16 17.74
N GLY D 61 20.43 -19.05 17.18
CA GLY D 61 19.34 -18.63 16.33
C GLY D 61 18.08 -18.20 17.06
N GLU D 62 17.61 -19.05 17.97
CA GLU D 62 16.27 -18.89 18.53
C GLU D 62 16.16 -17.64 19.40
N LEU D 63 15.31 -16.71 18.99
CA LEU D 63 15.08 -15.48 19.73
C LEU D 63 13.85 -15.62 20.61
N ARG D 64 14.01 -15.42 21.91
CA ARG D 64 12.93 -15.66 22.86
C ARG D 64 13.06 -14.78 24.09
N VAL D 65 11.93 -14.49 24.73
CA VAL D 65 11.93 -13.77 25.99
C VAL D 65 11.41 -14.67 27.10
N ARG D 66 12.18 -14.78 28.18
CA ARG D 66 11.91 -15.79 29.20
C ARG D 66 11.54 -15.18 30.55
N VAL D 67 10.35 -15.52 31.03
CA VAL D 67 9.92 -15.09 32.36
C VAL D 67 10.19 -16.18 33.39
N SER D 68 11.02 -15.84 34.37
CA SER D 68 11.35 -16.73 35.46
C SER D 68 11.08 -16.02 36.79
N PHE D 69 11.19 -16.77 37.89
CA PHE D 69 10.78 -16.24 39.19
C PHE D 69 11.81 -16.57 40.26
N ASP D 70 11.53 -16.09 41.47
CA ASP D 70 12.14 -16.65 42.68
C ASP D 70 11.22 -16.36 43.85
N LYS D 71 10.48 -17.39 44.26
CA LYS D 71 9.58 -17.29 45.40
C LYS D 71 10.37 -17.17 46.69
N ASP D 72 11.68 -17.32 46.59
CA ASP D 72 12.58 -17.00 47.70
C ASP D 72 12.79 -15.49 47.79
N LYS D 73 13.80 -15.00 47.09
CA LYS D 73 14.16 -13.59 47.14
C LYS D 73 13.06 -12.72 46.57
N ARG D 74 11.96 -13.34 46.16
CA ARG D 74 10.81 -12.63 45.61
C ARG D 74 11.18 -11.75 44.42
N THR D 75 11.79 -12.36 43.42
CA THR D 75 12.10 -11.67 42.19
C THR D 75 11.27 -12.18 41.01
N LEU D 76 10.97 -11.28 40.08
CA LEU D 76 10.42 -11.66 38.79
C LEU D 76 11.39 -11.21 37.70
N THR D 77 11.99 -12.18 37.01
CA THR D 77 13.06 -11.87 36.08
C THR D 77 12.64 -12.12 34.63
N ILE D 78 12.43 -11.02 33.89
CA ILE D 78 12.20 -11.10 32.46
C ILE D 78 13.51 -10.91 31.72
N SER D 79 13.82 -11.83 30.81
CA SER D 79 15.06 -11.76 30.05
C SER D 79 14.87 -12.14 28.59
N ASP D 80 15.54 -11.42 27.70
CA ASP D 80 15.49 -11.72 26.27
C ASP D 80 16.90 -11.82 25.69
N ASN D 81 17.03 -12.61 24.64
CA ASN D 81 18.27 -12.64 23.86
C ASN D 81 18.13 -11.71 22.65
N GLY D 82 17.49 -10.57 22.87
CA GLY D 82 17.32 -9.59 21.80
C GLY D 82 18.62 -8.90 21.44
N VAL D 83 18.52 -7.67 20.97
CA VAL D 83 19.69 -6.92 20.52
C VAL D 83 20.40 -6.25 21.69
N GLY D 84 19.65 -5.89 22.73
CA GLY D 84 20.25 -5.36 23.93
C GLY D 84 20.72 -3.92 23.77
N MET D 85 21.09 -3.30 24.88
CA MET D 85 21.53 -1.90 24.87
C MET D 85 23.04 -1.81 25.06
N THR D 86 23.62 -0.70 24.61
CA THR D 86 24.97 -0.34 25.01
C THR D 86 24.88 0.54 26.24
N ARG D 87 26.02 1.07 26.69
CA ARG D 87 26.05 1.87 27.91
C ARG D 87 25.33 3.20 27.72
N ASP D 88 25.68 3.91 26.65
CA ASP D 88 25.05 5.18 26.33
C ASP D 88 23.54 5.00 26.18
N GLU D 89 23.14 4.01 25.40
CA GLU D 89 21.73 3.69 25.24
C GLU D 89 21.05 3.58 26.61
N VAL D 90 21.60 2.72 27.47
CA VAL D 90 21.08 2.56 28.82
C VAL D 90 20.83 3.91 29.48
N ILE D 91 21.89 4.71 29.61
CA ILE D 91 21.80 5.95 30.38
C ILE D 91 20.86 6.95 29.72
N ASP D 92 20.59 6.76 28.43
CA ASP D 92 19.77 7.70 27.68
C ASP D 92 18.30 7.29 27.61
N HIS D 93 18.01 6.03 27.94
CA HIS D 93 16.65 5.53 27.92
C HIS D 93 16.18 5.19 29.33
N LEU D 94 16.66 4.05 29.81
CA LEU D 94 16.50 3.66 31.22
C LEU D 94 16.89 4.84 32.09
N GLY D 95 17.90 5.58 31.64
CA GLY D 95 18.41 6.69 32.44
C GLY D 95 17.35 7.72 32.72
N THR D 96 16.53 8.03 31.71
CA THR D 96 15.50 9.05 31.85
C THR D 96 14.16 8.45 32.26
N ILE D 97 13.36 8.03 31.28
CA ILE D 97 12.01 7.56 31.57
C ILE D 97 11.08 7.15 30.42
N ALA D 98 10.33 8.10 29.87
CA ALA D 98 9.48 7.80 28.73
C ALA D 98 9.01 9.13 28.13
N LYS D 99 9.76 9.60 27.12
CA LYS D 99 9.51 10.91 26.55
C LYS D 99 8.03 11.08 26.19
N SER D 100 7.46 10.05 25.56
CA SER D 100 6.05 10.09 25.20
C SER D 100 5.19 10.07 26.45
N GLY D 101 5.57 9.22 27.40
CA GLY D 101 4.96 9.25 28.72
C GLY D 101 4.78 10.66 29.22
N THR D 102 5.86 11.26 29.75
CA THR D 102 5.77 12.57 30.38
C THR D 102 5.00 13.53 29.47
N LYS D 103 5.29 13.46 28.17
CA LYS D 103 4.79 14.45 27.23
C LYS D 103 3.27 14.50 27.22
N SER D 104 2.64 13.38 26.86
CA SER D 104 1.19 13.33 26.79
C SER D 104 0.56 13.50 28.17
N PHE D 105 1.32 13.16 29.20
CA PHE D 105 0.90 13.42 30.58
C PHE D 105 0.83 14.92 30.83
N LEU D 106 1.90 15.62 30.48
CA LEU D 106 2.00 17.05 30.73
C LEU D 106 0.88 17.82 30.04
N GLU D 107 0.76 17.63 28.73
CA GLU D 107 -0.25 18.37 27.97
C GLU D 107 -1.64 17.90 28.34
N SER D 108 -1.72 16.76 29.01
CA SER D 108 -2.98 16.30 29.58
C SER D 108 -3.36 17.10 30.83
N LEU D 109 -2.34 17.59 31.54
CA LEU D 109 -2.52 18.13 32.89
C LEU D 109 -3.54 19.26 32.96
N GLY D 110 -4.42 19.19 33.96
CA GLY D 110 -5.31 20.31 34.25
C GLY D 110 -6.60 20.30 33.46
N SER D 111 -6.80 19.27 32.65
CA SER D 111 -8.04 19.13 31.89
C SER D 111 -8.99 18.17 32.59
N ASP D 112 -10.30 18.39 32.38
CA ASP D 112 -11.33 17.62 33.07
C ASP D 112 -11.00 16.13 33.05
N GLN D 113 -10.69 15.63 31.86
CA GLN D 113 -10.17 14.28 31.72
C GLN D 113 -9.12 13.99 32.79
N ALA D 114 -8.03 14.74 32.76
CA ALA D 114 -6.92 14.51 33.68
C ALA D 114 -7.45 14.38 35.11
N LYS D 115 -8.14 15.43 35.57
CA LYS D 115 -8.72 15.45 36.91
C LYS D 115 -10.10 14.80 36.96
N ASP D 116 -10.20 13.60 36.39
CA ASP D 116 -11.41 12.79 36.55
C ASP D 116 -11.30 11.93 37.80
N SER D 117 -10.09 11.87 38.36
CA SER D 117 -9.85 11.26 39.67
C SER D 117 -9.78 9.73 39.66
N GLN D 118 -9.65 9.13 38.47
CA GLN D 118 -9.56 7.67 38.40
C GLN D 118 -9.11 7.13 37.04
N LEU D 119 -9.61 7.72 35.96
CA LEU D 119 -9.65 7.05 34.66
C LEU D 119 -8.29 6.89 34.01
N ILE D 120 -7.35 7.76 34.35
CA ILE D 120 -5.98 7.57 33.90
C ILE D 120 -5.33 6.45 34.70
N GLY D 121 -6.16 5.56 35.23
CA GLY D 121 -6.08 4.17 34.81
C GLY D 121 -6.15 4.16 33.30
N GLN D 122 -5.19 4.85 32.68
CA GLN D 122 -5.11 4.93 31.23
C GLN D 122 -3.68 4.83 30.68
N PHE D 123 -2.77 5.59 31.27
CA PHE D 123 -1.69 6.23 30.50
C PHE D 123 -0.42 5.42 30.28
N GLY D 124 0.67 6.13 29.97
CA GLY D 124 1.84 5.48 29.42
C GLY D 124 3.20 5.86 29.98
N VAL D 125 3.38 5.70 31.28
CA VAL D 125 4.73 5.58 31.85
C VAL D 125 5.28 4.22 31.44
N GLY D 126 6.36 4.23 30.67
CA GLY D 126 6.77 3.07 29.89
C GLY D 126 7.54 2.02 30.68
N PHE D 127 8.82 1.89 30.39
CA PHE D 127 9.69 0.97 31.11
C PHE D 127 9.55 1.12 32.62
N TYR D 128 9.55 2.36 33.09
CA TYR D 128 9.45 2.64 34.51
C TYR D 128 8.16 2.10 35.12
N SER D 129 7.22 1.70 34.27
CA SER D 129 6.04 1.00 34.74
C SER D 129 6.45 -0.02 35.79
N ALA D 130 7.63 -0.62 35.58
CA ALA D 130 8.09 -1.73 36.42
C ALA D 130 8.01 -1.38 37.90
N PHE D 131 8.29 -0.12 38.23
CA PHE D 131 8.36 0.31 39.61
C PHE D 131 6.99 0.45 40.25
N ILE D 132 5.95 0.08 39.51
CA ILE D 132 4.59 0.10 40.06
C ILE D 132 4.38 -1.14 40.91
N VAL D 133 5.19 -2.17 40.66
CA VAL D 133 5.13 -3.40 41.45
C VAL D 133 6.52 -3.77 41.98
N ALA D 134 7.55 -3.06 41.52
CA ALA D 134 8.90 -3.27 42.01
C ALA D 134 9.32 -2.11 42.90
N ASP D 135 10.28 -2.35 43.78
CA ASP D 135 10.95 -1.26 44.48
C ASP D 135 12.46 -1.31 44.26
N LYS D 136 12.89 -2.23 43.40
CA LYS D 136 14.26 -2.24 42.91
C LYS D 136 14.33 -2.95 41.56
N VAL D 137 14.60 -2.18 40.52
CA VAL D 137 14.78 -2.74 39.17
C VAL D 137 16.26 -2.83 38.83
N THR D 138 16.69 -4.02 38.42
CA THR D 138 18.11 -4.31 38.23
C THR D 138 18.37 -4.86 36.83
N VAL D 139 18.93 -4.02 35.97
CA VAL D 139 19.16 -4.40 34.58
C VAL D 139 20.61 -4.83 34.33
N ARG D 140 20.77 -6.02 33.79
CA ARG D 140 22.05 -6.44 33.22
C ARG D 140 21.85 -6.65 31.74
N THR D 141 22.72 -6.06 30.92
CA THR D 141 22.55 -6.19 29.47
C THR D 141 23.83 -5.97 28.67
N ARG D 142 23.87 -6.55 27.48
CA ARG D 142 24.96 -6.32 26.53
C ARG D 142 24.45 -6.45 25.11
N ALA D 143 24.94 -5.57 24.23
CA ALA D 143 24.37 -5.38 22.90
C ALA D 143 25.14 -6.11 21.81
N ALA D 144 24.40 -6.75 20.91
CA ALA D 144 24.97 -7.59 19.88
C ALA D 144 26.22 -6.95 19.27
N GLY D 145 27.23 -7.77 19.02
CA GLY D 145 28.44 -7.29 18.39
C GLY D 145 29.51 -6.89 19.39
N GLU D 146 29.11 -6.12 20.41
CA GLU D 146 30.06 -5.63 21.39
C GLU D 146 30.70 -6.80 22.15
N LYS D 147 32.00 -6.71 22.42
CA LYS D 147 32.69 -7.72 23.20
C LYS D 147 32.00 -7.87 24.55
N PRO D 148 31.90 -9.12 25.04
CA PRO D 148 31.05 -9.47 26.19
C PRO D 148 31.34 -8.66 27.44
N GLU D 149 32.48 -7.97 27.46
CA GLU D 149 32.90 -7.21 28.62
C GLU D 149 32.23 -5.84 28.65
N ASN D 150 31.64 -5.45 27.53
CA ASN D 150 30.96 -4.16 27.42
C ASN D 150 29.52 -4.23 27.91
N GLY D 151 29.26 -5.16 28.82
CA GLY D 151 27.95 -5.22 29.44
C GLY D 151 27.65 -3.97 30.24
N VAL D 152 26.39 -3.81 30.63
CA VAL D 152 25.99 -2.65 31.42
C VAL D 152 25.07 -3.03 32.57
N PHE D 153 25.33 -2.43 33.73
CA PHE D 153 24.52 -2.64 34.93
C PHE D 153 23.66 -1.41 35.19
N TRP D 154 22.41 -1.64 35.58
CA TRP D 154 21.50 -0.54 35.89
C TRP D 154 20.55 -0.91 37.02
N GLU D 155 20.89 -0.49 38.24
CA GLU D 155 19.97 -0.62 39.36
C GLU D 155 19.29 0.72 39.64
N SER D 156 18.08 0.68 40.18
CA SER D 156 17.38 1.90 40.56
C SER D 156 16.25 1.62 41.54
N ALA D 157 15.96 2.59 42.39
CA ALA D 157 14.87 2.48 43.35
C ALA D 157 13.59 3.07 42.77
N GLY D 158 13.69 3.65 41.57
CA GLY D 158 12.54 4.30 40.98
C GLY D 158 12.27 5.65 41.61
N GLU D 159 13.29 6.22 42.25
CA GLU D 159 13.30 7.64 42.57
C GLU D 159 14.05 8.38 41.47
N GLY D 160 14.75 9.46 41.85
CA GLY D 160 15.39 10.30 40.86
C GLY D 160 16.79 9.84 40.49
N GLU D 161 17.22 8.73 41.09
CA GLU D 161 18.62 8.33 41.01
C GLU D 161 18.78 6.86 40.60
N TYR D 162 19.59 6.62 39.57
CA TYR D 162 19.92 5.26 39.16
C TYR D 162 21.43 5.04 39.22
N THR D 163 21.83 3.78 39.31
CA THR D 163 23.25 3.42 39.26
C THR D 163 23.57 2.67 37.97
N VAL D 164 24.65 3.08 37.32
CA VAL D 164 25.11 2.43 36.09
C VAL D 164 26.57 2.01 36.21
N ALA D 165 26.88 0.83 35.69
CA ALA D 165 28.20 0.24 35.87
C ALA D 165 28.54 -0.74 34.75
N ASP D 166 29.81 -0.76 34.35
CA ASP D 166 30.27 -1.73 33.35
C ASP D 166 30.44 -3.11 33.97
N ILE D 167 29.66 -4.07 33.46
CA ILE D 167 29.79 -5.46 33.86
C ILE D 167 30.09 -6.32 32.63
N THR D 168 30.05 -7.63 32.80
CA THR D 168 30.27 -8.56 31.70
C THR D 168 29.24 -9.68 31.71
N LYS D 169 28.81 -10.11 30.53
CA LYS D 169 27.95 -11.29 30.42
C LYS D 169 28.13 -11.95 29.06
N GLU D 170 28.59 -13.19 29.06
CA GLU D 170 28.97 -13.89 27.84
C GLU D 170 27.75 -14.46 27.12
N ASP D 171 26.72 -13.64 26.99
CA ASP D 171 25.44 -14.10 26.47
C ASP D 171 24.49 -12.93 26.19
N ARG D 172 24.35 -12.59 24.91
CA ARG D 172 23.74 -11.33 24.49
C ARG D 172 22.34 -11.14 25.05
N GLY D 173 21.94 -9.89 25.26
CA GLY D 173 20.56 -9.59 25.54
C GLY D 173 20.32 -8.73 26.77
N THR D 174 19.09 -8.78 27.28
CA THR D 174 18.65 -7.88 28.35
C THR D 174 18.03 -8.66 29.49
N GLU D 175 18.60 -8.52 30.69
CA GLU D 175 18.07 -9.19 31.87
C GLU D 175 17.45 -8.19 32.83
N ILE D 176 16.12 -8.12 32.83
CA ILE D 176 15.40 -7.22 33.73
C ILE D 176 14.96 -7.98 34.97
N THR D 177 15.58 -7.65 36.10
CA THR D 177 15.27 -8.31 37.36
C THR D 177 14.45 -7.38 38.24
N LEU D 178 13.18 -7.70 38.44
CA LEU D 178 12.34 -6.92 39.34
C LEU D 178 12.34 -7.48 40.77
N HIS D 179 12.61 -6.60 41.72
CA HIS D 179 12.51 -6.95 43.14
C HIS D 179 11.12 -6.55 43.61
N LEU D 180 10.26 -7.53 43.89
CA LEU D 180 8.85 -7.27 44.12
C LEU D 180 8.57 -6.58 45.45
N ARG D 181 7.47 -5.84 45.50
CA ARG D 181 7.06 -5.12 46.69
C ARG D 181 6.33 -6.05 47.67
N GLU D 182 6.48 -5.76 48.95
CA GLU D 182 5.56 -6.27 49.96
C GLU D 182 4.13 -6.14 49.42
N GLY D 183 3.38 -7.23 49.53
CA GLY D 183 2.00 -7.21 49.08
C GLY D 183 1.78 -7.86 47.73
N GLU D 184 2.64 -7.54 46.77
CA GLU D 184 2.38 -7.90 45.38
C GLU D 184 2.83 -9.33 45.04
N ASP D 185 2.78 -10.21 46.04
CA ASP D 185 3.11 -11.62 45.83
C ASP D 185 2.30 -12.23 44.69
N GLU D 186 1.31 -11.49 44.21
CA GLU D 186 0.44 -11.97 43.15
C GLU D 186 1.22 -12.26 41.87
N PHE D 187 2.39 -11.64 41.74
CA PHE D 187 3.18 -11.78 40.52
C PHE D 187 4.32 -12.78 40.65
N LEU D 188 4.17 -13.73 41.57
CA LEU D 188 5.06 -14.88 41.62
C LEU D 188 4.30 -16.12 41.16
N ASP D 189 2.98 -15.98 41.04
CA ASP D 189 2.14 -17.01 40.45
C ASP D 189 2.42 -17.13 38.96
N ASP D 190 3.26 -18.10 38.60
CA ASP D 190 3.59 -18.34 37.21
C ASP D 190 2.35 -18.46 36.35
N TRP D 191 1.24 -18.90 36.96
CA TRP D 191 -0.03 -18.94 36.25
C TRP D 191 -0.53 -17.54 35.93
N ARG D 192 -0.81 -16.75 36.96
CA ARG D 192 -1.39 -15.44 36.78
C ARG D 192 -0.60 -14.68 35.72
N VAL D 193 0.71 -14.68 35.87
CA VAL D 193 1.59 -14.08 34.87
C VAL D 193 1.26 -14.63 33.49
N ARG D 194 1.27 -15.95 33.37
CA ARG D 194 0.91 -16.61 32.12
C ARG D 194 -0.39 -16.05 31.54
N SER D 195 -1.47 -16.15 32.32
CA SER D 195 -2.80 -15.82 31.84
C SER D 195 -2.89 -14.36 31.41
N ILE D 196 -2.20 -13.49 32.13
CA ILE D 196 -2.04 -12.11 31.70
C ILE D 196 -1.38 -12.05 30.33
N ILE D 197 -0.17 -12.59 30.24
CA ILE D 197 0.65 -12.45 29.03
C ILE D 197 -0.05 -13.02 27.80
N SER D 198 -0.99 -13.94 28.03
CA SER D 198 -1.62 -14.66 26.93
C SER D 198 -2.49 -13.73 26.08
N LYS D 199 -3.10 -12.75 26.73
CA LYS D 199 -3.93 -11.78 26.04
C LYS D 199 -3.10 -10.97 25.07
N TYR D 200 -1.83 -10.77 25.39
CA TYR D 200 -0.94 -9.94 24.60
C TYR D 200 -0.39 -10.73 23.40
N SER D 201 -0.09 -12.00 23.64
CA SER D 201 0.81 -12.75 22.77
C SER D 201 0.29 -12.91 21.35
N ASP D 202 -0.94 -12.45 21.12
CA ASP D 202 -1.52 -12.48 19.78
C ASP D 202 -1.31 -11.18 19.02
N HIS D 203 -0.60 -10.24 19.65
CA HIS D 203 -0.06 -9.10 18.93
C HIS D 203 1.47 -9.07 19.04
N ILE D 204 2.00 -9.77 20.02
CA ILE D 204 3.42 -9.72 20.32
C ILE D 204 4.21 -10.36 19.18
N ALA D 205 5.51 -10.11 19.13
CA ALA D 205 6.32 -10.44 17.96
C ALA D 205 7.24 -11.63 18.21
N LEU D 206 7.15 -12.23 19.39
CA LEU D 206 8.21 -13.05 19.92
C LEU D 206 7.68 -14.27 20.67
N PRO D 207 8.49 -15.33 20.77
CA PRO D 207 8.27 -16.36 21.78
C PRO D 207 8.41 -15.81 23.19
N VAL D 208 7.34 -15.90 23.97
CA VAL D 208 7.43 -15.67 25.41
C VAL D 208 7.40 -17.00 26.15
N GLU D 209 8.51 -17.34 26.79
CA GLU D 209 8.62 -18.60 27.50
C GLU D 209 8.52 -18.43 29.01
N ILE D 210 7.83 -19.37 29.64
CA ILE D 210 7.69 -19.44 31.10
C ILE D 210 8.55 -20.58 31.63
N GLU D 211 9.05 -20.44 32.86
CA GLU D 211 9.80 -21.55 33.47
C GLU D 211 8.95 -22.78 33.82
N LYS D 212 9.42 -23.98 33.42
CA LYS D 212 8.67 -25.22 33.65
C LYS D 212 9.53 -26.41 34.09
N ARG D 213 8.96 -27.32 34.90
CA ARG D 213 9.69 -28.48 35.42
C ARG D 213 8.99 -29.81 35.11
N GLU D 214 9.73 -30.92 35.22
CA GLU D 214 9.14 -32.25 35.10
C GLU D 214 9.59 -33.23 36.19
N GLU D 215 9.13 -34.48 36.09
CA GLU D 215 9.76 -35.60 36.79
C GLU D 215 10.16 -36.69 35.80
N LYS D 216 11.21 -37.45 36.16
CA LYS D 216 11.88 -38.35 35.21
C LYS D 216 11.07 -39.61 34.91
N ASP D 217 11.69 -40.77 35.18
CA ASP D 217 11.08 -42.06 34.88
C ASP D 217 10.81 -42.22 33.39
N THR D 220 16.20 -35.00 36.49
CA THR D 220 14.94 -34.46 36.98
C THR D 220 14.47 -33.31 36.10
N VAL D 221 13.29 -32.78 36.41
CA VAL D 221 12.96 -31.40 36.10
C VAL D 221 13.02 -31.05 34.61
N ILE D 222 13.81 -30.05 34.27
CA ILE D 222 13.29 -28.77 33.84
C ILE D 222 13.43 -28.46 32.35
N SER D 223 12.40 -27.82 31.79
CA SER D 223 12.48 -27.19 30.48
C SER D 223 11.65 -25.90 30.46
N TRP D 224 11.84 -25.09 29.41
CA TRP D 224 11.07 -23.87 29.24
C TRP D 224 9.93 -24.09 28.25
N GLU D 225 8.75 -23.56 28.57
CA GLU D 225 7.58 -23.80 27.74
C GLU D 225 7.02 -22.51 27.14
N LYS D 226 6.88 -22.50 25.81
CA LYS D 226 6.39 -21.32 25.10
C LYS D 226 4.88 -21.23 25.28
N ILE D 227 4.36 -20.01 25.47
CA ILE D 227 2.98 -19.86 25.98
C ILE D 227 1.92 -19.53 24.94
N ASN D 228 2.31 -18.79 23.90
CA ASN D 228 1.49 -18.67 22.70
C ASN D 228 1.69 -20.00 21.99
N LYS D 229 0.66 -20.48 21.31
CA LYS D 229 0.77 -21.82 20.75
C LYS D 229 0.84 -21.84 19.24
N ALA D 230 0.10 -20.93 18.61
CA ALA D 230 0.16 -20.76 17.16
C ALA D 230 -0.52 -21.92 16.44
N GLN D 231 -1.64 -21.64 15.79
CA GLN D 231 -2.40 -22.65 15.08
C GLN D 231 -1.73 -22.89 13.73
N ALA D 232 -0.83 -23.85 13.67
CA ALA D 232 0.23 -23.86 12.67
C ALA D 232 0.53 -25.28 12.19
N LEU D 233 -0.10 -25.66 11.09
CA LEU D 233 -0.03 -27.03 10.60
C LEU D 233 1.39 -27.38 10.19
N TRP D 234 2.24 -26.36 10.06
CA TRP D 234 3.65 -26.57 9.78
C TRP D 234 4.49 -26.41 11.04
N THR D 235 3.87 -26.58 12.20
CA THR D 235 4.57 -26.48 13.47
C THR D 235 4.64 -27.83 14.20
N ARG D 236 3.49 -28.47 14.36
CA ARG D 236 3.46 -29.86 14.81
C ARG D 236 4.41 -30.69 13.95
N ASN D 237 5.43 -31.25 14.57
CA ASN D 237 6.51 -31.91 13.86
C ASN D 237 6.02 -33.13 13.08
N LYS D 238 6.91 -33.68 12.26
CA LYS D 238 6.55 -34.74 11.32
C LYS D 238 6.00 -35.95 12.07
N SER D 239 6.32 -36.02 13.36
CA SER D 239 5.77 -37.01 14.27
C SER D 239 4.37 -36.62 14.74
N GLU D 240 3.59 -36.04 13.83
CA GLU D 240 2.16 -35.87 14.08
C GLU D 240 1.33 -36.15 12.84
N ILE D 241 1.67 -35.49 11.74
CA ILE D 241 0.67 -35.04 10.78
C ILE D 241 0.26 -36.11 9.79
N THR D 242 -1.05 -36.22 9.58
CA THR D 242 -1.62 -37.27 8.73
C THR D 242 -1.27 -36.99 7.27
N ASP D 243 -1.00 -38.05 6.52
CA ASP D 243 -0.76 -37.91 5.08
C ASP D 243 -1.91 -37.17 4.42
N GLU D 244 -3.12 -37.40 4.93
CA GLU D 244 -4.29 -36.66 4.46
C GLU D 244 -4.17 -35.21 4.89
N GLU D 245 -3.78 -35.00 6.15
CA GLU D 245 -3.62 -33.66 6.69
C GLU D 245 -2.71 -32.83 5.80
N TYR D 246 -1.51 -33.34 5.53
CA TYR D 246 -0.60 -32.70 4.58
C TYR D 246 -1.30 -32.43 3.26
N LYS D 247 -1.85 -33.48 2.65
CA LYS D 247 -2.47 -33.36 1.33
C LYS D 247 -3.52 -32.25 1.33
N GLU D 248 -4.45 -32.34 2.27
CA GLU D 248 -5.47 -31.30 2.42
C GLU D 248 -4.84 -29.91 2.43
N PHE D 249 -3.76 -29.76 3.19
CA PHE D 249 -3.14 -28.46 3.37
C PHE D 249 -2.67 -27.90 2.03
N TYR D 250 -1.76 -28.60 1.37
CA TYR D 250 -1.28 -28.16 0.06
C TYR D 250 -2.46 -27.78 -0.83
N LYS D 251 -3.46 -28.63 -0.88
CA LYS D 251 -4.69 -28.34 -1.61
C LYS D 251 -5.13 -26.90 -1.33
N HIS D 252 -5.27 -26.58 -0.04
CA HIS D 252 -5.82 -25.30 0.36
C HIS D 252 -4.94 -24.14 -0.09
N ILE D 253 -3.66 -24.18 0.27
CA ILE D 253 -2.75 -23.08 -0.02
C ILE D 253 -2.24 -23.11 -1.46
N ALA D 254 -2.91 -23.89 -2.30
CA ALA D 254 -2.57 -23.92 -3.72
C ALA D 254 -3.77 -23.55 -4.59
N HIS D 255 -4.97 -23.62 -4.01
CA HIS D 255 -6.20 -23.45 -4.78
C HIS D 255 -6.28 -24.54 -5.84
N ASP D 256 -5.44 -25.55 -5.69
CA ASP D 256 -5.55 -26.76 -6.50
C ASP D 256 -6.16 -27.88 -5.66
N PHE D 257 -6.65 -28.91 -6.33
CA PHE D 257 -7.53 -29.88 -5.70
C PHE D 257 -7.08 -31.32 -5.94
N ASN D 258 -6.12 -31.49 -6.84
CA ASN D 258 -5.35 -32.73 -6.90
C ASN D 258 -4.43 -32.82 -5.69
N ASP D 259 -4.03 -34.04 -5.34
CA ASP D 259 -3.10 -34.26 -4.24
C ASP D 259 -1.69 -33.90 -4.68
N PRO D 260 -0.82 -33.57 -3.72
CA PRO D 260 0.62 -33.41 -4.01
C PRO D 260 1.26 -34.76 -4.31
N LEU D 261 2.32 -34.74 -5.11
CA LEU D 261 3.07 -35.96 -5.40
C LEU D 261 4.02 -36.29 -4.24
N THR D 262 4.41 -35.25 -3.50
CA THR D 262 5.32 -35.42 -2.38
C THR D 262 5.53 -34.09 -1.67
N TRP D 263 6.15 -34.14 -0.48
CA TRP D 263 6.41 -32.95 0.30
C TRP D 263 7.61 -33.13 1.22
N SER D 264 8.31 -32.04 1.51
CA SER D 264 9.34 -32.04 2.54
C SER D 264 9.03 -30.95 3.57
N HIS D 265 8.81 -31.37 4.81
CA HIS D 265 8.52 -30.43 5.90
C HIS D 265 9.54 -30.60 7.02
N ASN D 266 10.40 -29.61 7.18
CA ASN D 266 11.51 -29.71 8.13
C ASN D 266 11.65 -28.46 8.98
N ARG D 267 12.55 -28.52 9.96
CA ARG D 267 12.78 -27.41 10.87
C ARG D 267 14.27 -27.21 11.09
N VAL D 268 14.78 -26.02 10.75
CA VAL D 268 16.19 -25.72 10.93
C VAL D 268 16.44 -24.80 12.11
N GLU D 269 17.19 -25.31 13.08
CA GLU D 269 17.81 -24.50 14.11
C GLU D 269 19.19 -24.10 13.62
N GLY D 270 19.83 -23.15 14.30
CA GLY D 270 21.17 -22.75 13.93
C GLY D 270 21.27 -21.42 13.22
N LYS D 271 22.09 -21.36 12.18
CA LYS D 271 22.59 -20.10 11.64
C LYS D 271 21.44 -19.13 11.32
N GLN D 272 20.75 -19.39 10.22
CA GLN D 272 19.40 -18.87 10.06
C GLN D 272 18.41 -19.93 10.51
N GLU D 273 17.19 -19.50 10.84
CA GLU D 273 16.29 -20.31 11.66
C GLU D 273 14.87 -20.23 11.11
N TYR D 274 14.28 -21.37 10.80
CA TYR D 274 13.06 -21.37 9.99
C TYR D 274 12.46 -22.75 9.77
N THR D 275 11.13 -22.81 9.82
CA THR D 275 10.40 -24.04 9.53
C THR D 275 9.91 -23.98 8.09
N SER D 276 10.34 -24.94 7.27
CA SER D 276 9.97 -24.94 5.85
C SER D 276 9.07 -26.12 5.49
N LEU D 277 8.07 -25.85 4.66
CA LEU D 277 7.21 -26.90 4.11
C LEU D 277 7.03 -26.68 2.62
N LEU D 278 7.37 -27.70 1.82
CA LEU D 278 7.33 -27.56 0.37
C LEU D 278 6.61 -28.73 -0.29
N TYR D 279 5.86 -28.44 -1.36
CA TYR D 279 5.15 -29.47 -2.10
C TYR D 279 5.58 -29.52 -3.56
N ILE D 280 5.48 -30.70 -4.16
CA ILE D 280 5.63 -30.85 -5.60
C ILE D 280 4.29 -31.25 -6.21
N PRO D 281 3.63 -30.31 -6.90
CA PRO D 281 2.28 -30.56 -7.45
C PRO D 281 2.26 -31.75 -8.42
N SER D 282 1.05 -32.13 -8.83
CA SER D 282 0.89 -33.23 -9.78
C SER D 282 0.41 -32.70 -11.13
N GLN D 283 0.01 -31.43 -11.16
CA GLN D 283 -0.56 -30.84 -12.37
C GLN D 283 -0.07 -29.41 -12.54
N ALA D 284 0.89 -29.21 -13.44
CA ALA D 284 1.35 -27.87 -13.79
C ALA D 284 0.16 -27.01 -14.21
N PRO D 285 -0.12 -25.96 -13.45
CA PRO D 285 -1.26 -25.07 -13.71
C PRO D 285 -1.19 -24.38 -15.07
N TRP D 286 -2.11 -23.45 -15.29
CA TRP D 286 -2.17 -22.67 -16.53
C TRP D 286 -0.94 -21.80 -16.71
N ASP D 287 -0.62 -21.01 -15.69
CA ASP D 287 0.37 -19.94 -15.81
C ASP D 287 1.77 -20.47 -16.12
N MET D 288 1.93 -21.79 -16.02
CA MET D 288 3.23 -22.43 -15.92
C MET D 288 4.29 -21.86 -16.85
N TRP D 289 4.04 -21.99 -18.16
CA TRP D 289 5.00 -21.60 -19.18
C TRP D 289 4.54 -20.34 -19.91
N ASN D 290 3.53 -19.67 -19.36
CA ASN D 290 3.14 -18.35 -19.85
C ASN D 290 3.66 -17.28 -18.92
N ARG D 291 2.74 -16.64 -18.20
CA ARG D 291 3.09 -15.57 -17.25
C ARG D 291 4.01 -14.55 -17.91
N HIS D 293 0.70 -11.34 -12.08
CA HIS D 293 0.90 -12.79 -12.02
C HIS D 293 1.25 -13.24 -10.60
N LYS D 294 1.50 -14.52 -10.44
CA LYS D 294 1.71 -15.12 -9.13
C LYS D 294 2.35 -16.49 -9.28
N HIS D 295 3.26 -16.83 -8.38
CA HIS D 295 4.27 -17.83 -8.68
C HIS D 295 4.41 -18.97 -7.68
N GLY D 296 4.76 -18.67 -6.43
CA GLY D 296 5.36 -19.70 -5.60
C GLY D 296 5.11 -19.69 -4.09
N LEU D 297 6.15 -19.42 -3.33
CA LEU D 297 6.16 -19.71 -1.90
C LEU D 297 5.49 -18.65 -1.05
N LYS D 298 4.91 -19.06 0.07
CA LYS D 298 4.35 -18.10 1.02
C LYS D 298 5.35 -17.85 2.15
N LEU D 299 5.74 -16.59 2.32
CA LEU D 299 6.73 -16.27 3.36
C LEU D 299 6.09 -15.77 4.64
N TYR D 300 6.21 -16.56 5.70
CA TYR D 300 5.79 -16.14 7.04
C TYR D 300 6.99 -15.71 7.87
N VAL D 301 6.77 -14.75 8.76
CA VAL D 301 7.80 -14.32 9.69
C VAL D 301 7.30 -14.39 11.13
N GLN D 302 7.88 -15.30 11.90
CA GLN D 302 7.44 -15.53 13.27
C GLN D 302 6.00 -16.04 13.30
N ARG D 303 5.72 -17.08 12.54
CA ARG D 303 4.38 -17.65 12.45
C ARG D 303 3.36 -16.59 12.07
N VAL D 304 3.84 -15.50 11.49
CA VAL D 304 2.96 -14.45 10.98
C VAL D 304 3.03 -14.39 9.46
N PHE D 305 1.98 -13.88 8.83
CA PHE D 305 1.93 -13.78 7.38
C PHE D 305 2.63 -12.50 6.93
N ILE D 306 3.51 -12.63 5.95
CA ILE D 306 4.09 -11.46 5.28
C ILE D 306 3.47 -11.30 3.90
N MET D 307 4.08 -11.95 2.91
CA MET D 307 3.52 -11.94 1.57
C MET D 307 3.18 -13.34 1.06
N ASP D 308 1.97 -13.45 0.52
CA ASP D 308 1.70 -14.33 -0.61
C ASP D 308 2.81 -14.15 -1.62
N ASP D 309 3.66 -15.15 -1.75
CA ASP D 309 4.34 -15.43 -3.00
C ASP D 309 5.59 -14.57 -3.22
N ALA D 310 6.75 -15.19 -3.04
CA ALA D 310 8.00 -14.62 -3.51
C ALA D 310 8.69 -15.62 -4.44
N GLU D 311 8.88 -15.21 -5.69
CA GLU D 311 9.94 -15.77 -6.52
C GLU D 311 11.28 -15.18 -6.12
N GLN D 312 11.95 -15.83 -5.17
CA GLN D 312 13.12 -15.27 -4.53
C GLN D 312 13.84 -16.33 -3.71
N PHE D 313 13.05 -17.20 -3.07
CA PHE D 313 13.60 -18.36 -2.39
C PHE D 313 13.73 -19.53 -3.37
N MET D 314 13.21 -19.34 -4.58
CA MET D 314 13.20 -20.42 -5.56
C MET D 314 13.83 -20.00 -6.88
N PRO D 315 14.80 -20.81 -7.36
CA PRO D 315 15.34 -20.66 -8.71
C PRO D 315 14.32 -21.05 -9.77
N ASN D 316 14.45 -20.48 -10.97
CA ASN D 316 13.46 -20.68 -12.02
C ASN D 316 13.18 -22.14 -12.32
N TYR D 317 14.23 -22.96 -12.32
CA TYR D 317 14.09 -24.35 -12.76
C TYR D 317 13.40 -25.21 -11.71
N LEU D 318 12.80 -24.56 -10.72
CA LEU D 318 11.98 -25.25 -9.74
C LEU D 318 10.75 -24.41 -9.39
N ARG D 319 10.32 -23.59 -10.34
CA ARG D 319 9.21 -22.67 -10.11
C ARG D 319 7.85 -23.37 -10.11
N PHE D 320 7.88 -24.69 -9.98
CA PHE D 320 6.66 -25.45 -9.72
C PHE D 320 6.46 -25.67 -8.23
N VAL D 321 7.56 -25.68 -7.49
CA VAL D 321 7.52 -25.92 -6.05
C VAL D 321 6.50 -25.01 -5.38
N ARG D 322 5.52 -25.62 -4.72
CA ARG D 322 4.54 -24.88 -3.92
C ARG D 322 4.81 -25.09 -2.44
N GLY D 323 4.19 -24.25 -1.61
CA GLY D 323 4.35 -24.40 -0.17
C GLY D 323 4.60 -23.08 0.53
N LEU D 324 5.29 -23.13 1.66
CA LEU D 324 5.55 -21.95 2.46
C LEU D 324 6.75 -22.15 3.38
N ILE D 325 7.56 -21.10 3.52
CA ILE D 325 8.64 -21.09 4.49
C ILE D 325 8.31 -20.10 5.60
N ASP D 326 8.58 -20.49 6.84
CA ASP D 326 8.29 -19.65 8.00
C ASP D 326 9.57 -19.33 8.74
N SER D 327 10.14 -18.17 8.43
CA SER D 327 11.33 -17.70 9.13
C SER D 327 11.02 -17.08 10.48
N SER D 328 11.83 -17.42 11.47
CA SER D 328 12.18 -16.48 12.53
C SER D 328 13.45 -15.81 12.06
N ASP D 329 14.01 -14.93 12.90
CA ASP D 329 15.32 -14.36 12.63
C ASP D 329 15.29 -13.45 11.41
N LEU D 330 14.17 -13.45 10.71
CA LEU D 330 14.07 -12.72 9.45
C LEU D 330 13.06 -11.59 9.67
N PRO D 331 13.55 -10.36 9.84
CA PRO D 331 12.77 -9.30 10.51
C PRO D 331 11.45 -8.99 9.83
N LEU D 332 10.35 -9.25 10.55
CA LEU D 332 9.03 -8.84 10.11
C LEU D 332 9.10 -7.39 9.60
N ASN D 333 8.22 -7.06 8.66
CA ASN D 333 8.24 -5.79 7.94
C ASN D 333 9.08 -5.90 6.68
N VAL D 334 9.95 -6.90 6.65
CA VAL D 334 10.69 -7.25 5.44
C VAL D 334 9.76 -7.30 4.23
N SER D 335 10.27 -6.87 3.08
CA SER D 335 9.55 -7.06 1.82
C SER D 335 10.54 -7.32 0.68
N ARG D 336 10.01 -7.73 -0.46
CA ARG D 336 10.83 -8.19 -1.59
C ARG D 336 12.09 -7.33 -1.79
N GLU D 337 11.89 -6.02 -1.85
CA GLU D 337 13.01 -5.09 -1.93
C GLU D 337 14.06 -5.41 -0.87
N ILE D 338 13.65 -5.33 0.40
CA ILE D 338 14.58 -5.46 1.52
C ILE D 338 15.37 -6.76 1.42
N LEU D 339 14.67 -7.85 1.12
CA LEU D 339 15.30 -9.14 0.91
C LEU D 339 16.36 -9.05 -0.18
N GLN D 340 15.99 -8.44 -1.31
CA GLN D 340 16.85 -8.41 -2.47
C GLN D 340 18.03 -7.47 -2.24
N ASP D 341 18.06 -6.86 -1.06
CA ASP D 341 19.22 -6.08 -0.64
C ASP D 341 20.09 -6.85 0.35
N SER D 342 19.47 -7.70 1.16
CA SER D 342 20.21 -8.55 2.10
C SER D 342 20.92 -9.69 1.41
N THR D 343 21.75 -10.41 2.16
CA THR D 343 22.42 -11.60 1.66
C THR D 343 21.64 -12.84 2.11
N VAL D 344 21.02 -12.73 3.28
CA VAL D 344 20.24 -13.82 3.86
C VAL D 344 19.37 -14.47 2.81
N THR D 345 18.84 -13.66 1.90
CA THR D 345 18.02 -14.16 0.81
C THR D 345 18.84 -15.17 -0.01
N ARG D 346 19.95 -14.71 -0.55
CA ARG D 346 20.86 -15.55 -1.31
C ARG D 346 20.99 -16.91 -0.61
N ASN D 347 21.34 -16.88 0.66
CA ASN D 347 21.60 -18.11 1.41
C ASN D 347 20.33 -18.95 1.54
N LEU D 348 19.25 -18.33 1.98
CA LEU D 348 18.00 -19.03 2.24
C LEU D 348 17.53 -19.75 0.98
N ARG D 349 17.49 -19.00 -0.12
CA ARG D 349 17.28 -19.59 -1.44
C ARG D 349 18.09 -20.88 -1.58
N ASN D 350 19.41 -20.75 -1.60
CA ASN D 350 20.25 -21.89 -1.91
C ASN D 350 19.89 -23.12 -1.07
N ALA D 351 19.81 -22.93 0.24
CA ALA D 351 19.45 -24.02 1.15
C ALA D 351 18.18 -24.71 0.66
N LEU D 352 17.13 -23.93 0.42
CA LEU D 352 15.85 -24.50 0.02
C LEU D 352 15.98 -25.30 -1.27
N THR D 353 16.72 -24.75 -2.23
CA THR D 353 16.96 -25.45 -3.49
C THR D 353 17.52 -26.83 -3.23
N LYS D 354 18.49 -26.92 -2.32
CA LYS D 354 18.98 -28.22 -1.86
C LYS D 354 17.83 -29.09 -1.37
N ARG D 355 17.02 -28.53 -0.48
CA ARG D 355 15.97 -29.32 0.16
C ARG D 355 14.98 -29.85 -0.88
N VAL D 356 14.65 -29.02 -1.86
CA VAL D 356 13.75 -29.42 -2.94
C VAL D 356 14.33 -30.56 -3.76
N LEU D 357 15.57 -30.39 -4.22
CA LEU D 357 16.22 -31.41 -5.03
C LEU D 357 16.27 -32.74 -4.28
N GLN D 358 16.69 -32.70 -3.02
CA GLN D 358 16.68 -33.91 -2.19
C GLN D 358 15.30 -34.55 -2.20
N MET D 359 14.28 -33.74 -1.93
CA MET D 359 12.91 -34.23 -1.89
C MET D 359 12.57 -34.99 -3.17
N LEU D 360 13.07 -34.48 -4.29
CA LEU D 360 12.87 -35.13 -5.58
C LEU D 360 13.63 -36.45 -5.69
N GLU D 361 14.94 -36.39 -5.49
CA GLU D 361 15.77 -37.59 -5.48
C GLU D 361 15.03 -38.73 -4.77
N LYS D 362 14.52 -38.45 -3.58
CA LYS D 362 13.89 -39.46 -2.77
C LYS D 362 12.62 -39.97 -3.42
N LEU D 363 11.82 -39.05 -3.98
CA LEU D 363 10.62 -39.45 -4.71
C LEU D 363 10.99 -40.49 -5.77
N ALA D 364 12.19 -40.35 -6.33
CA ALA D 364 12.64 -41.21 -7.42
C ALA D 364 13.16 -42.54 -6.89
N LYS D 365 13.48 -42.58 -5.60
CA LYS D 365 13.84 -43.84 -4.94
C LYS D 365 12.61 -44.63 -4.47
N ASP D 366 11.58 -43.91 -4.05
CA ASP D 366 10.51 -44.52 -3.25
C ASP D 366 9.22 -44.77 -4.02
N ASP D 367 9.05 -44.12 -5.16
CA ASP D 367 7.83 -44.29 -5.93
C ASP D 367 7.97 -43.81 -7.37
N ALA D 368 8.78 -44.55 -8.15
CA ALA D 368 9.08 -44.16 -9.52
C ALA D 368 7.80 -44.03 -10.33
N GLU D 369 6.76 -44.77 -9.94
CA GLU D 369 5.43 -44.61 -10.51
C GLU D 369 5.04 -43.14 -10.51
N LYS D 370 4.81 -42.58 -9.34
CA LYS D 370 4.39 -41.18 -9.23
C LYS D 370 5.41 -40.26 -9.87
N TYR D 371 6.69 -40.51 -9.61
CA TYR D 371 7.76 -39.63 -10.07
C TYR D 371 7.68 -39.43 -11.58
N GLN D 372 7.41 -40.52 -12.30
CA GLN D 372 7.16 -40.42 -13.73
C GLN D 372 6.12 -39.34 -14.03
N THR D 373 5.04 -39.35 -13.25
CA THR D 373 3.96 -38.39 -13.46
C THR D 373 4.51 -36.99 -13.26
N PHE D 374 5.43 -36.86 -12.31
CA PHE D 374 6.17 -35.62 -12.11
C PHE D 374 6.89 -35.20 -13.38
N TRP D 375 7.76 -36.07 -13.90
CA TRP D 375 8.60 -35.72 -15.04
C TRP D 375 7.75 -35.47 -16.27
N GLN D 376 6.66 -36.22 -16.39
CA GLN D 376 5.63 -35.91 -17.38
C GLN D 376 5.24 -34.44 -17.29
N GLN D 377 5.02 -33.97 -16.07
CA GLN D 377 4.44 -32.66 -15.86
C GLN D 377 5.44 -31.51 -15.86
N PHE D 378 6.67 -31.78 -15.40
CA PHE D 378 7.59 -30.70 -15.06
C PHE D 378 8.97 -30.84 -15.69
N GLY D 379 9.26 -32.00 -16.26
CA GLY D 379 10.60 -32.26 -16.76
C GLY D 379 11.13 -31.15 -17.64
N LEU D 380 10.28 -30.64 -18.53
CA LEU D 380 10.68 -29.58 -19.45
C LEU D 380 11.22 -28.37 -18.70
N VAL D 381 10.78 -28.20 -17.46
CA VAL D 381 11.26 -27.11 -16.62
C VAL D 381 12.56 -27.48 -15.94
N LEU D 382 12.60 -28.69 -15.38
CA LEU D 382 13.79 -29.15 -14.67
C LEU D 382 15.00 -29.18 -15.61
N LYS D 383 14.71 -29.21 -16.91
CA LYS D 383 15.77 -29.25 -17.92
C LYS D 383 16.43 -27.88 -18.11
N GLU D 384 15.86 -26.85 -17.50
CA GLU D 384 16.54 -25.58 -17.34
C GLU D 384 17.69 -25.71 -16.35
N GLY D 385 17.46 -26.47 -15.28
CA GLY D 385 18.42 -26.53 -14.19
C GLY D 385 19.87 -26.54 -14.59
N PRO D 386 20.28 -27.47 -15.48
CA PRO D 386 21.70 -27.62 -15.83
C PRO D 386 22.35 -26.35 -16.34
N ALA D 387 21.56 -25.47 -16.94
CA ALA D 387 22.09 -24.23 -17.50
C ALA D 387 22.06 -23.08 -16.51
N GLU D 388 21.50 -23.35 -15.32
CA GLU D 388 20.98 -22.28 -14.47
C GLU D 388 21.24 -22.48 -12.98
N ASP D 389 22.15 -23.39 -12.64
CA ASP D 389 22.54 -23.57 -11.25
C ASP D 389 23.66 -24.59 -11.13
N PHE D 390 24.87 -24.20 -11.54
CA PHE D 390 25.96 -25.15 -11.76
C PHE D 390 26.24 -25.97 -10.52
N ALA D 391 25.96 -25.40 -9.36
CA ALA D 391 26.41 -25.94 -8.07
C ALA D 391 25.84 -27.32 -7.77
N ASN D 392 24.89 -27.76 -8.59
CA ASN D 392 24.19 -29.02 -8.34
C ASN D 392 24.01 -29.83 -9.61
N GLN D 393 24.72 -29.44 -10.66
CA GLN D 393 24.53 -30.04 -11.98
C GLN D 393 24.50 -31.56 -11.91
N GLU D 394 25.21 -32.12 -10.93
CA GLU D 394 25.09 -33.54 -10.62
C GLU D 394 23.66 -33.89 -10.20
N ALA D 395 23.30 -33.50 -8.98
CA ALA D 395 22.10 -33.99 -8.33
C ALA D 395 20.86 -33.60 -9.13
N ILE D 396 21.03 -32.69 -10.10
CA ILE D 396 20.01 -32.46 -11.11
C ILE D 396 20.03 -33.55 -12.15
N ALA D 397 21.18 -33.74 -12.80
CA ALA D 397 21.28 -34.62 -13.95
C ALA D 397 20.72 -36.00 -13.63
N LYS D 398 20.97 -36.47 -12.41
CA LYS D 398 20.38 -37.72 -11.95
C LYS D 398 18.85 -37.67 -12.03
N LEU D 399 18.27 -36.56 -11.58
CA LEU D 399 16.83 -36.38 -11.64
C LEU D 399 16.32 -36.33 -13.07
N LEU D 400 17.20 -35.99 -14.00
CA LEU D 400 16.83 -35.95 -15.41
C LEU D 400 16.32 -37.30 -15.89
N ARG D 401 15.56 -37.29 -16.98
CA ARG D 401 15.02 -38.51 -17.56
C ARG D 401 14.91 -38.36 -19.08
N PHE D 402 15.07 -39.47 -19.80
CA PHE D 402 15.14 -39.42 -21.26
C PHE D 402 14.42 -40.60 -21.91
N ALA D 403 14.21 -40.50 -23.22
CA ALA D 403 13.87 -41.65 -24.04
C ALA D 403 15.11 -42.05 -24.83
N SER D 404 15.31 -43.36 -25.01
CA SER D 404 16.47 -43.84 -25.76
C SER D 404 16.18 -45.12 -26.55
N THR D 405 17.19 -45.59 -27.26
CA THR D 405 17.03 -46.68 -28.21
C THR D 405 16.42 -47.93 -27.60
N HIS D 406 16.89 -48.31 -26.41
CA HIS D 406 16.43 -49.54 -25.77
C HIS D 406 15.06 -49.37 -25.13
N THR D 407 14.23 -48.51 -25.71
CA THR D 407 12.80 -48.57 -25.51
C THR D 407 12.07 -47.97 -26.71
N ASP D 408 11.04 -48.66 -27.18
CA ASP D 408 10.35 -48.26 -28.40
C ASP D 408 9.04 -47.53 -28.12
N SER D 409 9.01 -46.74 -27.04
CA SER D 409 7.84 -45.94 -26.71
C SER D 409 8.19 -44.45 -26.66
N SER D 410 7.26 -43.61 -27.08
CA SER D 410 7.46 -42.17 -27.05
C SER D 410 7.86 -41.71 -25.66
N ALA D 411 7.25 -42.31 -24.64
CA ALA D 411 7.47 -41.90 -23.27
C ALA D 411 8.93 -42.05 -22.86
N GLN D 412 9.37 -41.20 -21.94
CA GLN D 412 10.77 -41.18 -21.53
C GLN D 412 10.91 -41.59 -20.06
N THR D 413 11.74 -42.61 -19.82
CA THR D 413 11.84 -43.22 -18.51
C THR D 413 13.28 -43.62 -18.16
N VAL D 414 14.21 -43.26 -19.04
CA VAL D 414 15.60 -43.70 -18.90
C VAL D 414 16.40 -42.78 -17.98
N SER D 415 16.83 -43.33 -16.84
CA SER D 415 17.78 -42.64 -15.97
C SER D 415 19.15 -42.67 -16.62
N LEU D 416 19.96 -41.64 -16.36
CA LEU D 416 21.33 -41.63 -16.84
C LEU D 416 22.11 -42.77 -16.20
N GLU D 417 21.77 -43.06 -14.96
CA GLU D 417 22.27 -44.27 -14.29
C GLU D 417 21.91 -45.48 -15.14
N ASP D 418 20.63 -45.60 -15.47
CA ASP D 418 20.14 -46.74 -16.24
C ASP D 418 20.89 -46.86 -17.57
N TYR D 419 21.49 -45.76 -17.99
CA TYR D 419 22.29 -45.77 -19.21
C TYR D 419 23.64 -46.41 -18.94
N VAL D 420 24.44 -45.78 -18.10
CA VAL D 420 25.76 -46.29 -17.77
C VAL D 420 25.69 -47.72 -17.26
N SER D 421 24.65 -48.01 -16.47
CA SER D 421 24.45 -49.35 -15.95
C SER D 421 24.54 -50.39 -17.06
N ARG D 422 23.77 -50.20 -18.13
CA ARG D 422 23.73 -51.17 -19.20
C ARG D 422 24.62 -50.75 -20.37
N MET D 423 25.60 -49.90 -20.10
CA MET D 423 26.70 -49.69 -21.03
C MET D 423 27.50 -50.97 -21.16
N LYS D 424 28.11 -51.17 -22.33
CA LYS D 424 28.89 -52.38 -22.59
C LYS D 424 30.37 -52.15 -22.34
N GLU D 425 31.10 -53.24 -22.13
CA GLU D 425 32.52 -53.16 -21.82
C GLU D 425 33.28 -52.38 -22.89
N GLY D 426 34.08 -51.42 -22.45
CA GLY D 426 34.90 -50.65 -23.38
C GLY D 426 34.22 -49.37 -23.84
N GLN D 427 32.90 -49.35 -23.81
CA GLN D 427 32.15 -48.17 -24.24
C GLN D 427 32.40 -47.01 -23.28
N GLU D 428 32.97 -45.93 -23.81
CA GLU D 428 33.45 -44.84 -22.97
C GLU D 428 32.54 -43.62 -22.99
N LYS D 429 31.85 -43.42 -24.11
CA LYS D 429 31.03 -42.21 -24.29
C LYS D 429 29.54 -42.45 -24.13
N ILE D 430 28.81 -41.36 -23.91
CA ILE D 430 27.36 -41.38 -23.84
C ILE D 430 26.79 -40.66 -25.07
N TYR D 431 26.06 -41.39 -25.90
CA TYR D 431 25.62 -40.86 -27.19
C TYR D 431 24.18 -40.36 -27.16
N TYR D 432 23.91 -39.29 -27.88
CA TYR D 432 22.56 -38.75 -28.00
C TYR D 432 22.32 -38.23 -29.42
N ILE D 433 21.06 -38.27 -29.83
CA ILE D 433 20.63 -37.60 -31.05
C ILE D 433 19.69 -36.45 -30.68
N THR D 434 19.68 -35.41 -31.49
CA THR D 434 18.88 -34.22 -31.21
C THR D 434 18.03 -33.83 -32.42
N ALA D 435 16.76 -34.20 -32.36
CA ALA D 435 15.86 -34.02 -33.50
C ALA D 435 14.65 -33.18 -33.13
N ASP D 436 13.88 -32.78 -34.15
CA ASP D 436 12.72 -31.93 -33.94
C ASP D 436 11.58 -32.70 -33.30
N SER D 437 11.71 -34.02 -33.26
CA SER D 437 10.59 -34.88 -32.88
C SER D 437 11.05 -36.32 -32.63
N TYR D 438 10.35 -37.00 -31.72
CA TYR D 438 10.68 -38.36 -31.36
C TYR D 438 10.88 -39.20 -32.62
N ALA D 439 9.92 -39.09 -33.53
CA ALA D 439 10.01 -39.76 -34.83
C ALA D 439 11.42 -39.68 -35.39
N ALA D 440 11.81 -38.49 -35.84
CA ALA D 440 13.10 -38.32 -36.49
C ALA D 440 14.19 -38.96 -35.65
N ALA D 441 14.13 -38.73 -34.35
CA ALA D 441 15.14 -39.27 -33.44
C ALA D 441 15.26 -40.78 -33.61
N LYS D 442 14.18 -41.49 -33.30
CA LYS D 442 14.17 -42.94 -33.40
C LYS D 442 14.62 -43.43 -34.77
N SER D 443 14.32 -42.65 -35.81
CA SER D 443 14.48 -43.13 -37.18
C SER D 443 15.43 -42.25 -37.98
N SER D 444 16.59 -41.95 -37.41
CA SER D 444 17.60 -41.19 -38.12
C SER D 444 18.65 -42.12 -38.73
N PRO D 445 19.26 -41.70 -39.85
CA PRO D 445 20.35 -42.46 -40.46
C PRO D 445 21.50 -42.68 -39.49
N HIS D 446 21.90 -41.61 -38.82
CA HIS D 446 22.96 -41.68 -37.81
C HIS D 446 22.71 -42.79 -36.80
N LEU D 447 21.46 -43.25 -36.71
CA LEU D 447 21.08 -44.24 -35.72
C LEU D 447 21.54 -45.65 -36.08
N GLU D 448 21.35 -46.02 -37.35
CA GLU D 448 21.12 -47.41 -37.73
C GLU D 448 22.27 -48.35 -37.35
N LEU D 449 23.49 -47.84 -37.36
CA LEU D 449 24.64 -48.64 -36.95
C LEU D 449 24.62 -48.93 -35.45
N LEU D 450 24.61 -47.86 -34.65
CA LEU D 450 24.58 -48.01 -33.20
C LEU D 450 23.40 -48.87 -32.77
N ARG D 451 22.26 -48.66 -33.43
CA ARG D 451 21.06 -49.42 -33.14
C ARG D 451 21.26 -50.89 -33.52
N LYS D 452 22.13 -51.13 -34.49
CA LYS D 452 22.39 -52.48 -34.97
C LYS D 452 23.33 -53.22 -34.02
N LYS D 453 24.43 -52.57 -33.64
CA LYS D 453 25.36 -53.13 -32.68
C LYS D 453 24.73 -53.23 -31.29
N GLY D 454 23.65 -52.48 -31.09
CA GLY D 454 22.91 -52.57 -29.84
C GLY D 454 23.23 -51.45 -28.88
N ILE D 455 24.11 -50.54 -29.29
CA ILE D 455 24.58 -49.49 -28.40
C ILE D 455 23.49 -48.48 -28.09
N GLU D 456 23.37 -48.11 -26.82
CA GLU D 456 22.29 -47.25 -26.36
C GLU D 456 22.52 -45.80 -26.76
N VAL D 457 21.58 -45.25 -27.52
CA VAL D 457 21.65 -43.84 -27.92
C VAL D 457 20.49 -43.08 -27.30
N LEU D 458 20.71 -41.81 -27.00
CA LEU D 458 19.72 -41.00 -26.30
C LEU D 458 18.91 -40.14 -27.25
N LEU D 459 17.60 -40.08 -27.01
CA LEU D 459 16.66 -39.55 -28.00
C LEU D 459 16.08 -38.23 -27.55
N LEU D 460 16.71 -37.13 -27.94
CA LEU D 460 16.35 -35.81 -27.44
C LEU D 460 15.51 -35.07 -28.46
N SER D 461 14.25 -34.80 -28.10
CA SER D 461 13.26 -34.33 -29.06
C SER D 461 12.69 -32.96 -28.69
N ASP D 462 13.07 -32.46 -27.51
CA ASP D 462 12.61 -31.15 -27.06
C ASP D 462 13.67 -30.09 -27.36
N ARG D 463 13.22 -28.91 -27.76
CA ARG D 463 14.11 -27.89 -28.29
C ARG D 463 15.13 -27.42 -27.27
N ILE D 464 14.74 -27.44 -26.00
CA ILE D 464 15.61 -26.99 -24.92
C ILE D 464 16.79 -27.94 -24.72
N ASP D 465 16.64 -29.17 -25.21
CA ASP D 465 17.71 -30.16 -25.11
C ASP D 465 18.94 -29.70 -25.86
N GLU D 466 18.74 -29.26 -27.11
CA GLU D 466 19.80 -28.70 -27.93
C GLU D 466 20.50 -27.59 -27.17
N TRP D 467 19.84 -27.11 -26.12
CA TRP D 467 20.40 -26.11 -25.23
C TRP D 467 21.14 -26.83 -24.09
N MET D 468 20.40 -27.66 -23.36
CA MET D 468 20.88 -28.27 -22.12
C MET D 468 22.23 -28.93 -22.30
N MET D 469 22.38 -29.71 -23.36
CA MET D 469 23.60 -30.48 -23.58
C MET D 469 24.87 -29.63 -23.50
N ASN D 470 24.79 -28.42 -24.06
CA ASN D 470 25.98 -27.58 -24.22
C ASN D 470 26.68 -27.29 -22.90
N TYR D 471 25.91 -27.50 -21.83
CA TYR D 471 26.32 -27.24 -20.44
C TYR D 471 26.50 -28.55 -19.69
N LEU D 472 25.49 -29.41 -19.74
CA LEU D 472 25.64 -30.78 -19.24
C LEU D 472 26.66 -31.49 -20.11
N THR D 473 27.87 -31.63 -19.59
CA THR D 473 29.01 -32.05 -20.40
C THR D 473 29.37 -33.53 -20.28
N GLU D 474 29.06 -34.13 -19.14
CA GLU D 474 29.75 -35.35 -18.75
C GLU D 474 29.23 -35.91 -17.42
N PHE D 475 28.67 -37.12 -17.47
CA PHE D 475 28.07 -37.73 -16.30
C PHE D 475 28.86 -38.93 -15.79
N ASP D 476 29.27 -38.86 -14.52
CA ASP D 476 29.88 -39.99 -13.84
C ASP D 476 31.14 -40.47 -14.56
N GLY D 477 31.90 -39.52 -15.12
CA GLY D 477 33.17 -39.85 -15.73
C GLY D 477 33.08 -40.08 -17.22
N LYS D 478 31.85 -40.15 -17.74
CA LYS D 478 31.63 -40.48 -19.15
C LYS D 478 31.07 -39.27 -19.89
N PRO D 479 31.88 -38.67 -20.78
CA PRO D 479 31.49 -37.46 -21.52
C PRO D 479 30.40 -37.71 -22.56
N PHE D 480 29.67 -36.66 -22.92
CA PHE D 480 28.58 -36.77 -23.89
C PHE D 480 29.06 -36.51 -25.31
N GLN D 481 28.67 -37.39 -26.23
CA GLN D 481 28.96 -37.22 -27.66
C GLN D 481 27.68 -37.49 -28.46
N SER D 482 27.59 -36.89 -29.64
CA SER D 482 26.35 -36.92 -30.41
C SER D 482 26.49 -37.66 -31.74
N VAL D 483 25.52 -38.51 -32.03
CA VAL D 483 25.56 -39.32 -33.25
C VAL D 483 25.62 -38.45 -34.51
N SER D 484 25.05 -37.25 -34.43
CA SER D 484 24.98 -36.37 -35.59
C SER D 484 26.33 -35.75 -35.92
N LYS D 485 27.37 -36.23 -35.26
CA LYS D 485 28.71 -35.66 -35.45
C LYS D 485 29.75 -36.76 -35.51
N VAL D 486 30.04 -37.24 -36.72
CA VAL D 486 30.87 -38.42 -36.90
C VAL D 486 32.26 -38.23 -36.30
N ASP D 487 32.57 -39.01 -35.27
CA ASP D 487 33.80 -38.86 -34.53
C ASP D 487 34.86 -39.86 -35.01
N GLU D 488 36.09 -39.69 -34.55
CA GLU D 488 37.16 -40.61 -34.89
C GLU D 488 37.27 -41.73 -33.86
N SER D 489 36.28 -41.83 -33.00
CA SER D 489 36.19 -42.93 -32.05
C SER D 489 35.34 -44.06 -32.62
N LEU D 490 34.19 -43.71 -33.18
CA LEU D 490 33.33 -44.69 -33.83
C LEU D 490 33.74 -44.89 -35.28
N GLU D 491 34.68 -44.05 -35.73
CA GLU D 491 35.11 -44.07 -37.12
C GLU D 491 35.72 -45.41 -37.50
N LYS D 492 36.15 -46.17 -36.49
CA LYS D 492 36.88 -47.40 -36.72
C LYS D 492 36.13 -48.63 -36.21
N LEU D 493 34.96 -48.41 -35.63
CA LEU D 493 34.15 -49.50 -35.09
C LEU D 493 33.39 -50.20 -36.20
N PHE D 511 35.14 -41.78 -59.04
CA PHE D 511 33.89 -41.73 -58.29
C PHE D 511 33.99 -40.73 -57.15
N ILE D 512 34.70 -41.10 -56.08
CA ILE D 512 34.89 -40.21 -54.94
C ILE D 512 35.43 -38.86 -55.40
N ASP D 513 36.64 -38.88 -55.94
CA ASP D 513 37.31 -37.67 -56.41
C ASP D 513 36.50 -37.00 -57.51
N ARG D 514 35.65 -37.78 -58.17
CA ARG D 514 34.78 -37.26 -59.21
C ARG D 514 33.63 -36.49 -58.59
N VAL D 515 33.17 -36.96 -57.43
CA VAL D 515 32.14 -36.25 -56.67
C VAL D 515 32.73 -35.00 -56.03
N LYS D 516 33.93 -35.12 -55.50
CA LYS D 516 34.62 -33.98 -54.91
C LYS D 516 34.76 -32.86 -55.94
N ALA D 517 35.18 -33.22 -57.15
CA ALA D 517 35.37 -32.25 -58.22
C ALA D 517 34.03 -31.65 -58.66
N LEU D 518 33.01 -32.49 -58.76
CA LEU D 518 31.73 -32.05 -59.29
C LEU D 518 31.03 -31.06 -58.37
N LEU D 519 31.18 -31.25 -57.06
CA LEU D 519 30.47 -30.44 -56.09
C LEU D 519 31.25 -29.18 -55.73
N GLY D 520 32.55 -29.33 -55.47
CA GLY D 520 33.38 -28.19 -55.19
C GLY D 520 33.42 -27.82 -53.72
N GLU D 521 32.86 -26.66 -53.38
CA GLU D 521 32.90 -26.15 -52.03
C GLU D 521 31.60 -26.40 -51.28
N ARG D 522 30.59 -26.88 -52.01
CA ARG D 522 29.25 -27.03 -51.45
C ARG D 522 29.23 -28.01 -50.29
N VAL D 523 29.98 -29.10 -50.44
CA VAL D 523 30.28 -29.98 -49.31
C VAL D 523 31.77 -29.92 -49.01
N LYS D 524 32.11 -29.79 -47.73
CA LYS D 524 33.50 -29.57 -47.34
C LYS D 524 34.36 -30.80 -47.58
N ASP D 525 33.74 -31.98 -47.55
CA ASP D 525 34.47 -33.22 -47.75
C ASP D 525 33.55 -34.35 -48.22
N VAL D 526 34.11 -35.31 -48.94
CA VAL D 526 33.38 -36.51 -49.32
C VAL D 526 34.14 -37.75 -48.84
N ARG D 527 33.42 -38.69 -48.25
CA ARG D 527 34.03 -39.89 -47.71
C ARG D 527 33.15 -41.13 -47.85
N LEU D 528 33.73 -42.29 -47.59
CA LEU D 528 32.97 -43.50 -47.30
C LEU D 528 32.84 -43.59 -45.78
N THR D 529 31.85 -44.34 -45.31
CA THR D 529 31.75 -44.64 -43.89
C THR D 529 31.03 -45.97 -43.65
N HIS D 530 31.58 -46.77 -42.73
CA HIS D 530 30.98 -48.05 -42.38
C HIS D 530 29.81 -47.87 -41.42
N ARG D 531 29.11 -46.75 -41.56
CA ARG D 531 27.78 -46.62 -40.99
C ARG D 531 26.83 -47.47 -41.81
N LEU D 532 27.00 -48.78 -41.71
CA LEU D 532 26.47 -49.72 -42.68
C LEU D 532 25.04 -50.15 -42.35
N THR D 533 24.15 -49.97 -43.32
CA THR D 533 22.72 -50.09 -43.07
C THR D 533 21.93 -49.71 -44.32
N ASP D 534 20.61 -49.65 -44.20
CA ASP D 534 19.72 -49.47 -45.34
C ASP D 534 20.06 -48.21 -46.13
N THR D 535 20.57 -47.20 -45.42
CA THR D 535 20.66 -45.85 -45.95
C THR D 535 21.91 -45.65 -46.81
N PRO D 536 21.74 -45.17 -48.05
CA PRO D 536 22.83 -44.99 -49.01
C PRO D 536 23.77 -43.84 -48.65
N ALA D 537 23.24 -42.61 -48.69
CA ALA D 537 24.04 -41.43 -48.43
C ALA D 537 23.57 -40.71 -47.16
N ILE D 538 24.50 -40.06 -46.48
CA ILE D 538 24.21 -39.38 -45.22
C ILE D 538 25.23 -38.28 -44.95
N VAL D 539 24.75 -37.13 -44.50
CA VAL D 539 25.60 -35.95 -44.37
C VAL D 539 25.76 -35.51 -42.92
N SER D 540 26.99 -35.18 -42.53
CA SER D 540 27.29 -34.77 -41.16
C SER D 540 28.08 -33.46 -41.13
N THR D 541 28.38 -32.99 -39.92
CA THR D 541 29.39 -31.96 -39.72
C THR D 541 30.01 -32.10 -38.34
N ASP D 542 31.32 -31.90 -38.26
CA ASP D 542 32.04 -32.05 -37.00
C ASP D 542 33.05 -30.93 -36.81
N ALA D 543 34.21 -31.28 -36.25
CA ALA D 543 35.39 -30.43 -36.27
C ALA D 543 35.19 -29.12 -35.53
N ASP D 544 34.26 -29.11 -34.57
CA ASP D 544 33.98 -27.93 -33.77
C ASP D 544 33.40 -26.82 -34.64
N GLU D 545 32.53 -27.20 -35.57
CA GLU D 545 31.86 -26.24 -36.44
C GLU D 545 30.38 -26.12 -36.10
N MET D 546 29.72 -25.11 -36.67
CA MET D 546 28.32 -24.85 -36.39
C MET D 546 27.47 -26.10 -36.62
N SER D 547 27.05 -26.74 -35.54
CA SER D 547 26.25 -27.95 -35.62
C SER D 547 24.87 -27.66 -36.20
N THR D 548 24.21 -28.71 -36.69
CA THR D 548 23.05 -28.55 -37.55
C THR D 548 21.85 -27.93 -36.84
N GLN D 549 21.53 -28.44 -35.66
CA GLN D 549 20.40 -27.93 -34.89
C GLN D 549 20.70 -26.56 -34.29
N MET D 550 21.98 -26.33 -34.00
CA MET D 550 22.42 -25.01 -33.57
C MET D 550 22.02 -24.00 -34.64
N ALA D 551 22.23 -24.37 -35.90
CA ALA D 551 21.80 -23.56 -37.02
C ALA D 551 20.28 -23.37 -36.97
N LYS D 552 19.56 -24.48 -36.82
CA LYS D 552 18.10 -24.43 -36.73
C LYS D 552 17.66 -23.55 -35.56
N LEU D 553 18.48 -23.49 -34.52
CA LEU D 553 18.16 -22.66 -33.37
C LEU D 553 18.26 -21.19 -33.77
N PHE D 554 19.33 -20.83 -34.47
CA PHE D 554 19.45 -19.49 -35.02
C PHE D 554 18.27 -19.16 -35.92
N ALA D 555 17.87 -20.13 -36.73
CA ALA D 555 16.68 -19.99 -37.56
C ALA D 555 15.46 -19.69 -36.68
N ALA D 556 15.39 -20.36 -35.54
CA ALA D 556 14.17 -20.37 -34.74
C ALA D 556 14.03 -19.09 -33.94
N ALA D 557 15.17 -18.49 -33.60
CA ALA D 557 15.18 -17.13 -33.06
C ALA D 557 15.25 -16.13 -34.20
N GLY D 558 15.18 -16.63 -35.43
CA GLY D 558 14.99 -15.75 -36.58
C GLY D 558 16.17 -14.84 -36.85
N GLN D 559 17.36 -15.42 -36.92
CA GLN D 559 18.55 -14.70 -37.38
C GLN D 559 19.10 -15.43 -38.60
N LYS D 560 20.04 -14.79 -39.30
CA LYS D 560 20.54 -15.33 -40.56
C LYS D 560 21.12 -16.72 -40.34
N VAL D 561 20.46 -17.72 -40.92
CA VAL D 561 20.81 -19.12 -40.67
C VAL D 561 22.27 -19.37 -41.05
N PRO D 562 23.15 -19.49 -40.06
CA PRO D 562 24.60 -19.53 -40.29
C PRO D 562 25.02 -20.66 -41.20
N GLU D 563 26.10 -20.45 -41.95
CA GLU D 563 26.54 -21.41 -42.95
C GLU D 563 26.93 -22.73 -42.29
N VAL D 564 26.50 -23.83 -42.89
CA VAL D 564 26.82 -25.15 -42.37
C VAL D 564 27.91 -25.79 -43.23
N LYS D 565 28.94 -26.32 -42.58
CA LYS D 565 30.04 -26.97 -43.28
C LYS D 565 29.84 -28.48 -43.28
N TYR D 566 29.21 -28.98 -44.32
CA TYR D 566 28.74 -30.37 -44.34
C TYR D 566 29.75 -31.35 -44.89
N ILE D 567 29.67 -32.60 -44.41
CA ILE D 567 30.63 -33.63 -44.75
C ILE D 567 29.92 -34.82 -45.37
N PHE D 568 29.88 -34.87 -46.71
CA PHE D 568 29.13 -35.89 -47.41
C PHE D 568 29.75 -37.27 -47.19
N GLU D 569 28.93 -38.23 -46.81
CA GLU D 569 29.39 -39.59 -46.55
C GLU D 569 28.55 -40.61 -47.32
N LEU D 570 29.21 -41.65 -47.82
CA LEU D 570 28.55 -42.63 -48.68
C LEU D 570 28.79 -44.06 -48.20
N ASN D 571 27.87 -44.96 -48.57
CA ASN D 571 27.81 -46.30 -48.00
C ASN D 571 28.18 -47.37 -49.03
N PRO D 572 29.45 -47.81 -49.02
CA PRO D 572 30.03 -48.65 -50.06
C PRO D 572 29.31 -49.98 -50.27
N ASP D 573 28.38 -50.29 -49.37
CA ASP D 573 27.73 -51.61 -49.39
C ASP D 573 26.26 -51.53 -49.78
N HIS D 574 25.83 -50.41 -50.33
CA HIS D 574 24.44 -50.27 -50.74
C HIS D 574 24.25 -50.13 -52.26
N VAL D 575 23.21 -50.79 -52.76
CA VAL D 575 22.83 -50.72 -54.17
C VAL D 575 23.13 -49.36 -54.77
N LEU D 576 22.29 -48.38 -54.43
CA LEU D 576 22.29 -47.09 -55.13
C LEU D 576 23.65 -46.41 -55.05
N VAL D 577 24.39 -46.70 -53.99
CA VAL D 577 25.73 -46.15 -53.83
C VAL D 577 26.62 -46.63 -54.97
N LYS D 578 26.72 -47.95 -55.11
CA LYS D 578 27.50 -48.54 -56.19
C LYS D 578 26.92 -48.17 -57.55
N ARG D 579 25.59 -48.27 -57.66
CA ARG D 579 24.94 -48.20 -58.96
C ARG D 579 25.13 -46.84 -59.62
N ALA D 580 25.12 -45.78 -58.81
CA ALA D 580 25.47 -44.46 -59.30
C ALA D 580 26.98 -44.37 -59.47
N ALA D 581 27.71 -45.07 -58.62
CA ALA D 581 29.17 -45.03 -58.64
C ALA D 581 29.74 -45.53 -59.97
N ASP D 582 29.05 -46.45 -60.61
CA ASP D 582 29.54 -47.09 -61.82
C ASP D 582 29.26 -46.28 -63.09
N THR D 583 28.08 -45.70 -63.18
CA THR D 583 27.62 -45.08 -64.42
C THR D 583 28.60 -44.02 -64.89
N GLU D 584 28.90 -44.02 -66.19
CA GLU D 584 30.01 -43.24 -66.73
C GLU D 584 29.53 -42.07 -67.58
N ASP D 585 28.21 -41.98 -67.79
CA ASP D 585 27.63 -40.79 -68.39
C ASP D 585 27.74 -39.63 -67.41
N GLU D 586 28.21 -38.49 -67.90
CA GLU D 586 28.44 -37.33 -67.04
C GLU D 586 27.14 -36.70 -66.56
N ALA D 587 26.16 -36.62 -67.47
CA ALA D 587 24.88 -36.00 -67.15
C ALA D 587 24.07 -36.89 -66.21
N LYS D 588 24.03 -38.18 -66.52
CA LYS D 588 23.29 -39.15 -65.72
C LYS D 588 23.90 -39.26 -64.32
N PHE D 589 25.22 -39.45 -64.27
CA PHE D 589 25.93 -39.55 -63.01
C PHE D 589 25.69 -38.31 -62.15
N SER D 590 25.84 -37.13 -62.76
CA SER D 590 25.54 -35.88 -62.07
C SER D 590 24.16 -35.96 -61.43
N GLU D 591 23.17 -36.37 -62.22
CA GLU D 591 21.81 -36.52 -61.72
C GLU D 591 21.78 -37.41 -60.49
N TRP D 592 22.68 -38.39 -60.44
CA TRP D 592 22.63 -39.42 -59.41
C TRP D 592 23.25 -38.97 -58.08
N VAL D 593 24.52 -38.55 -58.14
CA VAL D 593 25.17 -38.01 -56.96
C VAL D 593 24.33 -36.87 -56.38
N GLU D 594 23.64 -36.15 -57.26
CA GLU D 594 22.79 -35.05 -56.85
C GLU D 594 21.60 -35.57 -56.06
N LEU D 595 20.95 -36.60 -56.60
CA LEU D 595 19.84 -37.25 -55.91
C LEU D 595 20.26 -37.77 -54.54
N LEU D 596 21.50 -38.27 -54.45
CA LEU D 596 22.00 -38.82 -53.20
C LEU D 596 22.19 -37.74 -52.15
N LEU D 597 22.78 -36.61 -52.55
CA LEU D 597 22.99 -35.51 -51.63
C LEU D 597 21.66 -34.95 -51.12
N ASP D 598 20.81 -34.52 -52.04
CA ASP D 598 19.51 -33.98 -51.67
C ASP D 598 18.80 -34.94 -50.71
N GLN D 599 18.92 -36.23 -51.00
CA GLN D 599 18.31 -37.26 -50.18
C GLN D 599 18.80 -37.16 -48.74
N ALA D 600 20.11 -37.03 -48.57
CA ALA D 600 20.70 -36.95 -47.24
C ALA D 600 20.33 -35.64 -46.55
N LEU D 601 20.36 -34.56 -47.31
CA LEU D 601 20.02 -33.24 -46.78
C LEU D 601 18.67 -33.26 -46.09
N LEU D 602 17.64 -33.72 -46.81
CA LEU D 602 16.28 -33.69 -46.29
C LEU D 602 16.22 -34.40 -44.94
N ALA D 603 17.07 -35.42 -44.79
CA ALA D 603 17.05 -36.26 -43.60
C ALA D 603 17.77 -35.59 -42.44
N GLU D 604 18.68 -34.67 -42.74
CA GLU D 604 19.31 -33.86 -41.71
C GLU D 604 18.55 -32.56 -41.48
N ARG D 605 18.65 -31.63 -42.44
CA ARG D 605 18.04 -30.31 -42.29
C ARG D 605 16.52 -30.40 -42.23
N GLY D 606 16.00 -31.62 -42.25
CA GLY D 606 14.67 -31.86 -41.71
C GLY D 606 13.56 -31.15 -42.47
N THR D 607 13.25 -29.93 -42.06
CA THR D 607 12.37 -29.06 -42.83
C THR D 607 13.09 -28.62 -44.09
N LEU D 608 13.13 -29.52 -45.08
CA LEU D 608 13.91 -29.29 -46.29
C LEU D 608 13.32 -28.14 -47.09
N GLU D 609 14.10 -27.09 -47.29
CA GLU D 609 13.61 -25.88 -47.94
C GLU D 609 13.47 -26.07 -49.45
N ASP D 610 13.20 -27.30 -49.87
CA ASP D 610 12.48 -27.57 -51.11
C ASP D 610 12.38 -29.07 -51.37
N PRO D 611 11.37 -29.72 -50.77
CA PRO D 611 11.11 -31.15 -51.00
C PRO D 611 10.89 -31.43 -52.48
N ASN D 612 10.30 -30.47 -53.18
CA ASN D 612 10.10 -30.58 -54.62
C ASN D 612 11.42 -30.76 -55.35
N LEU D 613 12.42 -29.97 -54.98
CA LEU D 613 13.64 -29.88 -55.77
C LEU D 613 14.32 -31.24 -55.82
N PHE D 614 14.50 -31.84 -54.64
CA PHE D 614 14.97 -33.21 -54.54
C PHE D 614 14.11 -34.14 -55.38
N ILE D 615 12.79 -34.03 -55.21
CA ILE D 615 11.85 -34.86 -55.95
C ILE D 615 12.04 -34.72 -57.46
N ARG D 616 12.20 -33.47 -57.91
CA ARG D 616 12.32 -33.18 -59.34
C ARG D 616 13.57 -33.82 -59.93
N ARG D 617 14.67 -33.76 -59.17
CA ARG D 617 15.91 -34.38 -59.61
C ARG D 617 15.70 -35.88 -59.77
N MET D 618 15.03 -36.48 -58.78
CA MET D 618 14.70 -37.90 -58.83
C MET D 618 13.72 -38.18 -59.96
N ASN D 619 12.82 -37.23 -60.21
CA ASN D 619 11.88 -37.33 -61.33
C ASN D 619 12.64 -37.58 -62.63
N GLN D 620 13.60 -36.70 -62.93
CA GLN D 620 14.36 -36.80 -64.16
C GLN D 620 15.14 -38.10 -64.19
N LEU D 621 15.70 -38.46 -63.04
CA LEU D 621 16.48 -39.69 -62.92
C LEU D 621 15.61 -40.92 -63.19
N LEU D 622 14.30 -40.73 -63.18
CA LEU D 622 13.36 -41.79 -63.51
C LEU D 622 12.80 -41.62 -64.92
N VAL D 623 12.67 -40.37 -65.35
CA VAL D 623 12.05 -40.07 -66.64
C VAL D 623 12.94 -40.46 -67.81
N SER D 624 14.17 -39.94 -67.81
CA SER D 624 15.05 -40.08 -68.96
C SER D 624 16.10 -41.16 -68.74
PB ADP E . 23.29 -10.29 -15.11
O1B ADP E . 24.69 -10.66 -14.72
O2B ADP E . 22.80 -9.05 -14.40
O3B ADP E . 23.13 -10.19 -16.61
PA ADP E . 22.88 -12.60 -13.53
O1A ADP E . 23.74 -13.61 -14.23
O2A ADP E . 21.72 -13.16 -12.77
O3A ADP E . 22.32 -11.52 -14.63
O5' ADP E . 23.80 -11.72 -12.51
C5' ADP E . 23.18 -10.91 -11.52
C4' ADP E . 23.67 -9.47 -11.59
O4' ADP E . 25.11 -9.40 -11.37
C3' ADP E . 22.99 -8.63 -10.52
O3' ADP E . 21.98 -9.38 -9.85
C2' ADP E . 24.06 -8.21 -9.56
O2' ADP E . 23.97 -8.98 -8.36
C1' ADP E . 25.39 -8.51 -10.25
N9 ADP E . 25.97 -7.25 -10.74
C8 ADP E . 25.96 -6.86 -12.06
N7 ADP E . 26.58 -5.56 -11.98
C5 ADP E . 26.91 -5.30 -10.61
C6 ADP E . 27.47 -4.18 -10.12
N6 ADP E . 27.87 -2.98 -10.85
N1 ADP E . 27.71 -4.19 -8.70
C2 ADP E . 27.34 -5.31 -7.87
N3 ADP E . 26.72 -6.48 -8.55
C4 ADP E . 26.55 -6.32 -9.97
PB ADP F . -15.79 -15.23 -21.46
O1B ADP F . -17.14 -15.12 -22.11
O2B ADP F . -15.82 -14.88 -19.99
O3B ADP F . -15.16 -16.58 -21.69
PA ADP F . -15.48 -12.93 -23.05
O1A ADP F . -15.84 -13.44 -24.42
O2A ADP F . -14.56 -11.75 -23.03
O3A ADP F . -14.83 -14.14 -22.18
O5' ADP F . -16.86 -12.56 -22.26
C5' ADP F . -16.80 -11.76 -21.08
C4' ADP F . -17.54 -12.46 -19.92
O4' ADP F . -18.93 -12.68 -20.27
C3' ADP F . -17.49 -11.59 -18.67
O3' ADP F . -16.64 -10.46 -18.88
C2' ADP F . -18.89 -11.16 -18.40
O2' ADP F . -19.07 -9.80 -18.78
C1' ADP F . -19.78 -12.04 -19.27
N9 ADP F . -20.38 -13.07 -18.39
C8 ADP F . -19.97 -14.38 -18.35
N7 ADP F . -20.82 -14.91 -17.32
C5 ADP F . -21.69 -13.88 -16.86
C6 ADP F . -22.62 -13.97 -15.89
N6 ADP F . -22.98 -15.14 -15.10
N1 ADP F . -23.33 -12.75 -15.60
C2 ADP F . -23.06 -11.52 -16.31
N3 ADP F . -22.01 -11.56 -17.38
C4 ADP F . -21.38 -12.85 -17.53
PB ADP G . -18.91 22.65 6.09
O1B ADP G . -20.39 22.84 5.85
O2B ADP G . -18.19 22.19 4.85
O3B ADP G . -18.27 23.89 6.69
PA ADP G . -20.04 20.49 7.50
O1A ADP G . -20.97 21.19 8.43
O2A ADP G . -19.52 19.17 7.99
O3A ADP G . -18.76 21.47 7.19
O5' ADP G . -20.76 20.29 6.06
C5' ADP G . -20.19 19.41 5.10
C4' ADP G . -19.99 20.11 3.75
O4' ADP G . -21.27 20.58 3.23
C3' ADP G . -19.39 19.15 2.74
O3' ADP G . -19.02 17.92 3.36
C2' ADP G . -20.45 18.94 1.69
O2' ADP G . -21.04 17.65 1.87
C1' ADP G . -21.48 20.02 1.91
N9 ADP G . -21.31 21.06 0.88
C8 ADP G . -20.73 22.28 1.12
N7 ADP G . -20.73 22.86 -0.20
C5 ADP G . -21.32 21.93 -1.10
C6 ADP G . -21.47 22.09 -2.44
N6 ADP G . -21.11 23.23 -3.25
N1 ADP G . -22.06 20.95 -3.11
C2 ADP G . -22.49 19.78 -2.41
N3 ADP G . -22.31 19.76 -0.93
C4 ADP G . -21.66 20.93 -0.41
PB ADP H . 11.04 3.87 27.90
O1B ADP H . 12.40 3.67 28.53
O2B ADP H . 10.72 2.81 26.88
O3B ADP H . 9.95 4.01 28.94
PA ADP H . 12.55 5.98 26.78
O1A ADP H . 13.04 6.68 28.01
O2A ADP H . 12.43 6.83 25.56
O3A ADP H . 11.10 5.29 27.09
O5' ADP H . 13.54 4.72 26.45
C5' ADP H . 13.47 4.08 25.18
C4' ADP H . 13.27 2.57 25.34
O4' ADP H . 14.36 1.99 26.11
C3' ADP H . 13.24 1.90 23.98
O3' ADP H . 13.23 2.87 22.93
C2' ADP H . 14.45 1.04 23.90
O2' ADP H . 15.44 1.65 23.06
C1' ADP H . 15.00 0.94 25.31
N9 ADP H . 14.65 -0.38 25.85
C8 ADP H . 13.65 -0.61 26.76
N7 ADP H . 13.69 -2.04 26.88
C5 ADP H . 14.73 -2.54 26.03
C6 ADP H . 15.06 -3.83 25.85
N6 ADP H . 14.47 -5.01 26.47
N1 ADP H . 16.14 -4.05 24.91
C2 ADP H . 16.81 -2.97 24.24
N3 ADP H . 16.37 -1.58 24.58
C4 ADP H . 15.26 -1.54 25.50
#